data_1IWL
# 
_entry.id   1IWL 
# 
_audit_conform.dict_name       mmcif_pdbx.dic 
_audit_conform.dict_version    5.383 
_audit_conform.dict_location   http://mmcif.pdb.org/dictionaries/ascii/mmcif_pdbx.dic 
# 
loop_
_database_2.database_id 
_database_2.database_code 
_database_2.pdbx_database_accession 
_database_2.pdbx_DOI 
PDB   1IWL         pdb_00001iwl 10.2210/pdb1iwl/pdb 
RCSB  RCSB005345   ?            ?                   
WWPDB D_1000005345 ?            ?                   
# 
loop_
_pdbx_audit_revision_history.ordinal 
_pdbx_audit_revision_history.data_content_type 
_pdbx_audit_revision_history.major_revision 
_pdbx_audit_revision_history.minor_revision 
_pdbx_audit_revision_history.revision_date 
1 'Structure model' 1 0 2003-07-15 
2 'Structure model' 1 1 2008-04-27 
3 'Structure model' 1 2 2011-07-13 
4 'Structure model' 1 3 2023-12-27 
# 
_pdbx_audit_revision_details.ordinal             1 
_pdbx_audit_revision_details.revision_ordinal    1 
_pdbx_audit_revision_details.data_content_type   'Structure model' 
_pdbx_audit_revision_details.provider            repository 
_pdbx_audit_revision_details.type                'Initial release' 
_pdbx_audit_revision_details.description         ? 
_pdbx_audit_revision_details.details             ? 
# 
loop_
_pdbx_audit_revision_group.ordinal 
_pdbx_audit_revision_group.revision_ordinal 
_pdbx_audit_revision_group.data_content_type 
_pdbx_audit_revision_group.group 
1 2 'Structure model' 'Version format compliance' 
2 3 'Structure model' 'Version format compliance' 
3 4 'Structure model' 'Data collection'           
4 4 'Structure model' 'Database references'       
5 4 'Structure model' 'Derived calculations'      
# 
loop_
_pdbx_audit_revision_category.ordinal 
_pdbx_audit_revision_category.revision_ordinal 
_pdbx_audit_revision_category.data_content_type 
_pdbx_audit_revision_category.category 
1 4 'Structure model' chem_comp_atom         
2 4 'Structure model' chem_comp_bond         
3 4 'Structure model' database_2             
4 4 'Structure model' pdbx_struct_conn_angle 
5 4 'Structure model' struct_conn            
6 4 'Structure model' struct_site            
# 
loop_
_pdbx_audit_revision_item.ordinal 
_pdbx_audit_revision_item.revision_ordinal 
_pdbx_audit_revision_item.data_content_type 
_pdbx_audit_revision_item.item 
1  4 'Structure model' '_database_2.pdbx_DOI'                        
2  4 'Structure model' '_database_2.pdbx_database_accession'         
3  4 'Structure model' '_pdbx_struct_conn_angle.ptnr1_auth_comp_id'  
4  4 'Structure model' '_pdbx_struct_conn_angle.ptnr1_auth_seq_id'   
5  4 'Structure model' '_pdbx_struct_conn_angle.ptnr1_label_asym_id' 
6  4 'Structure model' '_pdbx_struct_conn_angle.ptnr1_label_atom_id' 
7  4 'Structure model' '_pdbx_struct_conn_angle.ptnr1_label_comp_id' 
8  4 'Structure model' '_pdbx_struct_conn_angle.ptnr1_label_seq_id'  
9  4 'Structure model' '_pdbx_struct_conn_angle.ptnr1_symmetry'      
10 4 'Structure model' '_pdbx_struct_conn_angle.ptnr2_auth_comp_id'  
11 4 'Structure model' '_pdbx_struct_conn_angle.ptnr2_auth_seq_id'   
12 4 'Structure model' '_pdbx_struct_conn_angle.ptnr2_label_asym_id' 
13 4 'Structure model' '_pdbx_struct_conn_angle.ptnr2_label_atom_id' 
14 4 'Structure model' '_pdbx_struct_conn_angle.ptnr2_label_comp_id' 
15 4 'Structure model' '_pdbx_struct_conn_angle.ptnr3_auth_comp_id'  
16 4 'Structure model' '_pdbx_struct_conn_angle.ptnr3_auth_seq_id'   
17 4 'Structure model' '_pdbx_struct_conn_angle.ptnr3_label_asym_id' 
18 4 'Structure model' '_pdbx_struct_conn_angle.ptnr3_label_atom_id' 
19 4 'Structure model' '_pdbx_struct_conn_angle.ptnr3_label_comp_id' 
20 4 'Structure model' '_pdbx_struct_conn_angle.ptnr3_label_seq_id'  
21 4 'Structure model' '_pdbx_struct_conn_angle.ptnr3_symmetry'      
22 4 'Structure model' '_pdbx_struct_conn_angle.value'               
23 4 'Structure model' '_struct_conn.pdbx_dist_value'                
24 4 'Structure model' '_struct_conn.ptnr1_auth_comp_id'             
25 4 'Structure model' '_struct_conn.ptnr1_auth_seq_id'              
26 4 'Structure model' '_struct_conn.ptnr1_label_asym_id'            
27 4 'Structure model' '_struct_conn.ptnr1_label_atom_id'            
28 4 'Structure model' '_struct_conn.ptnr1_label_comp_id'            
29 4 'Structure model' '_struct_conn.ptnr1_label_seq_id'             
30 4 'Structure model' '_struct_conn.ptnr1_symmetry'                 
31 4 'Structure model' '_struct_conn.ptnr2_auth_comp_id'             
32 4 'Structure model' '_struct_conn.ptnr2_auth_seq_id'              
33 4 'Structure model' '_struct_conn.ptnr2_label_asym_id'            
34 4 'Structure model' '_struct_conn.ptnr2_label_atom_id'            
35 4 'Structure model' '_struct_conn.ptnr2_label_comp_id'            
36 4 'Structure model' '_struct_conn.ptnr2_label_seq_id'             
37 4 'Structure model' '_struct_conn.ptnr2_symmetry'                 
38 4 'Structure model' '_struct_site.pdbx_auth_asym_id'              
39 4 'Structure model' '_struct_site.pdbx_auth_comp_id'              
40 4 'Structure model' '_struct_site.pdbx_auth_seq_id'               
# 
_pdbx_database_status.status_code                     REL 
_pdbx_database_status.entry_id                        1IWL 
_pdbx_database_status.recvd_initial_deposition_date   2002-05-17 
_pdbx_database_status.deposit_site                    PDBJ 
_pdbx_database_status.process_site                    PDBJ 
_pdbx_database_status.status_code_sf                  REL 
_pdbx_database_status.SG_entry                        . 
_pdbx_database_status.pdb_format_compatible           Y 
_pdbx_database_status.status_code_mr                  ? 
_pdbx_database_status.status_code_cs                  ? 
_pdbx_database_status.status_code_nmr_data            ? 
_pdbx_database_status.methods_development_category    ? 
# 
loop_
_pdbx_database_related.db_name 
_pdbx_database_related.db_id 
_pdbx_database_related.details 
_pdbx_database_related.content_type 
PDB 1IWM '1IWM contains Crystal Structure of the Outer Membrane Lipoprotein Receptor, LolB'                          unspecified 
PDB 1IWN '1IWN contains Crystal Structure of the Outer Membrane Lipoprotein Receptor LolB complexed with PEGMME2000' unspecified 
# 
loop_
_audit_author.name 
_audit_author.pdbx_ordinal 
'Takeda, K.'    1 
'Miyatake, H.'  2 
'Yokota, N.'    3 
'Matsuyama, S.' 4 
'Tokuda, H.'    5 
'Miki, K.'      6 
# 
_citation.id                        primary 
_citation.title                     'Crystal structures of bacterial lipoprotein localization factors, LolA and LolB' 
_citation.journal_abbrev            'Embo J.' 
_citation.journal_volume            22 
_citation.page_first                3199 
_citation.page_last                 3209 
_citation.year                      2003 
_citation.journal_id_ASTM           EMJODG 
_citation.country                   UK 
_citation.journal_id_ISSN           0261-4189 
_citation.journal_id_CSD            0897 
_citation.book_publisher            ? 
_citation.pdbx_database_id_PubMed   12839983 
_citation.pdbx_database_id_DOI      10.1093/emboj/cdg324 
# 
loop_
_citation_author.citation_id 
_citation_author.name 
_citation_author.ordinal 
_citation_author.identifier_ORCID 
primary 'Takeda, K.'    1 ? 
primary 'Miyatake, H.'  2 ? 
primary 'Yokota, N.'    3 ? 
primary 'Matsuyama, S.' 4 ? 
primary 'Tokuda, H.'    5 ? 
primary 'Miki, K.'      6 ? 
# 
loop_
_entity.id 
_entity.type 
_entity.src_method 
_entity.pdbx_description 
_entity.formula_weight 
_entity.pdbx_number_of_molecules 
_entity.pdbx_ec 
_entity.pdbx_mutation 
_entity.pdbx_fragment 
_entity.details 
1 polymer     man 'Outer-membrane lipoproteins carrier protein' 20343.291 1   ? ? ? ? 
2 non-polymer syn 'ZINC ION'                                    65.409    3   ? ? ? ? 
3 non-polymer syn 'MAGNESIUM ION'                               24.305    2   ? ? ? ? 
4 water       nat water                                         18.015    150 ? ? ? ? 
# 
_entity_name_com.entity_id   1 
_entity_name_com.name        P20 
# 
_entity_poly.entity_id                      1 
_entity_poly.type                           'polypeptide(L)' 
_entity_poly.nstd_linkage                   no 
_entity_poly.nstd_monomer                   no 
_entity_poly.pdbx_seq_one_letter_code       
;DAASDLKSRLDKVSSFHASFTQKVTDGSGAAVQEGQGDLWVKRPNLFNWHMTQPDESILVSDGKTLWFYNPFVEQATATW
LKDATGNTPFMLIARNQSSDWQQYNIKQNGDDFVLTPKASNGNLKQFTINVGRDGTIHQFSAVEQDDQRSSYQLKSQQNG
AVDAAKFTFTPPQGVTVDDQRK
;
_entity_poly.pdbx_seq_one_letter_code_can   
;DAASDLKSRLDKVSSFHASFTQKVTDGSGAAVQEGQGDLWVKRPNLFNWHMTQPDESILVSDGKTLWFYNPFVEQATATW
LKDATGNTPFMLIARNQSSDWQQYNIKQNGDDFVLTPKASNGNLKQFTINVGRDGTIHQFSAVEQDDQRSSYQLKSQQNG
AVDAAKFTFTPPQGVTVDDQRK
;
_entity_poly.pdbx_strand_id                 A 
_entity_poly.pdbx_target_identifier         ? 
# 
loop_
_pdbx_entity_nonpoly.entity_id 
_pdbx_entity_nonpoly.name 
_pdbx_entity_nonpoly.comp_id 
2 'ZINC ION'      ZN  
3 'MAGNESIUM ION' MG  
4 water           HOH 
# 
loop_
_entity_poly_seq.entity_id 
_entity_poly_seq.num 
_entity_poly_seq.mon_id 
_entity_poly_seq.hetero 
1 1   ASP n 
1 2   ALA n 
1 3   ALA n 
1 4   SER n 
1 5   ASP n 
1 6   LEU n 
1 7   LYS n 
1 8   SER n 
1 9   ARG n 
1 10  LEU n 
1 11  ASP n 
1 12  LYS n 
1 13  VAL n 
1 14  SER n 
1 15  SER n 
1 16  PHE n 
1 17  HIS n 
1 18  ALA n 
1 19  SER n 
1 20  PHE n 
1 21  THR n 
1 22  GLN n 
1 23  LYS n 
1 24  VAL n 
1 25  THR n 
1 26  ASP n 
1 27  GLY n 
1 28  SER n 
1 29  GLY n 
1 30  ALA n 
1 31  ALA n 
1 32  VAL n 
1 33  GLN n 
1 34  GLU n 
1 35  GLY n 
1 36  GLN n 
1 37  GLY n 
1 38  ASP n 
1 39  LEU n 
1 40  TRP n 
1 41  VAL n 
1 42  LYS n 
1 43  ARG n 
1 44  PRO n 
1 45  ASN n 
1 46  LEU n 
1 47  PHE n 
1 48  ASN n 
1 49  TRP n 
1 50  HIS n 
1 51  MET n 
1 52  THR n 
1 53  GLN n 
1 54  PRO n 
1 55  ASP n 
1 56  GLU n 
1 57  SER n 
1 58  ILE n 
1 59  LEU n 
1 60  VAL n 
1 61  SER n 
1 62  ASP n 
1 63  GLY n 
1 64  LYS n 
1 65  THR n 
1 66  LEU n 
1 67  TRP n 
1 68  PHE n 
1 69  TYR n 
1 70  ASN n 
1 71  PRO n 
1 72  PHE n 
1 73  VAL n 
1 74  GLU n 
1 75  GLN n 
1 76  ALA n 
1 77  THR n 
1 78  ALA n 
1 79  THR n 
1 80  TRP n 
1 81  LEU n 
1 82  LYS n 
1 83  ASP n 
1 84  ALA n 
1 85  THR n 
1 86  GLY n 
1 87  ASN n 
1 88  THR n 
1 89  PRO n 
1 90  PHE n 
1 91  MET n 
1 92  LEU n 
1 93  ILE n 
1 94  ALA n 
1 95  ARG n 
1 96  ASN n 
1 97  GLN n 
1 98  SER n 
1 99  SER n 
1 100 ASP n 
1 101 TRP n 
1 102 GLN n 
1 103 GLN n 
1 104 TYR n 
1 105 ASN n 
1 106 ILE n 
1 107 LYS n 
1 108 GLN n 
1 109 ASN n 
1 110 GLY n 
1 111 ASP n 
1 112 ASP n 
1 113 PHE n 
1 114 VAL n 
1 115 LEU n 
1 116 THR n 
1 117 PRO n 
1 118 LYS n 
1 119 ALA n 
1 120 SER n 
1 121 ASN n 
1 122 GLY n 
1 123 ASN n 
1 124 LEU n 
1 125 LYS n 
1 126 GLN n 
1 127 PHE n 
1 128 THR n 
1 129 ILE n 
1 130 ASN n 
1 131 VAL n 
1 132 GLY n 
1 133 ARG n 
1 134 ASP n 
1 135 GLY n 
1 136 THR n 
1 137 ILE n 
1 138 HIS n 
1 139 GLN n 
1 140 PHE n 
1 141 SER n 
1 142 ALA n 
1 143 VAL n 
1 144 GLU n 
1 145 GLN n 
1 146 ASP n 
1 147 ASP n 
1 148 GLN n 
1 149 ARG n 
1 150 SER n 
1 151 SER n 
1 152 TYR n 
1 153 GLN n 
1 154 LEU n 
1 155 LYS n 
1 156 SER n 
1 157 GLN n 
1 158 GLN n 
1 159 ASN n 
1 160 GLY n 
1 161 ALA n 
1 162 VAL n 
1 163 ASP n 
1 164 ALA n 
1 165 ALA n 
1 166 LYS n 
1 167 PHE n 
1 168 THR n 
1 169 PHE n 
1 170 THR n 
1 171 PRO n 
1 172 PRO n 
1 173 GLN n 
1 174 GLY n 
1 175 VAL n 
1 176 THR n 
1 177 VAL n 
1 178 ASP n 
1 179 ASP n 
1 180 GLN n 
1 181 ARG n 
1 182 LYS n 
# 
_entity_src_gen.entity_id                          1 
_entity_src_gen.pdbx_src_id                        1 
_entity_src_gen.pdbx_alt_source_flag               sample 
_entity_src_gen.pdbx_seq_type                      ? 
_entity_src_gen.pdbx_beg_seq_num                   ? 
_entity_src_gen.pdbx_end_seq_num                   ? 
_entity_src_gen.gene_src_common_name               ? 
_entity_src_gen.gene_src_genus                     Escherichia 
_entity_src_gen.pdbx_gene_src_gene                 ? 
_entity_src_gen.gene_src_species                   ? 
_entity_src_gen.gene_src_strain                    ? 
_entity_src_gen.gene_src_tissue                    ? 
_entity_src_gen.gene_src_tissue_fraction           ? 
_entity_src_gen.gene_src_details                   ? 
_entity_src_gen.pdbx_gene_src_fragment             ? 
_entity_src_gen.pdbx_gene_src_scientific_name      'Escherichia coli' 
_entity_src_gen.pdbx_gene_src_ncbi_taxonomy_id     562 
_entity_src_gen.pdbx_gene_src_variant              ? 
_entity_src_gen.pdbx_gene_src_cell_line            ? 
_entity_src_gen.pdbx_gene_src_atcc                 ? 
_entity_src_gen.pdbx_gene_src_organ                ? 
_entity_src_gen.pdbx_gene_src_organelle            ? 
_entity_src_gen.pdbx_gene_src_cell                 ? 
_entity_src_gen.pdbx_gene_src_cellular_location    ? 
_entity_src_gen.host_org_common_name               ? 
_entity_src_gen.pdbx_host_org_scientific_name      'Escherichia coli' 
_entity_src_gen.pdbx_host_org_ncbi_taxonomy_id     562 
_entity_src_gen.host_org_genus                     Escherichia 
_entity_src_gen.pdbx_host_org_gene                 ? 
_entity_src_gen.pdbx_host_org_organ                ? 
_entity_src_gen.host_org_species                   ? 
_entity_src_gen.pdbx_host_org_tissue               ? 
_entity_src_gen.pdbx_host_org_tissue_fraction      ? 
_entity_src_gen.pdbx_host_org_strain               ? 
_entity_src_gen.pdbx_host_org_variant              ? 
_entity_src_gen.pdbx_host_org_cell_line            ? 
_entity_src_gen.pdbx_host_org_atcc                 ? 
_entity_src_gen.pdbx_host_org_culture_collection   ? 
_entity_src_gen.pdbx_host_org_cell                 ? 
_entity_src_gen.pdbx_host_org_organelle            ? 
_entity_src_gen.pdbx_host_org_cellular_location    ? 
_entity_src_gen.pdbx_host_org_vector_type          PLASMID 
_entity_src_gen.pdbx_host_org_vector               ? 
_entity_src_gen.host_org_details                   ? 
_entity_src_gen.expression_system_id               ? 
_entity_src_gen.plasmid_name                       pYKT102 
_entity_src_gen.plasmid_details                    ? 
_entity_src_gen.pdbx_description                   ? 
# 
loop_
_chem_comp.id 
_chem_comp.type 
_chem_comp.mon_nstd_flag 
_chem_comp.name 
_chem_comp.pdbx_synonyms 
_chem_comp.formula 
_chem_comp.formula_weight 
ALA 'L-peptide linking' y ALANINE         ? 'C3 H7 N O2'     89.093  
ARG 'L-peptide linking' y ARGININE        ? 'C6 H15 N4 O2 1' 175.209 
ASN 'L-peptide linking' y ASPARAGINE      ? 'C4 H8 N2 O3'    132.118 
ASP 'L-peptide linking' y 'ASPARTIC ACID' ? 'C4 H7 N O4'     133.103 
GLN 'L-peptide linking' y GLUTAMINE       ? 'C5 H10 N2 O3'   146.144 
GLU 'L-peptide linking' y 'GLUTAMIC ACID' ? 'C5 H9 N O4'     147.129 
GLY 'peptide linking'   y GLYCINE         ? 'C2 H5 N O2'     75.067  
HIS 'L-peptide linking' y HISTIDINE       ? 'C6 H10 N3 O2 1' 156.162 
HOH non-polymer         . WATER           ? 'H2 O'           18.015  
ILE 'L-peptide linking' y ISOLEUCINE      ? 'C6 H13 N O2'    131.173 
LEU 'L-peptide linking' y LEUCINE         ? 'C6 H13 N O2'    131.173 
LYS 'L-peptide linking' y LYSINE          ? 'C6 H15 N2 O2 1' 147.195 
MET 'L-peptide linking' y METHIONINE      ? 'C5 H11 N O2 S'  149.211 
MG  non-polymer         . 'MAGNESIUM ION' ? 'Mg 2'           24.305  
PHE 'L-peptide linking' y PHENYLALANINE   ? 'C9 H11 N O2'    165.189 
PRO 'L-peptide linking' y PROLINE         ? 'C5 H9 N O2'     115.130 
SER 'L-peptide linking' y SERINE          ? 'C3 H7 N O3'     105.093 
THR 'L-peptide linking' y THREONINE       ? 'C4 H9 N O3'     119.119 
TRP 'L-peptide linking' y TRYPTOPHAN      ? 'C11 H12 N2 O2'  204.225 
TYR 'L-peptide linking' y TYROSINE        ? 'C9 H11 N O3'    181.189 
VAL 'L-peptide linking' y VALINE          ? 'C5 H11 N O2'    117.146 
ZN  non-polymer         . 'ZINC ION'      ? 'Zn 2'           65.409  
# 
loop_
_pdbx_poly_seq_scheme.asym_id 
_pdbx_poly_seq_scheme.entity_id 
_pdbx_poly_seq_scheme.seq_id 
_pdbx_poly_seq_scheme.mon_id 
_pdbx_poly_seq_scheme.ndb_seq_num 
_pdbx_poly_seq_scheme.pdb_seq_num 
_pdbx_poly_seq_scheme.auth_seq_num 
_pdbx_poly_seq_scheme.pdb_mon_id 
_pdbx_poly_seq_scheme.auth_mon_id 
_pdbx_poly_seq_scheme.pdb_strand_id 
_pdbx_poly_seq_scheme.pdb_ins_code 
_pdbx_poly_seq_scheme.hetero 
A 1 1   ASP 1   1   1   ASP ASP A . n 
A 1 2   ALA 2   2   2   ALA ALA A . n 
A 1 3   ALA 3   3   3   ALA ALA A . n 
A 1 4   SER 4   4   4   SER SER A . n 
A 1 5   ASP 5   5   5   ASP ASP A . n 
A 1 6   LEU 6   6   6   LEU LEU A . n 
A 1 7   LYS 7   7   7   LYS LYS A . n 
A 1 8   SER 8   8   8   SER SER A . n 
A 1 9   ARG 9   9   9   ARG ARG A . n 
A 1 10  LEU 10  10  10  LEU LEU A . n 
A 1 11  ASP 11  11  11  ASP ASP A . n 
A 1 12  LYS 12  12  12  LYS LYS A . n 
A 1 13  VAL 13  13  13  VAL VAL A . n 
A 1 14  SER 14  14  14  SER SER A . n 
A 1 15  SER 15  15  15  SER SER A . n 
A 1 16  PHE 16  16  16  PHE PHE A . n 
A 1 17  HIS 17  17  17  HIS HIS A . n 
A 1 18  ALA 18  18  18  ALA ALA A . n 
A 1 19  SER 19  19  19  SER SER A . n 
A 1 20  PHE 20  20  20  PHE PHE A . n 
A 1 21  THR 21  21  21  THR THR A . n 
A 1 22  GLN 22  22  22  GLN GLN A . n 
A 1 23  LYS 23  23  23  LYS LYS A . n 
A 1 24  VAL 24  24  24  VAL VAL A . n 
A 1 25  THR 25  25  25  THR THR A . n 
A 1 26  ASP 26  26  26  ASP ASP A . n 
A 1 27  GLY 27  27  ?   ?   ?   A . n 
A 1 28  SER 28  28  ?   ?   ?   A . n 
A 1 29  GLY 29  29  ?   ?   ?   A . n 
A 1 30  ALA 30  30  ?   ?   ?   A . n 
A 1 31  ALA 31  31  ?   ?   ?   A . n 
A 1 32  VAL 32  32  32  VAL VAL A . n 
A 1 33  GLN 33  33  33  GLN GLN A . n 
A 1 34  GLU 34  34  34  GLU GLU A . n 
A 1 35  GLY 35  35  35  GLY GLY A . n 
A 1 36  GLN 36  36  36  GLN GLN A . n 
A 1 37  GLY 37  37  37  GLY GLY A . n 
A 1 38  ASP 38  38  38  ASP ASP A . n 
A 1 39  LEU 39  39  39  LEU LEU A . n 
A 1 40  TRP 40  40  40  TRP TRP A . n 
A 1 41  VAL 41  41  41  VAL VAL A . n 
A 1 42  LYS 42  42  42  LYS LYS A . n 
A 1 43  ARG 43  43  43  ARG ARG A . n 
A 1 44  PRO 44  44  44  PRO PRO A . n 
A 1 45  ASN 45  45  45  ASN ASN A . n 
A 1 46  LEU 46  46  46  LEU LEU A . n 
A 1 47  PHE 47  47  47  PHE PHE A . n 
A 1 48  ASN 48  48  48  ASN ASN A . n 
A 1 49  TRP 49  49  49  TRP TRP A . n 
A 1 50  HIS 50  50  50  HIS HIS A . n 
A 1 51  MET 51  51  51  MET MET A . n 
A 1 52  THR 52  52  52  THR THR A . n 
A 1 53  GLN 53  53  53  GLN GLN A . n 
A 1 54  PRO 54  54  54  PRO PRO A . n 
A 1 55  ASP 55  55  55  ASP ASP A . n 
A 1 56  GLU 56  56  56  GLU GLU A . n 
A 1 57  SER 57  57  57  SER SER A . n 
A 1 58  ILE 58  58  58  ILE ILE A . n 
A 1 59  LEU 59  59  59  LEU LEU A . n 
A 1 60  VAL 60  60  60  VAL VAL A . n 
A 1 61  SER 61  61  61  SER SER A . n 
A 1 62  ASP 62  62  62  ASP ASP A . n 
A 1 63  GLY 63  63  63  GLY GLY A . n 
A 1 64  LYS 64  64  64  LYS LYS A . n 
A 1 65  THR 65  65  65  THR THR A . n 
A 1 66  LEU 66  66  66  LEU LEU A . n 
A 1 67  TRP 67  67  67  TRP TRP A . n 
A 1 68  PHE 68  68  68  PHE PHE A . n 
A 1 69  TYR 69  69  69  TYR TYR A . n 
A 1 70  ASN 70  70  70  ASN ASN A . n 
A 1 71  PRO 71  71  71  PRO PRO A . n 
A 1 72  PHE 72  72  72  PHE PHE A . n 
A 1 73  VAL 73  73  73  VAL VAL A . n 
A 1 74  GLU 74  74  74  GLU GLU A . n 
A 1 75  GLN 75  75  75  GLN GLN A . n 
A 1 76  ALA 76  76  76  ALA ALA A . n 
A 1 77  THR 77  77  77  THR THR A . n 
A 1 78  ALA 78  78  78  ALA ALA A . n 
A 1 79  THR 79  79  79  THR THR A . n 
A 1 80  TRP 80  80  80  TRP TRP A . n 
A 1 81  LEU 81  81  81  LEU LEU A . n 
A 1 82  LYS 82  82  82  LYS LYS A . n 
A 1 83  ASP 83  83  83  ASP ASP A . n 
A 1 84  ALA 84  84  84  ALA ALA A . n 
A 1 85  THR 85  85  85  THR THR A . n 
A 1 86  GLY 86  86  86  GLY GLY A . n 
A 1 87  ASN 87  87  87  ASN ASN A . n 
A 1 88  THR 88  88  88  THR THR A . n 
A 1 89  PRO 89  89  89  PRO PRO A . n 
A 1 90  PHE 90  90  90  PHE PHE A . n 
A 1 91  MET 91  91  91  MET MET A . n 
A 1 92  LEU 92  92  92  LEU LEU A . n 
A 1 93  ILE 93  93  93  ILE ILE A . n 
A 1 94  ALA 94  94  94  ALA ALA A . n 
A 1 95  ARG 95  95  95  ARG ARG A . n 
A 1 96  ASN 96  96  96  ASN ASN A . n 
A 1 97  GLN 97  97  97  GLN GLN A . n 
A 1 98  SER 98  98  98  SER SER A . n 
A 1 99  SER 99  99  99  SER SER A . n 
A 1 100 ASP 100 100 100 ASP ASP A . n 
A 1 101 TRP 101 101 101 TRP TRP A . n 
A 1 102 GLN 102 102 102 GLN GLN A . n 
A 1 103 GLN 103 103 103 GLN GLN A . n 
A 1 104 TYR 104 104 104 TYR TYR A . n 
A 1 105 ASN 105 105 105 ASN ASN A . n 
A 1 106 ILE 106 106 106 ILE ILE A . n 
A 1 107 LYS 107 107 107 LYS LYS A . n 
A 1 108 GLN 108 108 108 GLN GLN A . n 
A 1 109 ASN 109 109 109 ASN ASN A . n 
A 1 110 GLY 110 110 110 GLY GLY A . n 
A 1 111 ASP 111 111 111 ASP ASP A . n 
A 1 112 ASP 112 112 112 ASP ASP A . n 
A 1 113 PHE 113 113 113 PHE PHE A . n 
A 1 114 VAL 114 114 114 VAL VAL A . n 
A 1 115 LEU 115 115 115 LEU LEU A . n 
A 1 116 THR 116 116 116 THR THR A . n 
A 1 117 PRO 117 117 117 PRO PRO A . n 
A 1 118 LYS 118 118 118 LYS LYS A . n 
A 1 119 ALA 119 119 119 ALA ALA A . n 
A 1 120 SER 120 120 120 SER SER A . n 
A 1 121 ASN 121 121 121 ASN ASN A . n 
A 1 122 GLY 122 122 122 GLY GLY A . n 
A 1 123 ASN 123 123 123 ASN ASN A . n 
A 1 124 LEU 124 124 124 LEU LEU A . n 
A 1 125 LYS 125 125 125 LYS LYS A . n 
A 1 126 GLN 126 126 126 GLN GLN A . n 
A 1 127 PHE 127 127 127 PHE PHE A . n 
A 1 128 THR 128 128 128 THR THR A . n 
A 1 129 ILE 129 129 129 ILE ILE A . n 
A 1 130 ASN 130 130 130 ASN ASN A . n 
A 1 131 VAL 131 131 131 VAL VAL A . n 
A 1 132 GLY 132 132 132 GLY GLY A . n 
A 1 133 ARG 133 133 133 ARG ARG A . n 
A 1 134 ASP 134 134 134 ASP ASP A . n 
A 1 135 GLY 135 135 135 GLY GLY A . n 
A 1 136 THR 136 136 136 THR THR A . n 
A 1 137 ILE 137 137 137 ILE ILE A . n 
A 1 138 HIS 138 138 138 HIS HIS A . n 
A 1 139 GLN 139 139 139 GLN GLN A . n 
A 1 140 PHE 140 140 140 PHE PHE A . n 
A 1 141 SER 141 141 141 SER SER A . n 
A 1 142 ALA 142 142 142 ALA ALA A . n 
A 1 143 VAL 143 143 143 VAL VAL A . n 
A 1 144 GLU 144 144 144 GLU GLU A . n 
A 1 145 GLN 145 145 145 GLN ALA A . n 
A 1 146 ASP 146 146 146 ASP ASP A . n 
A 1 147 ASP 147 147 147 ASP ASP A . n 
A 1 148 GLN 148 148 148 GLN GLN A . n 
A 1 149 ARG 149 149 149 ARG ARG A . n 
A 1 150 SER 150 150 150 SER SER A . n 
A 1 151 SER 151 151 151 SER SER A . n 
A 1 152 TYR 152 152 152 TYR TYR A . n 
A 1 153 GLN 153 153 153 GLN GLN A . n 
A 1 154 LEU 154 154 154 LEU LEU A . n 
A 1 155 LYS 155 155 155 LYS LYS A . n 
A 1 156 SER 156 156 156 SER SER A . n 
A 1 157 GLN 157 157 157 GLN GLN A . n 
A 1 158 GLN 158 158 158 GLN GLN A . n 
A 1 159 ASN 159 159 159 ASN ASN A . n 
A 1 160 GLY 160 160 160 GLY GLY A . n 
A 1 161 ALA 161 161 161 ALA ALA A . n 
A 1 162 VAL 162 162 162 VAL VAL A . n 
A 1 163 ASP 163 163 163 ASP ASP A . n 
A 1 164 ALA 164 164 164 ALA ALA A . n 
A 1 165 ALA 165 165 165 ALA ALA A . n 
A 1 166 LYS 166 166 166 LYS LYS A . n 
A 1 167 PHE 167 167 167 PHE PHE A . n 
A 1 168 THR 168 168 168 THR THR A . n 
A 1 169 PHE 169 169 169 PHE PHE A . n 
A 1 170 THR 170 170 170 THR THR A . n 
A 1 171 PRO 171 171 171 PRO PRO A . n 
A 1 172 PRO 172 172 172 PRO PRO A . n 
A 1 173 GLN 173 173 173 GLN GLN A . n 
A 1 174 GLY 174 174 174 GLY GLY A . n 
A 1 175 VAL 175 175 175 VAL VAL A . n 
A 1 176 THR 176 176 176 THR THR A . n 
A 1 177 VAL 177 177 177 VAL VAL A . n 
A 1 178 ASP 178 178 178 ASP ASP A . n 
A 1 179 ASP 179 179 179 ASP ASP A . n 
A 1 180 GLN 180 180 180 GLN GLN A . n 
A 1 181 ARG 181 181 181 ARG ARG A . n 
A 1 182 LYS 182 182 182 LYS LYS A . n 
# 
loop_
_pdbx_nonpoly_scheme.asym_id 
_pdbx_nonpoly_scheme.entity_id 
_pdbx_nonpoly_scheme.mon_id 
_pdbx_nonpoly_scheme.ndb_seq_num 
_pdbx_nonpoly_scheme.pdb_seq_num 
_pdbx_nonpoly_scheme.auth_seq_num 
_pdbx_nonpoly_scheme.pdb_mon_id 
_pdbx_nonpoly_scheme.auth_mon_id 
_pdbx_nonpoly_scheme.pdb_strand_id 
_pdbx_nonpoly_scheme.pdb_ins_code 
B 2 ZN  1   191 191 ZN  ZN2 A . 
C 2 ZN  1   192 192 ZN  ZN2 A . 
D 2 ZN  1   193 193 ZN  ZN2 A . 
E 3 MG  1   194 194 MG  MG2 A . 
F 3 MG  1   195 195 MG  MG2 A . 
G 4 HOH 1   201 201 HOH HOH A . 
G 4 HOH 2   202 202 HOH HOH A . 
G 4 HOH 3   203 203 HOH HOH A . 
G 4 HOH 4   204 204 HOH HOH A . 
G 4 HOH 5   205 205 HOH HOH A . 
G 4 HOH 6   206 206 HOH HOH A . 
G 4 HOH 7   207 207 HOH HOH A . 
G 4 HOH 8   208 208 HOH HOH A . 
G 4 HOH 9   209 209 HOH HOH A . 
G 4 HOH 10  210 210 HOH HOH A . 
G 4 HOH 11  211 211 HOH HOH A . 
G 4 HOH 12  212 212 HOH HOH A . 
G 4 HOH 13  213 213 HOH HOH A . 
G 4 HOH 14  215 215 HOH HOH A . 
G 4 HOH 15  216 216 HOH HOH A . 
G 4 HOH 16  217 217 HOH HOH A . 
G 4 HOH 17  218 218 HOH HOH A . 
G 4 HOH 18  219 219 HOH HOH A . 
G 4 HOH 19  220 220 HOH HOH A . 
G 4 HOH 20  221 221 HOH HOH A . 
G 4 HOH 21  222 222 HOH HOH A . 
G 4 HOH 22  223 223 HOH HOH A . 
G 4 HOH 23  224 224 HOH HOH A . 
G 4 HOH 24  225 225 HOH HOH A . 
G 4 HOH 25  226 226 HOH HOH A . 
G 4 HOH 26  227 227 HOH HOH A . 
G 4 HOH 27  228 228 HOH HOH A . 
G 4 HOH 28  229 229 HOH HOH A . 
G 4 HOH 29  230 230 HOH HOH A . 
G 4 HOH 30  231 231 HOH HOH A . 
G 4 HOH 31  232 232 HOH HOH A . 
G 4 HOH 32  233 233 HOH HOH A . 
G 4 HOH 33  234 234 HOH HOH A . 
G 4 HOH 34  235 235 HOH HOH A . 
G 4 HOH 35  236 236 HOH HOH A . 
G 4 HOH 36  237 237 HOH HOH A . 
G 4 HOH 37  238 238 HOH HOH A . 
G 4 HOH 38  239 239 HOH HOH A . 
G 4 HOH 39  240 240 HOH HOH A . 
G 4 HOH 40  241 241 HOH HOH A . 
G 4 HOH 41  242 242 HOH HOH A . 
G 4 HOH 42  243 243 HOH HOH A . 
G 4 HOH 43  244 244 HOH HOH A . 
G 4 HOH 44  245 245 HOH HOH A . 
G 4 HOH 45  246 246 HOH HOH A . 
G 4 HOH 46  248 248 HOH HOH A . 
G 4 HOH 47  249 249 HOH HOH A . 
G 4 HOH 48  250 250 HOH HOH A . 
G 4 HOH 49  251 251 HOH HOH A . 
G 4 HOH 50  252 252 HOH HOH A . 
G 4 HOH 51  253 253 HOH HOH A . 
G 4 HOH 52  254 254 HOH HOH A . 
G 4 HOH 53  256 256 HOH HOH A . 
G 4 HOH 54  257 257 HOH HOH A . 
G 4 HOH 55  258 258 HOH HOH A . 
G 4 HOH 56  259 259 HOH HOH A . 
G 4 HOH 57  260 260 HOH HOH A . 
G 4 HOH 58  261 261 HOH HOH A . 
G 4 HOH 59  262 262 HOH HOH A . 
G 4 HOH 60  264 264 HOH HOH A . 
G 4 HOH 61  265 265 HOH HOH A . 
G 4 HOH 62  266 266 HOH HOH A . 
G 4 HOH 63  267 267 HOH HOH A . 
G 4 HOH 64  268 268 HOH HOH A . 
G 4 HOH 65  269 269 HOH HOH A . 
G 4 HOH 66  270 270 HOH HOH A . 
G 4 HOH 67  271 271 HOH HOH A . 
G 4 HOH 68  272 272 HOH HOH A . 
G 4 HOH 69  273 273 HOH HOH A . 
G 4 HOH 70  274 274 HOH HOH A . 
G 4 HOH 71  275 275 HOH HOH A . 
G 4 HOH 72  276 276 HOH HOH A . 
G 4 HOH 73  277 277 HOH HOH A . 
G 4 HOH 74  278 278 HOH HOH A . 
G 4 HOH 75  279 279 HOH HOH A . 
G 4 HOH 76  280 280 HOH HOH A . 
G 4 HOH 77  281 281 HOH HOH A . 
G 4 HOH 78  282 282 HOH HOH A . 
G 4 HOH 79  283 283 HOH HOH A . 
G 4 HOH 80  284 284 HOH HOH A . 
G 4 HOH 81  285 285 HOH HOH A . 
G 4 HOH 82  286 286 HOH HOH A . 
G 4 HOH 83  287 287 HOH HOH A . 
G 4 HOH 84  288 288 HOH HOH A . 
G 4 HOH 85  289 289 HOH HOH A . 
G 4 HOH 86  290 290 HOH HOH A . 
G 4 HOH 87  291 291 HOH HOH A . 
G 4 HOH 88  292 292 HOH HOH A . 
G 4 HOH 89  293 293 HOH HOH A . 
G 4 HOH 90  294 294 HOH HOH A . 
G 4 HOH 91  295 295 HOH HOH A . 
G 4 HOH 92  297 297 HOH HOH A . 
G 4 HOH 93  298 298 HOH HOH A . 
G 4 HOH 94  299 299 HOH HOH A . 
G 4 HOH 95  300 300 HOH HOH A . 
G 4 HOH 96  301 301 HOH HOH A . 
G 4 HOH 97  302 302 HOH HOH A . 
G 4 HOH 98  303 303 HOH HOH A . 
G 4 HOH 99  304 304 HOH HOH A . 
G 4 HOH 100 305 305 HOH HOH A . 
G 4 HOH 101 306 306 HOH HOH A . 
G 4 HOH 102 307 307 HOH HOH A . 
G 4 HOH 103 308 308 HOH HOH A . 
G 4 HOH 104 309 309 HOH HOH A . 
G 4 HOH 105 310 310 HOH HOH A . 
G 4 HOH 106 311 311 HOH HOH A . 
G 4 HOH 107 312 312 HOH HOH A . 
G 4 HOH 108 313 313 HOH HOH A . 
G 4 HOH 109 315 315 HOH HOH A . 
G 4 HOH 110 316 316 HOH HOH A . 
G 4 HOH 111 317 317 HOH HOH A . 
G 4 HOH 112 318 318 HOH HOH A . 
G 4 HOH 113 319 319 HOH HOH A . 
G 4 HOH 114 320 320 HOH HOH A . 
G 4 HOH 115 322 322 HOH HOH A . 
G 4 HOH 116 323 323 HOH HOH A . 
G 4 HOH 117 324 324 HOH HOH A . 
G 4 HOH 118 326 326 HOH HOH A . 
G 4 HOH 119 327 327 HOH HOH A . 
G 4 HOH 120 328 328 HOH HOH A . 
G 4 HOH 121 329 329 HOH HOH A . 
G 4 HOH 122 330 330 HOH HOH A . 
G 4 HOH 123 331 331 HOH HOH A . 
G 4 HOH 124 333 333 HOH HOH A . 
G 4 HOH 125 334 334 HOH HOH A . 
G 4 HOH 126 335 335 HOH HOH A . 
G 4 HOH 127 336 336 HOH HOH A . 
G 4 HOH 128 337 337 HOH HOH A . 
G 4 HOH 129 338 338 HOH HOH A . 
G 4 HOH 130 339 339 HOH HOH A . 
G 4 HOH 131 340 340 HOH HOH A . 
G 4 HOH 132 341 341 HOH HOH A . 
G 4 HOH 133 342 342 HOH HOH A . 
G 4 HOH 134 344 344 HOH HOH A . 
G 4 HOH 135 345 345 HOH HOH A . 
G 4 HOH 136 346 346 HOH HOH A . 
G 4 HOH 137 347 347 HOH HOH A . 
G 4 HOH 138 348 348 HOH HOH A . 
G 4 HOH 139 349 349 HOH HOH A . 
G 4 HOH 140 350 350 HOH HOH A . 
G 4 HOH 141 351 351 HOH HOH A . 
G 4 HOH 142 352 352 HOH HOH A . 
G 4 HOH 143 353 353 HOH HOH A . 
G 4 HOH 144 354 354 HOH HOH A . 
G 4 HOH 145 355 355 HOH HOH A . 
G 4 HOH 146 356 356 HOH HOH A . 
G 4 HOH 147 357 357 HOH HOH A . 
G 4 HOH 148 358 358 HOH HOH A . 
G 4 HOH 149 359 359 HOH HOH A . 
G 4 HOH 150 360 360 HOH HOH A . 
# 
loop_
_pdbx_unobs_or_zero_occ_atoms.id 
_pdbx_unobs_or_zero_occ_atoms.PDB_model_num 
_pdbx_unobs_or_zero_occ_atoms.polymer_flag 
_pdbx_unobs_or_zero_occ_atoms.occupancy_flag 
_pdbx_unobs_or_zero_occ_atoms.auth_asym_id 
_pdbx_unobs_or_zero_occ_atoms.auth_comp_id 
_pdbx_unobs_or_zero_occ_atoms.auth_seq_id 
_pdbx_unobs_or_zero_occ_atoms.PDB_ins_code 
_pdbx_unobs_or_zero_occ_atoms.auth_atom_id 
_pdbx_unobs_or_zero_occ_atoms.label_alt_id 
_pdbx_unobs_or_zero_occ_atoms.label_asym_id 
_pdbx_unobs_or_zero_occ_atoms.label_comp_id 
_pdbx_unobs_or_zero_occ_atoms.label_seq_id 
_pdbx_unobs_or_zero_occ_atoms.label_atom_id 
1 1 Y 1 A GLN 145 ? CG  ? A GLN 145 CG  
2 1 Y 1 A GLN 145 ? CD  ? A GLN 145 CD  
3 1 Y 1 A GLN 145 ? OE1 ? A GLN 145 OE1 
4 1 Y 1 A GLN 145 ? NE2 ? A GLN 145 NE2 
# 
loop_
_software.name 
_software.classification 
_software.version 
_software.citation_id 
_software.pdbx_ordinal 
DENZO     'data reduction' .   ? 1 
SCALEPACK 'data scaling'   .   ? 2 
SOLVE     phasing          .   ? 3 
CNS       refinement       1.0 ? 4 
# 
_cell.entry_id           1IWL 
_cell.length_a           55.76 
_cell.length_b           75.37 
_cell.length_c           99.50 
_cell.angle_alpha        90.00 
_cell.angle_beta         90.00 
_cell.angle_gamma        90.00 
_cell.Z_PDB              8 
_cell.pdbx_unique_axis   ? 
# 
_symmetry.entry_id                         1IWL 
_symmetry.space_group_name_H-M             'I 2 2 2' 
_symmetry.pdbx_full_space_group_name_H-M   ? 
_symmetry.cell_setting                     ? 
_symmetry.Int_Tables_number                23 
# 
_exptl.entry_id          1IWL 
_exptl.method            'X-RAY DIFFRACTION' 
_exptl.crystals_number   1 
# 
_exptl_crystal.id                    1 
_exptl_crystal.density_meas          ? 
_exptl_crystal.density_percent_sol   48.07 
_exptl_crystal.density_Matthews      2.39 
_exptl_crystal.description           ? 
# 
_exptl_crystal_grow.crystal_id      1 
_exptl_crystal_grow.method          'VAPOR DIFFUSION, SITTING DROP' 
_exptl_crystal_grow.temp            277 
_exptl_crystal_grow.temp_details    ? 
_exptl_crystal_grow.pH              6.5 
_exptl_crystal_grow.pdbx_details    
'PEG8000, sodium cacodilate, zinc acetate, glycerol, pH 6.5, VAPOR DIFFUSION, SITTING DROP, temperature 277K' 
_exptl_crystal_grow.pdbx_pH_range   . 
# 
_diffrn.id                     1 
_diffrn.ambient_temp           90 
_diffrn.ambient_temp_details   ? 
_diffrn.crystal_id             1 
# 
_diffrn_detector.diffrn_id              1 
_diffrn_detector.detector               CCD 
_diffrn_detector.type                   MARRESEARCH 
_diffrn_detector.pdbx_collection_date   2001-05-16 
_diffrn_detector.details                ? 
# 
_diffrn_radiation.diffrn_id                        1 
_diffrn_radiation.wavelength_id                    1 
_diffrn_radiation.pdbx_monochromatic_or_laue_m_l   M 
_diffrn_radiation.monochromator                    'Si 111' 
_diffrn_radiation.pdbx_diffrn_protocol             'SINGLE WAVELENGTH' 
_diffrn_radiation.pdbx_scattering_type             x-ray 
# 
_diffrn_radiation_wavelength.id           1 
_diffrn_radiation_wavelength.wavelength   1.00 
_diffrn_radiation_wavelength.wt           1.0 
# 
_diffrn_source.diffrn_id                   1 
_diffrn_source.source                      SYNCHROTRON 
_diffrn_source.type                        'SPRING-8 BEAMLINE BL44B2' 
_diffrn_source.pdbx_synchrotron_site       SPring-8 
_diffrn_source.pdbx_synchrotron_beamline   BL44B2 
_diffrn_source.pdbx_wavelength             ? 
_diffrn_source.pdbx_wavelength_list        1.00 
# 
_reflns.entry_id                     1IWL 
_reflns.observed_criterion_sigma_F   0 
_reflns.observed_criterion_sigma_I   0 
_reflns.d_resolution_high            1.65 
_reflns.d_resolution_low             40 
_reflns.number_all                   ? 
_reflns.number_obs                   23909 
_reflns.percent_possible_obs         93.2 
_reflns.pdbx_Rmerge_I_obs            ? 
_reflns.pdbx_Rsym_value              0.043 
_reflns.pdbx_netI_over_sigmaI        ? 
_reflns.B_iso_Wilson_estimate        20.1 
_reflns.pdbx_redundancy              15.2 
_reflns.R_free_details               ? 
_reflns.limit_h_max                  ? 
_reflns.limit_h_min                  ? 
_reflns.limit_k_max                  ? 
_reflns.limit_k_min                  ? 
_reflns.limit_l_max                  ? 
_reflns.limit_l_min                  ? 
_reflns.observed_criterion_F_max     ? 
_reflns.observed_criterion_F_min     ? 
_reflns.pdbx_diffrn_id               1 
_reflns.pdbx_ordinal                 1 
# 
_reflns_shell.d_res_high             1.65 
_reflns_shell.d_res_low              1.71 
_reflns_shell.percent_possible_all   51.6 
_reflns_shell.Rmerge_I_obs           ? 
_reflns_shell.pdbx_Rsym_value        0.236 
_reflns_shell.meanI_over_sigI_obs    ? 
_reflns_shell.pdbx_redundancy        ? 
_reflns_shell.percent_possible_obs   ? 
_reflns_shell.number_unique_all      1326 
_reflns_shell.pdbx_diffrn_id         ? 
_reflns_shell.pdbx_ordinal           1 
# 
_refine.entry_id                                 1IWL 
_refine.ls_d_res_high                            1.65 
_refine.ls_d_res_low                             40 
_refine.pdbx_ls_sigma_F                          0 
_refine.pdbx_ls_sigma_I                          ? 
_refine.ls_number_reflns_all                     ? 
_refine.ls_number_reflns_obs                     23887 
_refine.ls_number_reflns_R_free                  1219 
_refine.ls_percent_reflns_obs                    93.0 
_refine.ls_R_factor_all                          ? 
_refine.ls_R_factor_obs                          ? 
_refine.ls_R_factor_R_work                       0.222 
_refine.ls_R_factor_R_free                       0.249 
_refine.ls_redundancy_reflns_obs                 ? 
_refine.pdbx_data_cutoff_high_absF               ? 
_refine.pdbx_data_cutoff_low_absF                ? 
_refine.ls_number_parameters                     ? 
_refine.ls_number_restraints                     ? 
_refine.ls_percent_reflns_R_free                 ? 
_refine.ls_R_factor_R_free_error                 ? 
_refine.ls_R_factor_R_free_error_details         ? 
_refine.pdbx_method_to_determine_struct          MAD 
_refine.pdbx_starting_model                      ? 
_refine.pdbx_ls_cross_valid_method               THROUGHOUT 
_refine.pdbx_R_Free_selection_details            RANDOM 
_refine.pdbx_stereochem_target_val_spec_case     ? 
_refine.pdbx_stereochemistry_target_values       'Engh & Huber' 
_refine.solvent_model_details                    ? 
_refine.solvent_model_param_bsol                 ? 
_refine.solvent_model_param_ksol                 ? 
_refine.occupancy_max                            ? 
_refine.occupancy_min                            ? 
_refine.pdbx_isotropic_thermal_model             Isotropic 
_refine.B_iso_mean                               25.5 
_refine.aniso_B[1][1]                            1.14 
_refine.aniso_B[1][2]                            0 
_refine.aniso_B[1][3]                            0 
_refine.aniso_B[2][2]                            -0.28 
_refine.aniso_B[2][3]                            0 
_refine.aniso_B[3][3]                            -0.86 
_refine.details                                  ? 
_refine.B_iso_min                                ? 
_refine.B_iso_max                                ? 
_refine.correlation_coeff_Fo_to_Fc               ? 
_refine.correlation_coeff_Fo_to_Fc_free          ? 
_refine.pdbx_solvent_vdw_probe_radii             ? 
_refine.pdbx_solvent_ion_probe_radii             ? 
_refine.pdbx_solvent_shrinkage_radii             ? 
_refine.overall_SU_R_Cruickshank_DPI             ? 
_refine.overall_SU_R_free                        ? 
_refine.overall_SU_B                             ? 
_refine.overall_SU_ML                            ? 
_refine.pdbx_overall_ESU_R                       ? 
_refine.pdbx_overall_ESU_R_Free                  ? 
_refine.pdbx_data_cutoff_high_rms_absF           ? 
_refine.pdbx_refine_id                           'X-RAY DIFFRACTION' 
_refine.pdbx_diffrn_id                           1 
_refine.pdbx_TLS_residual_ADP_flag               ? 
_refine.pdbx_overall_phase_error                 ? 
_refine.pdbx_overall_SU_R_free_Cruickshank_DPI   ? 
_refine.pdbx_overall_SU_R_Blow_DPI               ? 
_refine.pdbx_overall_SU_R_free_Blow_DPI          ? 
# 
_refine_analyze.entry_id                        1IWL 
_refine_analyze.Luzzati_coordinate_error_obs    0.21 
_refine_analyze.Luzzati_sigma_a_obs             0.21 
_refine_analyze.Luzzati_d_res_low_obs           5.00 
_refine_analyze.Luzzati_coordinate_error_free   0.25 
_refine_analyze.Luzzati_sigma_a_free            0.23 
_refine_analyze.Luzzati_d_res_low_free          ? 
_refine_analyze.number_disordered_residues      ? 
_refine_analyze.occupancy_sum_non_hydrogen      ? 
_refine_analyze.occupancy_sum_hydrogen          ? 
_refine_analyze.pdbx_Luzzati_d_res_high_obs     ? 
_refine_analyze.pdbx_refine_id                  'X-RAY DIFFRACTION' 
# 
_refine_hist.pdbx_refine_id                   'X-RAY DIFFRACTION' 
_refine_hist.cycle_id                         LAST 
_refine_hist.pdbx_number_atoms_protein        1409 
_refine_hist.pdbx_number_atoms_nucleic_acid   0 
_refine_hist.pdbx_number_atoms_ligand         5 
_refine_hist.number_atoms_solvent             150 
_refine_hist.number_atoms_total               1564 
_refine_hist.d_res_high                       1.65 
_refine_hist.d_res_low                        40 
# 
loop_
_refine_ls_restr.type 
_refine_ls_restr.dev_ideal 
_refine_ls_restr.dev_ideal_target 
_refine_ls_restr.weight 
_refine_ls_restr.number 
_refine_ls_restr.pdbx_refine_id 
_refine_ls_restr.pdbx_restraint_function 
c_bond_d    0.006 ? ? ? 'X-RAY DIFFRACTION' ? 
c_angle_deg 1.3   ? ? ? 'X-RAY DIFFRACTION' ? 
# 
_refine_ls_shell.pdbx_total_number_of_bins_used   ? 
_refine_ls_shell.d_res_high                       1.65 
_refine_ls_shell.d_res_low                        1.75 
_refine_ls_shell.number_reflns_R_work             ? 
_refine_ls_shell.R_factor_R_work                  0.307 
_refine_ls_shell.percent_reflns_obs               62.3 
_refine_ls_shell.R_factor_R_free                  0.34 
_refine_ls_shell.R_factor_R_free_error            0.030 
_refine_ls_shell.percent_reflns_R_free            ? 
_refine_ls_shell.number_reflns_R_free             125 
_refine_ls_shell.number_reflns_obs                2642 
_refine_ls_shell.redundancy_reflns_obs            ? 
_refine_ls_shell.number_reflns_all                ? 
_refine_ls_shell.pdbx_refine_id                   'X-RAY DIFFRACTION' 
_refine_ls_shell.R_factor_all                     ? 
# 
_struct.entry_id                  1IWL 
_struct.title                     'Crystal Structure of the Lipoprotein Localization Factor, LolA' 
_struct.pdbx_model_details        ? 
_struct.pdbx_CASP_flag            ? 
_struct.pdbx_model_type_details   ? 
# 
_struct_keywords.entry_id        1IWL 
_struct_keywords.pdbx_keywords   'PROTEIN TRANSPORT' 
_struct_keywords.text            'UNCLOSED BETA BARREL, PROTEIN TRANSPORT' 
# 
loop_
_struct_asym.id 
_struct_asym.pdbx_blank_PDB_chainid_flag 
_struct_asym.pdbx_modified 
_struct_asym.entity_id 
_struct_asym.details 
A N N 1 ? 
B N N 2 ? 
C N N 2 ? 
D N N 2 ? 
E N N 3 ? 
F N N 3 ? 
G N N 4 ? 
# 
_struct_ref.id                         1 
_struct_ref.db_name                    UNP 
_struct_ref.db_code                    LOLA_ECOLI 
_struct_ref.entity_id                  1 
_struct_ref.pdbx_seq_one_letter_code   
;DAASDLKSRLDKVSSFHASFTQKVTDGSGAAVQEGQGDLWVKRPNLFNWHMTQPDESILVSDGKTLWFYNPFVEQATATW
LKDATGNTPFMLIARNQSSDWQQYNIKQNGDDFVLTPKASNGNLKQFTINVGRDGTIHQFSAVEQDDQRSSYQLKSQQNG
AVDAAKFTFTPPQGVTVDDQRK
;
_struct_ref.pdbx_align_begin           22 
_struct_ref.pdbx_db_accession          P61316 
_struct_ref.pdbx_db_isoform            ? 
# 
_struct_ref_seq.align_id                      1 
_struct_ref_seq.ref_id                        1 
_struct_ref_seq.pdbx_PDB_id_code              1IWL 
_struct_ref_seq.pdbx_strand_id                A 
_struct_ref_seq.seq_align_beg                 1 
_struct_ref_seq.pdbx_seq_align_beg_ins_code   ? 
_struct_ref_seq.seq_align_end                 182 
_struct_ref_seq.pdbx_seq_align_end_ins_code   ? 
_struct_ref_seq.pdbx_db_accession             P61316 
_struct_ref_seq.db_align_beg                  22 
_struct_ref_seq.pdbx_db_align_beg_ins_code    ? 
_struct_ref_seq.db_align_end                  203 
_struct_ref_seq.pdbx_db_align_end_ins_code    ? 
_struct_ref_seq.pdbx_auth_seq_align_beg       1 
_struct_ref_seq.pdbx_auth_seq_align_end       182 
# 
_pdbx_struct_assembly.id                   1 
_pdbx_struct_assembly.details              author_defined_assembly 
_pdbx_struct_assembly.method_details       ? 
_pdbx_struct_assembly.oligomeric_details   monomeric 
_pdbx_struct_assembly.oligomeric_count     1 
# 
_pdbx_struct_assembly_gen.assembly_id       1 
_pdbx_struct_assembly_gen.oper_expression   1 
_pdbx_struct_assembly_gen.asym_id_list      A,B,C,D,E,F,G 
# 
_pdbx_struct_oper_list.id                   1 
_pdbx_struct_oper_list.type                 'identity operation' 
_pdbx_struct_oper_list.name                 1_555 
_pdbx_struct_oper_list.symmetry_operation   x,y,z 
_pdbx_struct_oper_list.matrix[1][1]         1.0000000000 
_pdbx_struct_oper_list.matrix[1][2]         0.0000000000 
_pdbx_struct_oper_list.matrix[1][3]         0.0000000000 
_pdbx_struct_oper_list.vector[1]            0.0000000000 
_pdbx_struct_oper_list.matrix[2][1]         0.0000000000 
_pdbx_struct_oper_list.matrix[2][2]         1.0000000000 
_pdbx_struct_oper_list.matrix[2][3]         0.0000000000 
_pdbx_struct_oper_list.vector[2]            0.0000000000 
_pdbx_struct_oper_list.matrix[3][1]         0.0000000000 
_pdbx_struct_oper_list.matrix[3][2]         0.0000000000 
_pdbx_struct_oper_list.matrix[3][3]         1.0000000000 
_pdbx_struct_oper_list.vector[3]            0.0000000000 
# 
_struct_biol.id                    1 
_struct_biol.pdbx_parent_biol_id   ? 
_struct_biol.details               ? 
# 
loop_
_struct_conf.conf_type_id 
_struct_conf.id 
_struct_conf.pdbx_PDB_helix_id 
_struct_conf.beg_label_comp_id 
_struct_conf.beg_label_asym_id 
_struct_conf.beg_label_seq_id 
_struct_conf.pdbx_beg_PDB_ins_code 
_struct_conf.end_label_comp_id 
_struct_conf.end_label_asym_id 
_struct_conf.end_label_seq_id 
_struct_conf.pdbx_end_PDB_ins_code 
_struct_conf.beg_auth_comp_id 
_struct_conf.beg_auth_asym_id 
_struct_conf.beg_auth_seq_id 
_struct_conf.end_auth_comp_id 
_struct_conf.end_auth_asym_id 
_struct_conf.end_auth_seq_id 
_struct_conf.pdbx_PDB_helix_class 
_struct_conf.details 
_struct_conf.pdbx_PDB_helix_length 
HELX_P HELX_P1 1 ASP A 1   ? LEU A 10  ? ASP A 1   LEU A 10  1 ? 10 
HELX_P HELX_P2 2 PRO A 71  ? VAL A 73  ? PRO A 71  VAL A 73  5 ? 3  
HELX_P HELX_P3 3 LYS A 82  ? ALA A 84  ? LYS A 82  ALA A 84  5 ? 3  
HELX_P HELX_P4 4 THR A 88  ? ASN A 96  ? THR A 88  ASN A 96  1 ? 9  
HELX_P HELX_P5 5 GLN A 97  ? GLN A 102 ? GLN A 97  GLN A 102 1 ? 6  
HELX_P HELX_P6 6 ASP A 163 ? THR A 168 ? ASP A 163 THR A 168 5 ? 6  
# 
_struct_conf_type.id          HELX_P 
_struct_conf_type.criteria    ? 
_struct_conf_type.reference   ? 
# 
loop_
_struct_conn.id 
_struct_conn.conn_type_id 
_struct_conn.pdbx_leaving_atom_flag 
_struct_conn.pdbx_PDB_id 
_struct_conn.ptnr1_label_asym_id 
_struct_conn.ptnr1_label_comp_id 
_struct_conn.ptnr1_label_seq_id 
_struct_conn.ptnr1_label_atom_id 
_struct_conn.pdbx_ptnr1_label_alt_id 
_struct_conn.pdbx_ptnr1_PDB_ins_code 
_struct_conn.pdbx_ptnr1_standard_comp_id 
_struct_conn.ptnr1_symmetry 
_struct_conn.ptnr2_label_asym_id 
_struct_conn.ptnr2_label_comp_id 
_struct_conn.ptnr2_label_seq_id 
_struct_conn.ptnr2_label_atom_id 
_struct_conn.pdbx_ptnr2_label_alt_id 
_struct_conn.pdbx_ptnr2_PDB_ins_code 
_struct_conn.ptnr1_auth_asym_id 
_struct_conn.ptnr1_auth_comp_id 
_struct_conn.ptnr1_auth_seq_id 
_struct_conn.ptnr2_auth_asym_id 
_struct_conn.ptnr2_auth_comp_id 
_struct_conn.ptnr2_auth_seq_id 
_struct_conn.ptnr2_symmetry 
_struct_conn.pdbx_ptnr3_label_atom_id 
_struct_conn.pdbx_ptnr3_label_seq_id 
_struct_conn.pdbx_ptnr3_label_comp_id 
_struct_conn.pdbx_ptnr3_label_asym_id 
_struct_conn.pdbx_ptnr3_label_alt_id 
_struct_conn.pdbx_ptnr3_PDB_ins_code 
_struct_conn.details 
_struct_conn.pdbx_dist_value 
_struct_conn.pdbx_value_order 
_struct_conn.pdbx_role 
metalc1  metalc ? ? A HIS 17  ND1 ? ? ? 1_555 C ZN  . ZN ? ? A HIS 17  A ZN  192 1_555 ? ? ? ? ? ? ? 1.708 ? ? 
metalc2  metalc ? ? A HIS 17  CE1 ? ? ? 1_555 F MG  . MG ? ? A HIS 17  A MG  195 1_555 ? ? ? ? ? ? ? 2.023 ? ? 
metalc3  metalc ? ? A HIS 17  NE2 ? ? ? 1_555 F MG  . MG ? ? A HIS 17  A MG  195 1_555 ? ? ? ? ? ? ? 2.137 ? ? 
metalc4  metalc ? ? A ASP 38  OD2 ? ? ? 1_555 F MG  . MG ? ? A ASP 38  A MG  195 1_555 ? ? ? ? ? ? ? 1.955 ? ? 
metalc5  metalc ? ? A HIS 50  NE2 ? ? ? 1_555 B ZN  . ZN ? ? A HIS 50  A ZN  191 1_555 ? ? ? ? ? ? ? 1.971 ? ? 
metalc6  metalc ? ? A GLU 56  OE2 ? ? ? 1_555 B ZN  . ZN ? ? A GLU 56  A ZN  191 1_555 ? ? ? ? ? ? ? 1.577 ? ? 
metalc7  metalc ? ? A GLU 56  OE1 ? ? ? 3_656 B ZN  . ZN ? ? A GLU 56  A ZN  191 1_555 ? ? ? ? ? ? ? 2.395 ? ? 
metalc8  metalc ? ? A GLU 56  OE2 ? ? ? 3_656 B ZN  . ZN ? ? A GLU 56  A ZN  191 1_555 ? ? ? ? ? ? ? 2.086 ? ? 
metalc9  metalc ? ? A GLU 74  OE1 ? ? ? 3_656 C ZN  . ZN ? ? A GLU 74  A ZN  192 1_555 ? ? ? ? ? ? ? 2.245 ? ? 
metalc10 metalc ? ? A HIS 138 NE2 ? ? ? 1_555 D ZN  . ZN ? ? A HIS 138 A ZN  193 1_555 ? ? ? ? ? ? ? 1.948 ? ? 
metalc11 metalc ? ? A HIS 138 ND1 ? ? ? 1_555 E MG  . MG ? ? A HIS 138 A MG  194 1_555 ? ? ? ? ? ? ? 1.910 ? ? 
metalc12 metalc ? ? B ZN  .   ZN  ? ? ? 1_555 G HOH . O  ? ? A ZN  191 A HOH 353 1_555 ? ? ? ? ? ? ? 2.402 ? ? 
metalc13 metalc ? ? B ZN  .   ZN  ? ? ? 1_555 G HOH . O  ? ? A ZN  191 A HOH 354 1_555 ? ? ? ? ? ? ? 2.280 ? ? 
metalc14 metalc ? ? C ZN  .   ZN  ? ? ? 1_555 G HOH . O  ? ? A ZN  192 A HOH 268 1_555 ? ? ? ? ? ? ? 2.732 ? ? 
metalc15 metalc ? ? C ZN  .   ZN  ? ? ? 1_555 G HOH . O  ? ? A ZN  192 A HOH 355 1_555 ? ? ? ? ? ? ? 2.103 ? ? 
metalc16 metalc ? ? D ZN  .   ZN  ? ? ? 1_555 G HOH . O  ? ? A ZN  193 A HOH 358 1_555 ? ? ? ? ? ? ? 2.081 ? ? 
metalc17 metalc ? ? D ZN  .   ZN  ? ? ? 1_555 G HOH . O  ? ? A ZN  193 A HOH 359 1_555 ? ? ? ? ? ? ? 2.029 ? ? 
metalc18 metalc ? ? D ZN  .   ZN  ? ? ? 1_555 G HOH . O  ? ? A ZN  193 A HOH 360 1_555 ? ? ? ? ? ? ? 2.584 ? ? 
metalc19 metalc ? ? E MG  .   MG  ? ? ? 1_555 G HOH . O  ? ? A MG  194 A HOH 327 1_555 ? ? ? ? ? ? ? 2.034 ? ? 
metalc20 metalc ? ? F MG  .   MG  ? ? ? 1_555 G HOH . O  ? ? A MG  195 A HOH 357 1_555 ? ? ? ? ? ? ? 2.325 ? ? 
# 
_struct_conn_type.id          metalc 
_struct_conn_type.criteria    ? 
_struct_conn_type.reference   ? 
# 
loop_
_pdbx_struct_conn_angle.id 
_pdbx_struct_conn_angle.ptnr1_label_atom_id 
_pdbx_struct_conn_angle.ptnr1_label_alt_id 
_pdbx_struct_conn_angle.ptnr1_label_asym_id 
_pdbx_struct_conn_angle.ptnr1_label_comp_id 
_pdbx_struct_conn_angle.ptnr1_label_seq_id 
_pdbx_struct_conn_angle.ptnr1_auth_atom_id 
_pdbx_struct_conn_angle.ptnr1_auth_asym_id 
_pdbx_struct_conn_angle.ptnr1_auth_comp_id 
_pdbx_struct_conn_angle.ptnr1_auth_seq_id 
_pdbx_struct_conn_angle.ptnr1_PDB_ins_code 
_pdbx_struct_conn_angle.ptnr1_symmetry 
_pdbx_struct_conn_angle.ptnr2_label_atom_id 
_pdbx_struct_conn_angle.ptnr2_label_alt_id 
_pdbx_struct_conn_angle.ptnr2_label_asym_id 
_pdbx_struct_conn_angle.ptnr2_label_comp_id 
_pdbx_struct_conn_angle.ptnr2_label_seq_id 
_pdbx_struct_conn_angle.ptnr2_auth_atom_id 
_pdbx_struct_conn_angle.ptnr2_auth_asym_id 
_pdbx_struct_conn_angle.ptnr2_auth_comp_id 
_pdbx_struct_conn_angle.ptnr2_auth_seq_id 
_pdbx_struct_conn_angle.ptnr2_PDB_ins_code 
_pdbx_struct_conn_angle.ptnr2_symmetry 
_pdbx_struct_conn_angle.ptnr3_label_atom_id 
_pdbx_struct_conn_angle.ptnr3_label_alt_id 
_pdbx_struct_conn_angle.ptnr3_label_asym_id 
_pdbx_struct_conn_angle.ptnr3_label_comp_id 
_pdbx_struct_conn_angle.ptnr3_label_seq_id 
_pdbx_struct_conn_angle.ptnr3_auth_atom_id 
_pdbx_struct_conn_angle.ptnr3_auth_asym_id 
_pdbx_struct_conn_angle.ptnr3_auth_comp_id 
_pdbx_struct_conn_angle.ptnr3_auth_seq_id 
_pdbx_struct_conn_angle.ptnr3_PDB_ins_code 
_pdbx_struct_conn_angle.ptnr3_symmetry 
_pdbx_struct_conn_angle.value 
_pdbx_struct_conn_angle.value_esd 
1  ND1 ? A HIS 17  ? A HIS 17  ? 1_555 ZN ? C ZN . ? A ZN 192 ? 1_555 OE1 ? A GLU 74 ? A GLU 74  ? 3_656 118.9 ? 
2  ND1 ? A HIS 17  ? A HIS 17  ? 1_555 ZN ? C ZN . ? A ZN 192 ? 1_555 O   ? G HOH .  ? A HOH 268 ? 1_555 81.4  ? 
3  OE1 ? A GLU 74  ? A GLU 74  ? 3_656 ZN ? C ZN . ? A ZN 192 ? 1_555 O   ? G HOH .  ? A HOH 268 ? 1_555 101.0 ? 
4  ND1 ? A HIS 17  ? A HIS 17  ? 1_555 ZN ? C ZN . ? A ZN 192 ? 1_555 O   ? G HOH .  ? A HOH 355 ? 1_555 97.1  ? 
5  OE1 ? A GLU 74  ? A GLU 74  ? 3_656 ZN ? C ZN . ? A ZN 192 ? 1_555 O   ? G HOH .  ? A HOH 355 ? 1_555 140.2 ? 
6  O   ? G HOH .   ? A HOH 268 ? 1_555 ZN ? C ZN . ? A ZN 192 ? 1_555 O   ? G HOH .  ? A HOH 355 ? 1_555 66.3  ? 
7  CE1 ? A HIS 17  ? A HIS 17  ? 1_555 MG ? F MG . ? A MG 195 ? 1_555 NE2 ? A HIS 17 ? A HIS 17  ? 1_555 36.7  ? 
8  CE1 ? A HIS 17  ? A HIS 17  ? 1_555 MG ? F MG . ? A MG 195 ? 1_555 OD2 ? A ASP 38 ? A ASP 38  ? 1_555 111.5 ? 
9  NE2 ? A HIS 17  ? A HIS 17  ? 1_555 MG ? F MG . ? A MG 195 ? 1_555 OD2 ? A ASP 38 ? A ASP 38  ? 1_555 76.4  ? 
10 CE1 ? A HIS 17  ? A HIS 17  ? 1_555 MG ? F MG . ? A MG 195 ? 1_555 O   ? G HOH .  ? A HOH 357 ? 1_555 71.5  ? 
11 NE2 ? A HIS 17  ? A HIS 17  ? 1_555 MG ? F MG . ? A MG 195 ? 1_555 O   ? G HOH .  ? A HOH 357 ? 1_555 102.6 ? 
12 OD2 ? A ASP 38  ? A ASP 38  ? 1_555 MG ? F MG . ? A MG 195 ? 1_555 O   ? G HOH .  ? A HOH 357 ? 1_555 164.7 ? 
13 NE2 ? A HIS 50  ? A HIS 50  ? 1_555 ZN ? B ZN . ? A ZN 191 ? 1_555 OE2 ? A GLU 56 ? A GLU 56  ? 1_555 99.3  ? 
14 NE2 ? A HIS 50  ? A HIS 50  ? 1_555 ZN ? B ZN . ? A ZN 191 ? 1_555 OE1 ? A GLU 56 ? A GLU 56  ? 3_656 102.7 ? 
15 OE2 ? A GLU 56  ? A GLU 56  ? 1_555 ZN ? B ZN . ? A ZN 191 ? 1_555 OE1 ? A GLU 56 ? A GLU 56  ? 3_656 112.1 ? 
16 NE2 ? A HIS 50  ? A HIS 50  ? 1_555 ZN ? B ZN . ? A ZN 191 ? 1_555 OE2 ? A GLU 56 ? A GLU 56  ? 3_656 148.9 ? 
17 OE2 ? A GLU 56  ? A GLU 56  ? 1_555 ZN ? B ZN . ? A ZN 191 ? 1_555 OE2 ? A GLU 56 ? A GLU 56  ? 3_656 70.6  ? 
18 OE1 ? A GLU 56  ? A GLU 56  ? 3_656 ZN ? B ZN . ? A ZN 191 ? 1_555 OE2 ? A GLU 56 ? A GLU 56  ? 3_656 58.1  ? 
19 NE2 ? A HIS 50  ? A HIS 50  ? 1_555 ZN ? B ZN . ? A ZN 191 ? 1_555 O   ? G HOH .  ? A HOH 353 ? 1_555 76.9  ? 
20 OE2 ? A GLU 56  ? A GLU 56  ? 1_555 ZN ? B ZN . ? A ZN 191 ? 1_555 O   ? G HOH .  ? A HOH 353 ? 1_555 71.0  ? 
21 OE1 ? A GLU 56  ? A GLU 56  ? 3_656 ZN ? B ZN . ? A ZN 191 ? 1_555 O   ? G HOH .  ? A HOH 353 ? 1_555 176.8 ? 
22 OE2 ? A GLU 56  ? A GLU 56  ? 3_656 ZN ? B ZN . ? A ZN 191 ? 1_555 O   ? G HOH .  ? A HOH 353 ? 1_555 123.7 ? 
23 NE2 ? A HIS 50  ? A HIS 50  ? 1_555 ZN ? B ZN . ? A ZN 191 ? 1_555 O   ? G HOH .  ? A HOH 354 ? 1_555 107.2 ? 
24 OE2 ? A GLU 56  ? A GLU 56  ? 1_555 ZN ? B ZN . ? A ZN 191 ? 1_555 O   ? G HOH .  ? A HOH 354 ? 1_555 136.3 ? 
25 OE1 ? A GLU 56  ? A GLU 56  ? 3_656 ZN ? B ZN . ? A ZN 191 ? 1_555 O   ? G HOH .  ? A HOH 354 ? 1_555 95.3  ? 
26 OE2 ? A GLU 56  ? A GLU 56  ? 3_656 ZN ? B ZN . ? A ZN 191 ? 1_555 O   ? G HOH .  ? A HOH 354 ? 1_555 99.3  ? 
27 O   ? G HOH .   ? A HOH 353 ? 1_555 ZN ? B ZN . ? A ZN 191 ? 1_555 O   ? G HOH .  ? A HOH 354 ? 1_555 81.8  ? 
28 NE2 ? A HIS 138 ? A HIS 138 ? 1_555 ZN ? D ZN . ? A ZN 193 ? 1_555 O   ? G HOH .  ? A HOH 358 ? 1_555 92.5  ? 
29 NE2 ? A HIS 138 ? A HIS 138 ? 1_555 ZN ? D ZN . ? A ZN 193 ? 1_555 O   ? G HOH .  ? A HOH 359 ? 1_555 88.6  ? 
30 O   ? G HOH .   ? A HOH 358 ? 1_555 ZN ? D ZN . ? A ZN 193 ? 1_555 O   ? G HOH .  ? A HOH 359 ? 1_555 102.2 ? 
31 NE2 ? A HIS 138 ? A HIS 138 ? 1_555 ZN ? D ZN . ? A ZN 193 ? 1_555 O   ? G HOH .  ? A HOH 360 ? 1_555 94.1  ? 
32 O   ? G HOH .   ? A HOH 358 ? 1_555 ZN ? D ZN . ? A ZN 193 ? 1_555 O   ? G HOH .  ? A HOH 360 ? 1_555 102.2 ? 
33 O   ? G HOH .   ? A HOH 359 ? 1_555 ZN ? D ZN . ? A ZN 193 ? 1_555 O   ? G HOH .  ? A HOH 360 ? 1_555 155.4 ? 
34 ND1 ? A HIS 138 ? A HIS 138 ? 1_555 MG ? E MG . ? A MG 194 ? 1_555 O   ? G HOH .  ? A HOH 327 ? 1_555 120.9 ? 
# 
loop_
_struct_mon_prot_cis.pdbx_id 
_struct_mon_prot_cis.label_comp_id 
_struct_mon_prot_cis.label_seq_id 
_struct_mon_prot_cis.label_asym_id 
_struct_mon_prot_cis.label_alt_id 
_struct_mon_prot_cis.pdbx_PDB_ins_code 
_struct_mon_prot_cis.auth_comp_id 
_struct_mon_prot_cis.auth_seq_id 
_struct_mon_prot_cis.auth_asym_id 
_struct_mon_prot_cis.pdbx_label_comp_id_2 
_struct_mon_prot_cis.pdbx_label_seq_id_2 
_struct_mon_prot_cis.pdbx_label_asym_id_2 
_struct_mon_prot_cis.pdbx_PDB_ins_code_2 
_struct_mon_prot_cis.pdbx_auth_comp_id_2 
_struct_mon_prot_cis.pdbx_auth_seq_id_2 
_struct_mon_prot_cis.pdbx_auth_asym_id_2 
_struct_mon_prot_cis.pdbx_PDB_model_num 
_struct_mon_prot_cis.pdbx_omega_angle 
1 ARG 43 A . ? ARG 43 A PRO 44 A ? PRO 44 A 1 0.13  
2 GLN 53 A . ? GLN 53 A PRO 54 A ? PRO 54 A 1 -2.02 
# 
_struct_sheet.id               A 
_struct_sheet.type             ? 
_struct_sheet.number_strands   12 
_struct_sheet.details          ? 
# 
loop_
_struct_sheet_order.sheet_id 
_struct_sheet_order.range_id_1 
_struct_sheet_order.range_id_2 
_struct_sheet_order.offset 
_struct_sheet_order.sense 
A 1  2  ? anti-parallel 
A 2  3  ? anti-parallel 
A 3  4  ? anti-parallel 
A 4  5  ? anti-parallel 
A 5  6  ? anti-parallel 
A 6  7  ? anti-parallel 
A 7  8  ? anti-parallel 
A 8  9  ? anti-parallel 
A 9  10 ? anti-parallel 
A 10 11 ? anti-parallel 
A 11 12 ? parallel      
# 
loop_
_struct_sheet_range.sheet_id 
_struct_sheet_range.id 
_struct_sheet_range.beg_label_comp_id 
_struct_sheet_range.beg_label_asym_id 
_struct_sheet_range.beg_label_seq_id 
_struct_sheet_range.pdbx_beg_PDB_ins_code 
_struct_sheet_range.end_label_comp_id 
_struct_sheet_range.end_label_asym_id 
_struct_sheet_range.end_label_seq_id 
_struct_sheet_range.pdbx_end_PDB_ins_code 
_struct_sheet_range.beg_auth_comp_id 
_struct_sheet_range.beg_auth_asym_id 
_struct_sheet_range.beg_auth_seq_id 
_struct_sheet_range.end_auth_comp_id 
_struct_sheet_range.end_auth_asym_id 
_struct_sheet_range.end_auth_seq_id 
A 1  TYR A 104 ? ASN A 109 ? TYR A 104 ASN A 109 
A 2  ASP A 112 ? PRO A 117 ? ASP A 112 PRO A 117 
A 3  LEU A 124 ? VAL A 131 ? LEU A 124 VAL A 131 
A 4  ILE A 137 ? GLU A 144 ? ILE A 137 GLU A 144 
A 5  ARG A 149 ? ASN A 159 ? ARG A 149 ASN A 159 
A 6  SER A 15  ? THR A 25  ? SER A 15  THR A 25  
A 7  GLN A 33  ? LYS A 42  ? GLN A 33  LYS A 42  
A 8  LEU A 46  ? MET A 51  ? LEU A 46  MET A 51  
A 9  SER A 57  ? ASP A 62  ? SER A 57  ASP A 62  
A 10 THR A 65  ? ASN A 70  ? THR A 65  ASN A 70  
A 11 GLN A 75  ? TRP A 80  ? GLN A 75  TRP A 80  
A 12 THR A 176 ? ASP A 179 ? THR A 176 ASP A 179 
# 
loop_
_pdbx_struct_sheet_hbond.sheet_id 
_pdbx_struct_sheet_hbond.range_id_1 
_pdbx_struct_sheet_hbond.range_id_2 
_pdbx_struct_sheet_hbond.range_1_label_atom_id 
_pdbx_struct_sheet_hbond.range_1_label_comp_id 
_pdbx_struct_sheet_hbond.range_1_label_asym_id 
_pdbx_struct_sheet_hbond.range_1_label_seq_id 
_pdbx_struct_sheet_hbond.range_1_PDB_ins_code 
_pdbx_struct_sheet_hbond.range_1_auth_atom_id 
_pdbx_struct_sheet_hbond.range_1_auth_comp_id 
_pdbx_struct_sheet_hbond.range_1_auth_asym_id 
_pdbx_struct_sheet_hbond.range_1_auth_seq_id 
_pdbx_struct_sheet_hbond.range_2_label_atom_id 
_pdbx_struct_sheet_hbond.range_2_label_comp_id 
_pdbx_struct_sheet_hbond.range_2_label_asym_id 
_pdbx_struct_sheet_hbond.range_2_label_seq_id 
_pdbx_struct_sheet_hbond.range_2_PDB_ins_code 
_pdbx_struct_sheet_hbond.range_2_auth_atom_id 
_pdbx_struct_sheet_hbond.range_2_auth_comp_id 
_pdbx_struct_sheet_hbond.range_2_auth_asym_id 
_pdbx_struct_sheet_hbond.range_2_auth_seq_id 
A 1  2  N ASN A 105 ? N ASN A 105 O THR A 116 ? O THR A 116 
A 2  3  N LEU A 115 ? N LEU A 115 O PHE A 127 ? O PHE A 127 
A 3  4  N ASN A 130 ? N ASN A 130 O GLN A 139 ? O GLN A 139 
A 4  5  N PHE A 140 ? N PHE A 140 O TYR A 152 ? O TYR A 152 
A 5  6  O LYS A 155 ? O LYS A 155 N SER A 19  ? N SER A 19  
A 6  7  N PHE A 20  ? N PHE A 20  O GLY A 37  ? O GLY A 37  
A 7  8  N ASP A 38  ? N ASP A 38  O HIS A 50  ? O HIS A 50  
A 8  9  N TRP A 49  ? N TRP A 49  O LEU A 59  ? O LEU A 59  
A 9  10 N VAL A 60  ? N VAL A 60  O TRP A 67  ? O TRP A 67  
A 10 11 N LEU A 66  ? N LEU A 66  O THR A 79  ? O THR A 79  
A 11 12 N ALA A 76  ? N ALA A 76  O ASP A 178 ? O ASP A 178 
# 
loop_
_struct_site.id 
_struct_site.pdbx_evidence_code 
_struct_site.pdbx_auth_asym_id 
_struct_site.pdbx_auth_comp_id 
_struct_site.pdbx_auth_seq_id 
_struct_site.pdbx_auth_ins_code 
_struct_site.pdbx_num_residues 
_struct_site.details 
AC1 Software A ZN 191 ? 6 'BINDING SITE FOR RESIDUE ZN A 191' 
AC2 Software A ZN 192 ? 6 'BINDING SITE FOR RESIDUE ZN A 192' 
AC3 Software A ZN 193 ? 4 'BINDING SITE FOR RESIDUE ZN A 193' 
AC4 Software A MG 194 ? 2 'BINDING SITE FOR RESIDUE MG A 194' 
AC5 Software A MG 195 ? 5 'BINDING SITE FOR RESIDUE MG A 195' 
# 
loop_
_struct_site_gen.id 
_struct_site_gen.site_id 
_struct_site_gen.pdbx_num_res 
_struct_site_gen.label_comp_id 
_struct_site_gen.label_asym_id 
_struct_site_gen.label_seq_id 
_struct_site_gen.pdbx_auth_ins_code 
_struct_site_gen.auth_comp_id 
_struct_site_gen.auth_asym_id 
_struct_site_gen.auth_seq_id 
_struct_site_gen.label_atom_id 
_struct_site_gen.label_alt_id 
_struct_site_gen.symmetry 
_struct_site_gen.details 
1  AC1 6 HIS A 50  ? HIS A 50  . ? 1_555 ? 
2  AC1 6 GLU A 56  ? GLU A 56  . ? 1_555 ? 
3  AC1 6 GLU A 56  ? GLU A 56  . ? 3_656 ? 
4  AC1 6 HOH G .   ? HOH A 353 . ? 1_555 ? 
5  AC1 6 HOH G .   ? HOH A 354 . ? 1_555 ? 
6  AC1 6 HOH G .   ? HOH A 354 . ? 3_656 ? 
7  AC2 6 HIS A 17  ? HIS A 17  . ? 1_555 ? 
8  AC2 6 GLU A 74  ? GLU A 74  . ? 3_656 ? 
9  AC2 6 GLN A 158 ? GLN A 158 . ? 1_555 ? 
10 AC2 6 HOH G .   ? HOH A 268 . ? 1_555 ? 
11 AC2 6 HOH G .   ? HOH A 355 . ? 1_555 ? 
12 AC2 6 HOH G .   ? HOH A 357 . ? 1_555 ? 
13 AC3 4 HIS A 138 ? HIS A 138 . ? 1_555 ? 
14 AC3 4 HOH G .   ? HOH A 358 . ? 1_555 ? 
15 AC3 4 HOH G .   ? HOH A 359 . ? 1_555 ? 
16 AC3 4 HOH G .   ? HOH A 360 . ? 1_555 ? 
17 AC4 2 HIS A 138 ? HIS A 138 . ? 1_555 ? 
18 AC4 2 HOH G .   ? HOH A 327 . ? 1_555 ? 
19 AC5 5 HIS A 17  ? HIS A 17  . ? 1_555 ? 
20 AC5 5 ASP A 38  ? ASP A 38  . ? 1_555 ? 
21 AC5 5 TRP A 40  ? TRP A 40  . ? 1_555 ? 
22 AC5 5 GLU A 74  ? GLU A 74  . ? 3_656 ? 
23 AC5 5 HOH G .   ? HOH A 357 . ? 1_555 ? 
# 
loop_
_pdbx_validate_symm_contact.id 
_pdbx_validate_symm_contact.PDB_model_num 
_pdbx_validate_symm_contact.auth_atom_id_1 
_pdbx_validate_symm_contact.auth_asym_id_1 
_pdbx_validate_symm_contact.auth_comp_id_1 
_pdbx_validate_symm_contact.auth_seq_id_1 
_pdbx_validate_symm_contact.PDB_ins_code_1 
_pdbx_validate_symm_contact.label_alt_id_1 
_pdbx_validate_symm_contact.site_symmetry_1 
_pdbx_validate_symm_contact.auth_atom_id_2 
_pdbx_validate_symm_contact.auth_asym_id_2 
_pdbx_validate_symm_contact.auth_comp_id_2 
_pdbx_validate_symm_contact.auth_seq_id_2 
_pdbx_validate_symm_contact.PDB_ins_code_2 
_pdbx_validate_symm_contact.label_alt_id_2 
_pdbx_validate_symm_contact.site_symmetry_2 
_pdbx_validate_symm_contact.dist 
1 1 OG1 A THR 170 ? ? 1_555 OG1 A THR 170 ? ? 2_665 2.11 
2 1 OE2 A GLU 56  ? ? 1_555 OE2 A GLU 56  ? ? 3_656 2.16 
# 
loop_
_pdbx_validate_torsion.id 
_pdbx_validate_torsion.PDB_model_num 
_pdbx_validate_torsion.auth_comp_id 
_pdbx_validate_torsion.auth_asym_id 
_pdbx_validate_torsion.auth_seq_id 
_pdbx_validate_torsion.PDB_ins_code 
_pdbx_validate_torsion.label_alt_id 
_pdbx_validate_torsion.phi 
_pdbx_validate_torsion.psi 
1 1 LYS A 64  ? ? -135.95 -32.67  
2 1 PHE A 72  ? ? -68.53  5.76    
3 1 ASN A 96  ? ? 39.94   59.80   
4 1 SER A 120 ? ? -69.62  -162.56 
5 1 THR A 170 ? ? -160.13 106.21  
6 1 PRO A 172 ? ? -67.94  -79.71  
# 
loop_
_pdbx_unobs_or_zero_occ_residues.id 
_pdbx_unobs_or_zero_occ_residues.PDB_model_num 
_pdbx_unobs_or_zero_occ_residues.polymer_flag 
_pdbx_unobs_or_zero_occ_residues.occupancy_flag 
_pdbx_unobs_or_zero_occ_residues.auth_asym_id 
_pdbx_unobs_or_zero_occ_residues.auth_comp_id 
_pdbx_unobs_or_zero_occ_residues.auth_seq_id 
_pdbx_unobs_or_zero_occ_residues.PDB_ins_code 
_pdbx_unobs_or_zero_occ_residues.label_asym_id 
_pdbx_unobs_or_zero_occ_residues.label_comp_id 
_pdbx_unobs_or_zero_occ_residues.label_seq_id 
1 1 Y 1 A GLY 27 ? A GLY 27 
2 1 Y 1 A SER 28 ? A SER 28 
3 1 Y 1 A GLY 29 ? A GLY 29 
4 1 Y 1 A ALA 30 ? A ALA 30 
5 1 Y 1 A ALA 31 ? A ALA 31 
# 
loop_
_chem_comp_atom.comp_id 
_chem_comp_atom.atom_id 
_chem_comp_atom.type_symbol 
_chem_comp_atom.pdbx_aromatic_flag 
_chem_comp_atom.pdbx_stereo_config 
_chem_comp_atom.pdbx_ordinal 
ALA N    N  N N 1   
ALA CA   C  N S 2   
ALA C    C  N N 3   
ALA O    O  N N 4   
ALA CB   C  N N 5   
ALA OXT  O  N N 6   
ALA H    H  N N 7   
ALA H2   H  N N 8   
ALA HA   H  N N 9   
ALA HB1  H  N N 10  
ALA HB2  H  N N 11  
ALA HB3  H  N N 12  
ALA HXT  H  N N 13  
ARG N    N  N N 14  
ARG CA   C  N S 15  
ARG C    C  N N 16  
ARG O    O  N N 17  
ARG CB   C  N N 18  
ARG CG   C  N N 19  
ARG CD   C  N N 20  
ARG NE   N  N N 21  
ARG CZ   C  N N 22  
ARG NH1  N  N N 23  
ARG NH2  N  N N 24  
ARG OXT  O  N N 25  
ARG H    H  N N 26  
ARG H2   H  N N 27  
ARG HA   H  N N 28  
ARG HB2  H  N N 29  
ARG HB3  H  N N 30  
ARG HG2  H  N N 31  
ARG HG3  H  N N 32  
ARG HD2  H  N N 33  
ARG HD3  H  N N 34  
ARG HE   H  N N 35  
ARG HH11 H  N N 36  
ARG HH12 H  N N 37  
ARG HH21 H  N N 38  
ARG HH22 H  N N 39  
ARG HXT  H  N N 40  
ASN N    N  N N 41  
ASN CA   C  N S 42  
ASN C    C  N N 43  
ASN O    O  N N 44  
ASN CB   C  N N 45  
ASN CG   C  N N 46  
ASN OD1  O  N N 47  
ASN ND2  N  N N 48  
ASN OXT  O  N N 49  
ASN H    H  N N 50  
ASN H2   H  N N 51  
ASN HA   H  N N 52  
ASN HB2  H  N N 53  
ASN HB3  H  N N 54  
ASN HD21 H  N N 55  
ASN HD22 H  N N 56  
ASN HXT  H  N N 57  
ASP N    N  N N 58  
ASP CA   C  N S 59  
ASP C    C  N N 60  
ASP O    O  N N 61  
ASP CB   C  N N 62  
ASP CG   C  N N 63  
ASP OD1  O  N N 64  
ASP OD2  O  N N 65  
ASP OXT  O  N N 66  
ASP H    H  N N 67  
ASP H2   H  N N 68  
ASP HA   H  N N 69  
ASP HB2  H  N N 70  
ASP HB3  H  N N 71  
ASP HD2  H  N N 72  
ASP HXT  H  N N 73  
GLN N    N  N N 74  
GLN CA   C  N S 75  
GLN C    C  N N 76  
GLN O    O  N N 77  
GLN CB   C  N N 78  
GLN CG   C  N N 79  
GLN CD   C  N N 80  
GLN OE1  O  N N 81  
GLN NE2  N  N N 82  
GLN OXT  O  N N 83  
GLN H    H  N N 84  
GLN H2   H  N N 85  
GLN HA   H  N N 86  
GLN HB2  H  N N 87  
GLN HB3  H  N N 88  
GLN HG2  H  N N 89  
GLN HG3  H  N N 90  
GLN HE21 H  N N 91  
GLN HE22 H  N N 92  
GLN HXT  H  N N 93  
GLU N    N  N N 94  
GLU CA   C  N S 95  
GLU C    C  N N 96  
GLU O    O  N N 97  
GLU CB   C  N N 98  
GLU CG   C  N N 99  
GLU CD   C  N N 100 
GLU OE1  O  N N 101 
GLU OE2  O  N N 102 
GLU OXT  O  N N 103 
GLU H    H  N N 104 
GLU H2   H  N N 105 
GLU HA   H  N N 106 
GLU HB2  H  N N 107 
GLU HB3  H  N N 108 
GLU HG2  H  N N 109 
GLU HG3  H  N N 110 
GLU HE2  H  N N 111 
GLU HXT  H  N N 112 
GLY N    N  N N 113 
GLY CA   C  N N 114 
GLY C    C  N N 115 
GLY O    O  N N 116 
GLY OXT  O  N N 117 
GLY H    H  N N 118 
GLY H2   H  N N 119 
GLY HA2  H  N N 120 
GLY HA3  H  N N 121 
GLY HXT  H  N N 122 
HIS N    N  N N 123 
HIS CA   C  N S 124 
HIS C    C  N N 125 
HIS O    O  N N 126 
HIS CB   C  N N 127 
HIS CG   C  Y N 128 
HIS ND1  N  Y N 129 
HIS CD2  C  Y N 130 
HIS CE1  C  Y N 131 
HIS NE2  N  Y N 132 
HIS OXT  O  N N 133 
HIS H    H  N N 134 
HIS H2   H  N N 135 
HIS HA   H  N N 136 
HIS HB2  H  N N 137 
HIS HB3  H  N N 138 
HIS HD1  H  N N 139 
HIS HD2  H  N N 140 
HIS HE1  H  N N 141 
HIS HE2  H  N N 142 
HIS HXT  H  N N 143 
HOH O    O  N N 144 
HOH H1   H  N N 145 
HOH H2   H  N N 146 
ILE N    N  N N 147 
ILE CA   C  N S 148 
ILE C    C  N N 149 
ILE O    O  N N 150 
ILE CB   C  N S 151 
ILE CG1  C  N N 152 
ILE CG2  C  N N 153 
ILE CD1  C  N N 154 
ILE OXT  O  N N 155 
ILE H    H  N N 156 
ILE H2   H  N N 157 
ILE HA   H  N N 158 
ILE HB   H  N N 159 
ILE HG12 H  N N 160 
ILE HG13 H  N N 161 
ILE HG21 H  N N 162 
ILE HG22 H  N N 163 
ILE HG23 H  N N 164 
ILE HD11 H  N N 165 
ILE HD12 H  N N 166 
ILE HD13 H  N N 167 
ILE HXT  H  N N 168 
LEU N    N  N N 169 
LEU CA   C  N S 170 
LEU C    C  N N 171 
LEU O    O  N N 172 
LEU CB   C  N N 173 
LEU CG   C  N N 174 
LEU CD1  C  N N 175 
LEU CD2  C  N N 176 
LEU OXT  O  N N 177 
LEU H    H  N N 178 
LEU H2   H  N N 179 
LEU HA   H  N N 180 
LEU HB2  H  N N 181 
LEU HB3  H  N N 182 
LEU HG   H  N N 183 
LEU HD11 H  N N 184 
LEU HD12 H  N N 185 
LEU HD13 H  N N 186 
LEU HD21 H  N N 187 
LEU HD22 H  N N 188 
LEU HD23 H  N N 189 
LEU HXT  H  N N 190 
LYS N    N  N N 191 
LYS CA   C  N S 192 
LYS C    C  N N 193 
LYS O    O  N N 194 
LYS CB   C  N N 195 
LYS CG   C  N N 196 
LYS CD   C  N N 197 
LYS CE   C  N N 198 
LYS NZ   N  N N 199 
LYS OXT  O  N N 200 
LYS H    H  N N 201 
LYS H2   H  N N 202 
LYS HA   H  N N 203 
LYS HB2  H  N N 204 
LYS HB3  H  N N 205 
LYS HG2  H  N N 206 
LYS HG3  H  N N 207 
LYS HD2  H  N N 208 
LYS HD3  H  N N 209 
LYS HE2  H  N N 210 
LYS HE3  H  N N 211 
LYS HZ1  H  N N 212 
LYS HZ2  H  N N 213 
LYS HZ3  H  N N 214 
LYS HXT  H  N N 215 
MET N    N  N N 216 
MET CA   C  N S 217 
MET C    C  N N 218 
MET O    O  N N 219 
MET CB   C  N N 220 
MET CG   C  N N 221 
MET SD   S  N N 222 
MET CE   C  N N 223 
MET OXT  O  N N 224 
MET H    H  N N 225 
MET H2   H  N N 226 
MET HA   H  N N 227 
MET HB2  H  N N 228 
MET HB3  H  N N 229 
MET HG2  H  N N 230 
MET HG3  H  N N 231 
MET HE1  H  N N 232 
MET HE2  H  N N 233 
MET HE3  H  N N 234 
MET HXT  H  N N 235 
MG  MG   MG N N 236 
PHE N    N  N N 237 
PHE CA   C  N S 238 
PHE C    C  N N 239 
PHE O    O  N N 240 
PHE CB   C  N N 241 
PHE CG   C  Y N 242 
PHE CD1  C  Y N 243 
PHE CD2  C  Y N 244 
PHE CE1  C  Y N 245 
PHE CE2  C  Y N 246 
PHE CZ   C  Y N 247 
PHE OXT  O  N N 248 
PHE H    H  N N 249 
PHE H2   H  N N 250 
PHE HA   H  N N 251 
PHE HB2  H  N N 252 
PHE HB3  H  N N 253 
PHE HD1  H  N N 254 
PHE HD2  H  N N 255 
PHE HE1  H  N N 256 
PHE HE2  H  N N 257 
PHE HZ   H  N N 258 
PHE HXT  H  N N 259 
PRO N    N  N N 260 
PRO CA   C  N S 261 
PRO C    C  N N 262 
PRO O    O  N N 263 
PRO CB   C  N N 264 
PRO CG   C  N N 265 
PRO CD   C  N N 266 
PRO OXT  O  N N 267 
PRO H    H  N N 268 
PRO HA   H  N N 269 
PRO HB2  H  N N 270 
PRO HB3  H  N N 271 
PRO HG2  H  N N 272 
PRO HG3  H  N N 273 
PRO HD2  H  N N 274 
PRO HD3  H  N N 275 
PRO HXT  H  N N 276 
SER N    N  N N 277 
SER CA   C  N S 278 
SER C    C  N N 279 
SER O    O  N N 280 
SER CB   C  N N 281 
SER OG   O  N N 282 
SER OXT  O  N N 283 
SER H    H  N N 284 
SER H2   H  N N 285 
SER HA   H  N N 286 
SER HB2  H  N N 287 
SER HB3  H  N N 288 
SER HG   H  N N 289 
SER HXT  H  N N 290 
THR N    N  N N 291 
THR CA   C  N S 292 
THR C    C  N N 293 
THR O    O  N N 294 
THR CB   C  N R 295 
THR OG1  O  N N 296 
THR CG2  C  N N 297 
THR OXT  O  N N 298 
THR H    H  N N 299 
THR H2   H  N N 300 
THR HA   H  N N 301 
THR HB   H  N N 302 
THR HG1  H  N N 303 
THR HG21 H  N N 304 
THR HG22 H  N N 305 
THR HG23 H  N N 306 
THR HXT  H  N N 307 
TRP N    N  N N 308 
TRP CA   C  N S 309 
TRP C    C  N N 310 
TRP O    O  N N 311 
TRP CB   C  N N 312 
TRP CG   C  Y N 313 
TRP CD1  C  Y N 314 
TRP CD2  C  Y N 315 
TRP NE1  N  Y N 316 
TRP CE2  C  Y N 317 
TRP CE3  C  Y N 318 
TRP CZ2  C  Y N 319 
TRP CZ3  C  Y N 320 
TRP CH2  C  Y N 321 
TRP OXT  O  N N 322 
TRP H    H  N N 323 
TRP H2   H  N N 324 
TRP HA   H  N N 325 
TRP HB2  H  N N 326 
TRP HB3  H  N N 327 
TRP HD1  H  N N 328 
TRP HE1  H  N N 329 
TRP HE3  H  N N 330 
TRP HZ2  H  N N 331 
TRP HZ3  H  N N 332 
TRP HH2  H  N N 333 
TRP HXT  H  N N 334 
TYR N    N  N N 335 
TYR CA   C  N S 336 
TYR C    C  N N 337 
TYR O    O  N N 338 
TYR CB   C  N N 339 
TYR CG   C  Y N 340 
TYR CD1  C  Y N 341 
TYR CD2  C  Y N 342 
TYR CE1  C  Y N 343 
TYR CE2  C  Y N 344 
TYR CZ   C  Y N 345 
TYR OH   O  N N 346 
TYR OXT  O  N N 347 
TYR H    H  N N 348 
TYR H2   H  N N 349 
TYR HA   H  N N 350 
TYR HB2  H  N N 351 
TYR HB3  H  N N 352 
TYR HD1  H  N N 353 
TYR HD2  H  N N 354 
TYR HE1  H  N N 355 
TYR HE2  H  N N 356 
TYR HH   H  N N 357 
TYR HXT  H  N N 358 
VAL N    N  N N 359 
VAL CA   C  N S 360 
VAL C    C  N N 361 
VAL O    O  N N 362 
VAL CB   C  N N 363 
VAL CG1  C  N N 364 
VAL CG2  C  N N 365 
VAL OXT  O  N N 366 
VAL H    H  N N 367 
VAL H2   H  N N 368 
VAL HA   H  N N 369 
VAL HB   H  N N 370 
VAL HG11 H  N N 371 
VAL HG12 H  N N 372 
VAL HG13 H  N N 373 
VAL HG21 H  N N 374 
VAL HG22 H  N N 375 
VAL HG23 H  N N 376 
VAL HXT  H  N N 377 
ZN  ZN   ZN N N 378 
# 
loop_
_chem_comp_bond.comp_id 
_chem_comp_bond.atom_id_1 
_chem_comp_bond.atom_id_2 
_chem_comp_bond.value_order 
_chem_comp_bond.pdbx_aromatic_flag 
_chem_comp_bond.pdbx_stereo_config 
_chem_comp_bond.pdbx_ordinal 
ALA N   CA   sing N N 1   
ALA N   H    sing N N 2   
ALA N   H2   sing N N 3   
ALA CA  C    sing N N 4   
ALA CA  CB   sing N N 5   
ALA CA  HA   sing N N 6   
ALA C   O    doub N N 7   
ALA C   OXT  sing N N 8   
ALA CB  HB1  sing N N 9   
ALA CB  HB2  sing N N 10  
ALA CB  HB3  sing N N 11  
ALA OXT HXT  sing N N 12  
ARG N   CA   sing N N 13  
ARG N   H    sing N N 14  
ARG N   H2   sing N N 15  
ARG CA  C    sing N N 16  
ARG CA  CB   sing N N 17  
ARG CA  HA   sing N N 18  
ARG C   O    doub N N 19  
ARG C   OXT  sing N N 20  
ARG CB  CG   sing N N 21  
ARG CB  HB2  sing N N 22  
ARG CB  HB3  sing N N 23  
ARG CG  CD   sing N N 24  
ARG CG  HG2  sing N N 25  
ARG CG  HG3  sing N N 26  
ARG CD  NE   sing N N 27  
ARG CD  HD2  sing N N 28  
ARG CD  HD3  sing N N 29  
ARG NE  CZ   sing N N 30  
ARG NE  HE   sing N N 31  
ARG CZ  NH1  sing N N 32  
ARG CZ  NH2  doub N N 33  
ARG NH1 HH11 sing N N 34  
ARG NH1 HH12 sing N N 35  
ARG NH2 HH21 sing N N 36  
ARG NH2 HH22 sing N N 37  
ARG OXT HXT  sing N N 38  
ASN N   CA   sing N N 39  
ASN N   H    sing N N 40  
ASN N   H2   sing N N 41  
ASN CA  C    sing N N 42  
ASN CA  CB   sing N N 43  
ASN CA  HA   sing N N 44  
ASN C   O    doub N N 45  
ASN C   OXT  sing N N 46  
ASN CB  CG   sing N N 47  
ASN CB  HB2  sing N N 48  
ASN CB  HB3  sing N N 49  
ASN CG  OD1  doub N N 50  
ASN CG  ND2  sing N N 51  
ASN ND2 HD21 sing N N 52  
ASN ND2 HD22 sing N N 53  
ASN OXT HXT  sing N N 54  
ASP N   CA   sing N N 55  
ASP N   H    sing N N 56  
ASP N   H2   sing N N 57  
ASP CA  C    sing N N 58  
ASP CA  CB   sing N N 59  
ASP CA  HA   sing N N 60  
ASP C   O    doub N N 61  
ASP C   OXT  sing N N 62  
ASP CB  CG   sing N N 63  
ASP CB  HB2  sing N N 64  
ASP CB  HB3  sing N N 65  
ASP CG  OD1  doub N N 66  
ASP CG  OD2  sing N N 67  
ASP OD2 HD2  sing N N 68  
ASP OXT HXT  sing N N 69  
GLN N   CA   sing N N 70  
GLN N   H    sing N N 71  
GLN N   H2   sing N N 72  
GLN CA  C    sing N N 73  
GLN CA  CB   sing N N 74  
GLN CA  HA   sing N N 75  
GLN C   O    doub N N 76  
GLN C   OXT  sing N N 77  
GLN CB  CG   sing N N 78  
GLN CB  HB2  sing N N 79  
GLN CB  HB3  sing N N 80  
GLN CG  CD   sing N N 81  
GLN CG  HG2  sing N N 82  
GLN CG  HG3  sing N N 83  
GLN CD  OE1  doub N N 84  
GLN CD  NE2  sing N N 85  
GLN NE2 HE21 sing N N 86  
GLN NE2 HE22 sing N N 87  
GLN OXT HXT  sing N N 88  
GLU N   CA   sing N N 89  
GLU N   H    sing N N 90  
GLU N   H2   sing N N 91  
GLU CA  C    sing N N 92  
GLU CA  CB   sing N N 93  
GLU CA  HA   sing N N 94  
GLU C   O    doub N N 95  
GLU C   OXT  sing N N 96  
GLU CB  CG   sing N N 97  
GLU CB  HB2  sing N N 98  
GLU CB  HB3  sing N N 99  
GLU CG  CD   sing N N 100 
GLU CG  HG2  sing N N 101 
GLU CG  HG3  sing N N 102 
GLU CD  OE1  doub N N 103 
GLU CD  OE2  sing N N 104 
GLU OE2 HE2  sing N N 105 
GLU OXT HXT  sing N N 106 
GLY N   CA   sing N N 107 
GLY N   H    sing N N 108 
GLY N   H2   sing N N 109 
GLY CA  C    sing N N 110 
GLY CA  HA2  sing N N 111 
GLY CA  HA3  sing N N 112 
GLY C   O    doub N N 113 
GLY C   OXT  sing N N 114 
GLY OXT HXT  sing N N 115 
HIS N   CA   sing N N 116 
HIS N   H    sing N N 117 
HIS N   H2   sing N N 118 
HIS CA  C    sing N N 119 
HIS CA  CB   sing N N 120 
HIS CA  HA   sing N N 121 
HIS C   O    doub N N 122 
HIS C   OXT  sing N N 123 
HIS CB  CG   sing N N 124 
HIS CB  HB2  sing N N 125 
HIS CB  HB3  sing N N 126 
HIS CG  ND1  sing Y N 127 
HIS CG  CD2  doub Y N 128 
HIS ND1 CE1  doub Y N 129 
HIS ND1 HD1  sing N N 130 
HIS CD2 NE2  sing Y N 131 
HIS CD2 HD2  sing N N 132 
HIS CE1 NE2  sing Y N 133 
HIS CE1 HE1  sing N N 134 
HIS NE2 HE2  sing N N 135 
HIS OXT HXT  sing N N 136 
HOH O   H1   sing N N 137 
HOH O   H2   sing N N 138 
ILE N   CA   sing N N 139 
ILE N   H    sing N N 140 
ILE N   H2   sing N N 141 
ILE CA  C    sing N N 142 
ILE CA  CB   sing N N 143 
ILE CA  HA   sing N N 144 
ILE C   O    doub N N 145 
ILE C   OXT  sing N N 146 
ILE CB  CG1  sing N N 147 
ILE CB  CG2  sing N N 148 
ILE CB  HB   sing N N 149 
ILE CG1 CD1  sing N N 150 
ILE CG1 HG12 sing N N 151 
ILE CG1 HG13 sing N N 152 
ILE CG2 HG21 sing N N 153 
ILE CG2 HG22 sing N N 154 
ILE CG2 HG23 sing N N 155 
ILE CD1 HD11 sing N N 156 
ILE CD1 HD12 sing N N 157 
ILE CD1 HD13 sing N N 158 
ILE OXT HXT  sing N N 159 
LEU N   CA   sing N N 160 
LEU N   H    sing N N 161 
LEU N   H2   sing N N 162 
LEU CA  C    sing N N 163 
LEU CA  CB   sing N N 164 
LEU CA  HA   sing N N 165 
LEU C   O    doub N N 166 
LEU C   OXT  sing N N 167 
LEU CB  CG   sing N N 168 
LEU CB  HB2  sing N N 169 
LEU CB  HB3  sing N N 170 
LEU CG  CD1  sing N N 171 
LEU CG  CD2  sing N N 172 
LEU CG  HG   sing N N 173 
LEU CD1 HD11 sing N N 174 
LEU CD1 HD12 sing N N 175 
LEU CD1 HD13 sing N N 176 
LEU CD2 HD21 sing N N 177 
LEU CD2 HD22 sing N N 178 
LEU CD2 HD23 sing N N 179 
LEU OXT HXT  sing N N 180 
LYS N   CA   sing N N 181 
LYS N   H    sing N N 182 
LYS N   H2   sing N N 183 
LYS CA  C    sing N N 184 
LYS CA  CB   sing N N 185 
LYS CA  HA   sing N N 186 
LYS C   O    doub N N 187 
LYS C   OXT  sing N N 188 
LYS CB  CG   sing N N 189 
LYS CB  HB2  sing N N 190 
LYS CB  HB3  sing N N 191 
LYS CG  CD   sing N N 192 
LYS CG  HG2  sing N N 193 
LYS CG  HG3  sing N N 194 
LYS CD  CE   sing N N 195 
LYS CD  HD2  sing N N 196 
LYS CD  HD3  sing N N 197 
LYS CE  NZ   sing N N 198 
LYS CE  HE2  sing N N 199 
LYS CE  HE3  sing N N 200 
LYS NZ  HZ1  sing N N 201 
LYS NZ  HZ2  sing N N 202 
LYS NZ  HZ3  sing N N 203 
LYS OXT HXT  sing N N 204 
MET N   CA   sing N N 205 
MET N   H    sing N N 206 
MET N   H2   sing N N 207 
MET CA  C    sing N N 208 
MET CA  CB   sing N N 209 
MET CA  HA   sing N N 210 
MET C   O    doub N N 211 
MET C   OXT  sing N N 212 
MET CB  CG   sing N N 213 
MET CB  HB2  sing N N 214 
MET CB  HB3  sing N N 215 
MET CG  SD   sing N N 216 
MET CG  HG2  sing N N 217 
MET CG  HG3  sing N N 218 
MET SD  CE   sing N N 219 
MET CE  HE1  sing N N 220 
MET CE  HE2  sing N N 221 
MET CE  HE3  sing N N 222 
MET OXT HXT  sing N N 223 
PHE N   CA   sing N N 224 
PHE N   H    sing N N 225 
PHE N   H2   sing N N 226 
PHE CA  C    sing N N 227 
PHE CA  CB   sing N N 228 
PHE CA  HA   sing N N 229 
PHE C   O    doub N N 230 
PHE C   OXT  sing N N 231 
PHE CB  CG   sing N N 232 
PHE CB  HB2  sing N N 233 
PHE CB  HB3  sing N N 234 
PHE CG  CD1  doub Y N 235 
PHE CG  CD2  sing Y N 236 
PHE CD1 CE1  sing Y N 237 
PHE CD1 HD1  sing N N 238 
PHE CD2 CE2  doub Y N 239 
PHE CD2 HD2  sing N N 240 
PHE CE1 CZ   doub Y N 241 
PHE CE1 HE1  sing N N 242 
PHE CE2 CZ   sing Y N 243 
PHE CE2 HE2  sing N N 244 
PHE CZ  HZ   sing N N 245 
PHE OXT HXT  sing N N 246 
PRO N   CA   sing N N 247 
PRO N   CD   sing N N 248 
PRO N   H    sing N N 249 
PRO CA  C    sing N N 250 
PRO CA  CB   sing N N 251 
PRO CA  HA   sing N N 252 
PRO C   O    doub N N 253 
PRO C   OXT  sing N N 254 
PRO CB  CG   sing N N 255 
PRO CB  HB2  sing N N 256 
PRO CB  HB3  sing N N 257 
PRO CG  CD   sing N N 258 
PRO CG  HG2  sing N N 259 
PRO CG  HG3  sing N N 260 
PRO CD  HD2  sing N N 261 
PRO CD  HD3  sing N N 262 
PRO OXT HXT  sing N N 263 
SER N   CA   sing N N 264 
SER N   H    sing N N 265 
SER N   H2   sing N N 266 
SER CA  C    sing N N 267 
SER CA  CB   sing N N 268 
SER CA  HA   sing N N 269 
SER C   O    doub N N 270 
SER C   OXT  sing N N 271 
SER CB  OG   sing N N 272 
SER CB  HB2  sing N N 273 
SER CB  HB3  sing N N 274 
SER OG  HG   sing N N 275 
SER OXT HXT  sing N N 276 
THR N   CA   sing N N 277 
THR N   H    sing N N 278 
THR N   H2   sing N N 279 
THR CA  C    sing N N 280 
THR CA  CB   sing N N 281 
THR CA  HA   sing N N 282 
THR C   O    doub N N 283 
THR C   OXT  sing N N 284 
THR CB  OG1  sing N N 285 
THR CB  CG2  sing N N 286 
THR CB  HB   sing N N 287 
THR OG1 HG1  sing N N 288 
THR CG2 HG21 sing N N 289 
THR CG2 HG22 sing N N 290 
THR CG2 HG23 sing N N 291 
THR OXT HXT  sing N N 292 
TRP N   CA   sing N N 293 
TRP N   H    sing N N 294 
TRP N   H2   sing N N 295 
TRP CA  C    sing N N 296 
TRP CA  CB   sing N N 297 
TRP CA  HA   sing N N 298 
TRP C   O    doub N N 299 
TRP C   OXT  sing N N 300 
TRP CB  CG   sing N N 301 
TRP CB  HB2  sing N N 302 
TRP CB  HB3  sing N N 303 
TRP CG  CD1  doub Y N 304 
TRP CG  CD2  sing Y N 305 
TRP CD1 NE1  sing Y N 306 
TRP CD1 HD1  sing N N 307 
TRP CD2 CE2  doub Y N 308 
TRP CD2 CE3  sing Y N 309 
TRP NE1 CE2  sing Y N 310 
TRP NE1 HE1  sing N N 311 
TRP CE2 CZ2  sing Y N 312 
TRP CE3 CZ3  doub Y N 313 
TRP CE3 HE3  sing N N 314 
TRP CZ2 CH2  doub Y N 315 
TRP CZ2 HZ2  sing N N 316 
TRP CZ3 CH2  sing Y N 317 
TRP CZ3 HZ3  sing N N 318 
TRP CH2 HH2  sing N N 319 
TRP OXT HXT  sing N N 320 
TYR N   CA   sing N N 321 
TYR N   H    sing N N 322 
TYR N   H2   sing N N 323 
TYR CA  C    sing N N 324 
TYR CA  CB   sing N N 325 
TYR CA  HA   sing N N 326 
TYR C   O    doub N N 327 
TYR C   OXT  sing N N 328 
TYR CB  CG   sing N N 329 
TYR CB  HB2  sing N N 330 
TYR CB  HB3  sing N N 331 
TYR CG  CD1  doub Y N 332 
TYR CG  CD2  sing Y N 333 
TYR CD1 CE1  sing Y N 334 
TYR CD1 HD1  sing N N 335 
TYR CD2 CE2  doub Y N 336 
TYR CD2 HD2  sing N N 337 
TYR CE1 CZ   doub Y N 338 
TYR CE1 HE1  sing N N 339 
TYR CE2 CZ   sing Y N 340 
TYR CE2 HE2  sing N N 341 
TYR CZ  OH   sing N N 342 
TYR OH  HH   sing N N 343 
TYR OXT HXT  sing N N 344 
VAL N   CA   sing N N 345 
VAL N   H    sing N N 346 
VAL N   H2   sing N N 347 
VAL CA  C    sing N N 348 
VAL CA  CB   sing N N 349 
VAL CA  HA   sing N N 350 
VAL C   O    doub N N 351 
VAL C   OXT  sing N N 352 
VAL CB  CG1  sing N N 353 
VAL CB  CG2  sing N N 354 
VAL CB  HB   sing N N 355 
VAL CG1 HG11 sing N N 356 
VAL CG1 HG12 sing N N 357 
VAL CG1 HG13 sing N N 358 
VAL CG2 HG21 sing N N 359 
VAL CG2 HG22 sing N N 360 
VAL CG2 HG23 sing N N 361 
VAL OXT HXT  sing N N 362 
# 
_atom_sites.entry_id                    1IWL 
_atom_sites.fract_transf_matrix[1][1]   0.01771994 
_atom_sites.fract_transf_matrix[1][2]   0.00243364 
_atom_sites.fract_transf_matrix[1][3]   0.00130747 
_atom_sites.fract_transf_matrix[2][1]   -0.00099240 
_atom_sites.fract_transf_matrix[2][2]   0.00011796 
_atom_sites.fract_transf_matrix[2][3]   0.01323031 
_atom_sites.fract_transf_matrix[3][1]   0.00135353 
_atom_sites.fract_transf_matrix[3][2]   -0.00995763 
_atom_sites.fract_transf_matrix[3][3]   0.00019031 
_atom_sites.fract_transf_vector[1]      0.364372 
_atom_sites.fract_transf_vector[2]      0.268447 
_atom_sites.fract_transf_vector[3]      0.353507 
# 
loop_
_atom_type.symbol 
C  
MG 
N  
O  
S  
ZN 
# 
loop_
_atom_site.group_PDB 
_atom_site.id 
_atom_site.type_symbol 
_atom_site.label_atom_id 
_atom_site.label_alt_id 
_atom_site.label_comp_id 
_atom_site.label_asym_id 
_atom_site.label_entity_id 
_atom_site.label_seq_id 
_atom_site.pdbx_PDB_ins_code 
_atom_site.Cartn_x 
_atom_site.Cartn_y 
_atom_site.Cartn_z 
_atom_site.occupancy 
_atom_site.B_iso_or_equiv 
_atom_site.pdbx_formal_charge 
_atom_site.auth_seq_id 
_atom_site.auth_comp_id 
_atom_site.auth_asym_id 
_atom_site.auth_atom_id 
_atom_site.pdbx_PDB_model_num 
ATOM   1    N  N   . ASP A 1 1   ? -17.020 13.382  -6.091  1.00 22.57 ? 1   ASP A N   1 
ATOM   2    C  CA  . ASP A 1 1   ? -16.299 13.258  -7.394  1.00 21.20 ? 1   ASP A CA  1 
ATOM   3    C  C   . ASP A 1 1   ? -15.548 11.929  -7.377  1.00 19.25 ? 1   ASP A C   1 
ATOM   4    O  O   . ASP A 1 1   ? -15.786 11.101  -6.499  1.00 19.18 ? 1   ASP A O   1 
ATOM   5    C  CB  . ASP A 1 1   ? -15.320 14.424  -7.561  1.00 22.47 ? 1   ASP A CB  1 
ATOM   6    C  CG  . ASP A 1 1   ? -14.100 14.294  -6.665  1.00 24.64 ? 1   ASP A CG  1 
ATOM   7    O  OD1 . ASP A 1 1   ? -14.261 13.893  -5.497  1.00 20.74 ? 1   ASP A OD1 1 
ATOM   8    O  OD2 . ASP A 1 1   ? -12.983 14.598  -7.128  1.00 30.45 ? 1   ASP A OD2 1 
ATOM   9    N  N   . ALA A 1 2   ? -14.645 11.721  -8.332  1.00 18.74 ? 2   ALA A N   1 
ATOM   10   C  CA  . ALA A 1 2   ? -13.897 10.465  -8.405  1.00 16.93 ? 2   ALA A CA  1 
ATOM   11   C  C   . ALA A 1 2   ? -13.017 10.224  -7.184  1.00 17.48 ? 2   ALA A C   1 
ATOM   12   O  O   . ALA A 1 2   ? -12.933 9.104   -6.691  1.00 13.14 ? 2   ALA A O   1 
ATOM   13   C  CB  . ALA A 1 2   ? -13.049 10.430  -9.666  1.00 17.62 ? 2   ALA A CB  1 
ATOM   14   N  N   . ALA A 1 3   ? -12.362 11.275  -6.696  1.00 17.25 ? 3   ALA A N   1 
ATOM   15   C  CA  . ALA A 1 3   ? -11.488 11.136  -5.532  1.00 16.74 ? 3   ALA A CA  1 
ATOM   16   C  C   . ALA A 1 3   ? -12.262 10.739  -4.286  1.00 17.25 ? 3   ALA A C   1 
ATOM   17   O  O   . ALA A 1 3   ? -11.814 9.894   -3.518  1.00 17.99 ? 3   ALA A O   1 
ATOM   18   C  CB  . ALA A 1 3   ? -10.735 12.431  -5.282  1.00 18.15 ? 3   ALA A CB  1 
ATOM   19   N  N   . SER A 1 4   ? -13.419 11.358  -4.070  1.00 18.40 ? 4   SER A N   1 
ATOM   20   C  CA  . SER A 1 4   ? -14.213 11.017  -2.902  1.00 18.80 ? 4   SER A CA  1 
ATOM   21   C  C   . SER A 1 4   ? -14.821 9.621   -3.051  1.00 17.65 ? 4   SER A C   1 
ATOM   22   O  O   . SER A 1 4   ? -14.896 8.869   -2.080  1.00 19.13 ? 4   SER A O   1 
ATOM   23   C  CB  . SER A 1 4   ? -15.308 12.071  -2.667  1.00 19.34 ? 4   SER A CB  1 
ATOM   24   O  OG  . SER A 1 4   ? -16.174 12.188  -3.780  1.00 23.22 ? 4   SER A OG  1 
ATOM   25   N  N   . ASP A 1 5   ? -15.235 9.262   -4.267  1.00 17.87 ? 5   ASP A N   1 
ATOM   26   C  CA  . ASP A 1 5   ? -15.824 7.945   -4.505  1.00 16.81 ? 5   ASP A CA  1 
ATOM   27   C  C   . ASP A 1 5   ? -14.763 6.884   -4.196  1.00 17.77 ? 5   ASP A C   1 
ATOM   28   O  O   . ASP A 1 5   ? -15.022 5.926   -3.475  1.00 15.60 ? 5   ASP A O   1 
ATOM   29   C  CB  . ASP A 1 5   ? -16.288 7.819   -5.966  1.00 17.95 ? 5   ASP A CB  1 
ATOM   30   C  CG  . ASP A 1 5   ? -17.356 6.747   -6.162  1.00 23.56 ? 5   ASP A CG  1 
ATOM   31   O  OD1 . ASP A 1 5   ? -18.470 6.903   -5.614  1.00 25.45 ? 5   ASP A OD1 1 
ATOM   32   O  OD2 . ASP A 1 5   ? -17.088 5.752   -6.866  1.00 23.62 ? 5   ASP A OD2 1 
ATOM   33   N  N   . LEU A 1 6   ? -13.561 7.074   -4.729  1.00 15.93 ? 6   LEU A N   1 
ATOM   34   C  CA  . LEU A 1 6   ? -12.481 6.123   -4.497  1.00 17.16 ? 6   LEU A CA  1 
ATOM   35   C  C   . LEU A 1 6   ? -12.203 5.948   -3.010  1.00 16.47 ? 6   LEU A C   1 
ATOM   36   O  O   . LEU A 1 6   ? -12.140 4.823   -2.513  1.00 17.60 ? 6   LEU A O   1 
ATOM   37   C  CB  . LEU A 1 6   ? -11.203 6.579   -5.207  1.00 12.63 ? 6   LEU A CB  1 
ATOM   38   C  CG  . LEU A 1 6   ? -9.988  5.668   -4.988  1.00 13.27 ? 6   LEU A CG  1 
ATOM   39   C  CD1 . LEU A 1 6   ? -10.309 4.253   -5.438  1.00 14.50 ? 6   LEU A CD1 1 
ATOM   40   C  CD2 . LEU A 1 6   ? -8.787  6.220   -5.754  1.00 14.09 ? 6   LEU A CD2 1 
ATOM   41   N  N   . LYS A 1 7   ? -12.048 7.058   -2.296  1.00 17.09 ? 7   LYS A N   1 
ATOM   42   C  CA  . LYS A 1 7   ? -11.766 6.975   -0.869  1.00 20.92 ? 7   LYS A CA  1 
ATOM   43   C  C   . LYS A 1 7   ? -12.864 6.241   -0.116  1.00 21.05 ? 7   LYS A C   1 
ATOM   44   O  O   . LYS A 1 7   ? -12.576 5.419   0.751   1.00 21.45 ? 7   LYS A O   1 
ATOM   45   C  CB  . LYS A 1 7   ? -11.564 8.360   -0.247  1.00 22.29 ? 7   LYS A CB  1 
ATOM   46   C  CG  . LYS A 1 7   ? -11.379 8.273   1.275   1.00 26.28 ? 7   LYS A CG  1 
ATOM   47   C  CD  . LYS A 1 7   ? -10.995 9.586   1.924   1.00 27.56 ? 7   LYS A CD  1 
ATOM   48   C  CE  . LYS A 1 7   ? -10.955 9.437   3.446   1.00 22.95 ? 7   LYS A CE  1 
ATOM   49   N  NZ  . LYS A 1 7   ? -10.154 8.256   3.899   1.00 24.13 ? 7   LYS A NZ  1 
ATOM   50   N  N   . SER A 1 8   ? -14.121 6.523   -0.441  1.00 22.61 ? 8   SER A N   1 
ATOM   51   C  CA  . SER A 1 8   ? -15.219 5.846   0.245   1.00 22.57 ? 8   SER A CA  1 
ATOM   52   C  C   . SER A 1 8   ? -15.123 4.338   0.033   1.00 21.21 ? 8   SER A C   1 
ATOM   53   O  O   . SER A 1 8   ? -15.328 3.553   0.961   1.00 23.25 ? 8   SER A O   1 
ATOM   54   C  CB  . SER A 1 8   ? -16.574 6.344   -0.268  1.00 28.45 ? 8   SER A CB  1 
ATOM   55   O  OG  . SER A 1 8   ? -16.831 5.878   -1.581  1.00 33.76 ? 8   SER A OG  1 
ATOM   56   N  N   . ARG A 1 9   ? -14.813 3.934   -1.193  1.00 17.87 ? 9   ARG A N   1 
ATOM   57   C  CA  . ARG A 1 9   ? -14.699 2.519   -1.511  1.00 19.75 ? 9   ARG A CA  1 
ATOM   58   C  C   . ARG A 1 9   ? -13.586 1.879   -0.698  1.00 20.09 ? 9   ARG A C   1 
ATOM   59   O  O   . ARG A 1 9   ? -13.741 0.768   -0.196  1.00 20.92 ? 9   ARG A O   1 
ATOM   60   C  CB  . ARG A 1 9   ? -14.429 2.324   -3.005  1.00 20.20 ? 9   ARG A CB  1 
ATOM   61   C  CG  . ARG A 1 9   ? -15.525 2.868   -3.903  1.00 19.83 ? 9   ARG A CG  1 
ATOM   62   C  CD  . ARG A 1 9   ? -15.247 2.577   -5.365  1.00 20.44 ? 9   ARG A CD  1 
ATOM   63   N  NE  . ARG A 1 9   ? -16.275 3.151   -6.233  1.00 23.26 ? 9   ARG A NE  1 
ATOM   64   C  CZ  . ARG A 1 9   ? -16.894 2.482   -7.201  1.00 18.88 ? 9   ARG A CZ  1 
ATOM   65   N  NH1 . ARG A 1 9   ? -16.591 1.212   -7.431  1.00 18.26 ? 9   ARG A NH1 1 
ATOM   66   N  NH2 . ARG A 1 9   ? -17.829 3.080   -7.932  1.00 17.89 ? 9   ARG A NH2 1 
ATOM   67   N  N   . LEU A 1 10  ? -12.466 2.587   -0.563  1.00 20.50 ? 10  LEU A N   1 
ATOM   68   C  CA  . LEU A 1 10  ? -11.330 2.070   0.193   1.00 20.35 ? 10  LEU A CA  1 
ATOM   69   C  C   . LEU A 1 10  ? -11.503 2.171   1.712   1.00 21.41 ? 10  LEU A C   1 
ATOM   70   O  O   . LEU A 1 10  ? -10.618 1.773   2.470   1.00 18.07 ? 10  LEU A O   1 
ATOM   71   C  CB  . LEU A 1 10  ? -10.036 2.769   -0.252  1.00 18.41 ? 10  LEU A CB  1 
ATOM   72   C  CG  . LEU A 1 10  ? -9.554  2.355   -1.652  1.00 17.33 ? 10  LEU A CG  1 
ATOM   73   C  CD1 . LEU A 1 10  ? -8.325  3.168   -2.043  1.00 14.93 ? 10  LEU A CD1 1 
ATOM   74   C  CD2 . LEU A 1 10  ? -9.237  0.861   -1.670  1.00 19.99 ? 10  LEU A CD2 1 
ATOM   75   N  N   . ASP A 1 11  ? -12.647 2.696   2.151   1.00 22.65 ? 11  ASP A N   1 
ATOM   76   C  CA  . ASP A 1 11  ? -12.947 2.813   3.578   1.00 23.66 ? 11  ASP A CA  1 
ATOM   77   C  C   . ASP A 1 11  ? -14.155 1.944   3.935   1.00 25.87 ? 11  ASP A C   1 
ATOM   78   O  O   . ASP A 1 11  ? -14.504 1.798   5.105   1.00 27.88 ? 11  ASP A O   1 
ATOM   79   C  CB  . ASP A 1 11  ? -13.239 4.270   3.969   1.00 23.73 ? 11  ASP A CB  1 
ATOM   80   C  CG  . ASP A 1 11  ? -11.979 5.068   4.252   1.00 22.79 ? 11  ASP A CG  1 
ATOM   81   O  OD1 . ASP A 1 11  ? -10.937 4.448   4.553   1.00 28.00 ? 11  ASP A OD1 1 
ATOM   82   O  OD2 . ASP A 1 11  ? -12.030 6.315   4.188   1.00 25.21 ? 11  ASP A OD2 1 
ATOM   83   N  N   . LYS A 1 12  ? -14.782 1.367   2.918   1.00 26.28 ? 12  LYS A N   1 
ATOM   84   C  CA  . LYS A 1 12  ? -15.961 0.518   3.096   1.00 26.70 ? 12  LYS A CA  1 
ATOM   85   C  C   . LYS A 1 12  ? -15.793 -0.587  4.137   1.00 27.60 ? 12  LYS A C   1 
ATOM   86   O  O   . LYS A 1 12  ? -16.684 -0.824  4.955   1.00 28.47 ? 12  LYS A O   1 
ATOM   87   C  CB  . LYS A 1 12  ? -16.350 -0.108  1.753   1.00 26.26 ? 12  LYS A CB  1 
ATOM   88   C  CG  . LYS A 1 12  ? -17.519 -1.081  1.820   1.00 30.25 ? 12  LYS A CG  1 
ATOM   89   C  CD  . LYS A 1 12  ? -18.800 -0.401  2.273   1.00 31.70 ? 12  LYS A CD  1 
ATOM   90   C  CE  . LYS A 1 12  ? -19.942 -1.402  2.369   1.00 34.57 ? 12  LYS A CE  1 
ATOM   91   N  NZ  . LYS A 1 12  ? -21.231 -0.749  2.720   1.00 36.01 ? 12  LYS A NZ  1 
ATOM   92   N  N   . VAL A 1 13  ? -14.659 -1.274  4.094   1.00 24.49 ? 13  VAL A N   1 
ATOM   93   C  CA  . VAL A 1 13  ? -14.384 -2.355  5.034   1.00 25.74 ? 13  VAL A CA  1 
ATOM   94   C  C   . VAL A 1 13  ? -13.368 -1.885  6.069   1.00 27.19 ? 13  VAL A C   1 
ATOM   95   O  O   . VAL A 1 13  ? -12.213 -1.625  5.737   1.00 27.10 ? 13  VAL A O   1 
ATOM   96   C  CB  . VAL A 1 13  ? -13.815 -3.586  4.311   1.00 24.06 ? 13  VAL A CB  1 
ATOM   97   C  CG1 . VAL A 1 13  ? -13.612 -4.722  5.299   1.00 24.94 ? 13  VAL A CG1 1 
ATOM   98   C  CG2 . VAL A 1 13  ? -14.749 -4.001  3.187   1.00 24.76 ? 13  VAL A CG2 1 
ATOM   99   N  N   . SER A 1 14  ? -13.794 -1.791  7.323   1.00 25.01 ? 14  SER A N   1 
ATOM   100  C  CA  . SER A 1 14  ? -12.914 -1.327  8.392   1.00 25.76 ? 14  SER A CA  1 
ATOM   101  C  C   . SER A 1 14  ? -11.686 -2.207  8.627   1.00 25.47 ? 14  SER A C   1 
ATOM   102  O  O   . SER A 1 14  ? -10.586 -1.694  8.830   1.00 24.73 ? 14  SER A O   1 
ATOM   103  C  CB  . SER A 1 14  ? -13.702 -1.190  9.699   1.00 28.16 ? 14  SER A CB  1 
ATOM   104  O  OG  . SER A 1 14  ? -14.218 -2.441  10.114  1.00 37.56 ? 14  SER A OG  1 
ATOM   105  N  N   . SER A 1 15  ? -11.865 -3.524  8.606   1.00 22.12 ? 15  SER A N   1 
ATOM   106  C  CA  . SER A 1 15  ? -10.749 -4.438  8.828   1.00 23.07 ? 15  SER A CA  1 
ATOM   107  C  C   . SER A 1 15  ? -10.775 -5.590  7.849   1.00 22.48 ? 15  SER A C   1 
ATOM   108  O  O   . SER A 1 15  ? -11.813 -6.212  7.634   1.00 21.89 ? 15  SER A O   1 
ATOM   109  C  CB  . SER A 1 15  ? -10.777 -4.991  10.254  1.00 24.87 ? 15  SER A CB  1 
ATOM   110  O  OG  . SER A 1 15  ? -10.611 -3.952  11.197  1.00 33.28 ? 15  SER A OG  1 
ATOM   111  N  N   . PHE A 1 16  ? -9.624  -5.890  7.262   1.00 19.79 ? 16  PHE A N   1 
ATOM   112  C  CA  . PHE A 1 16  ? -9.571  -6.975  6.303   1.00 18.46 ? 16  PHE A CA  1 
ATOM   113  C  C   . PHE A 1 16  ? -8.172  -7.454  6.006   1.00 19.99 ? 16  PHE A C   1 
ATOM   114  O  O   . PHE A 1 16  ? -7.177  -6.829  6.379   1.00 19.55 ? 16  PHE A O   1 
ATOM   115  C  CB  . PHE A 1 16  ? -10.236 -6.547  4.990   1.00 18.67 ? 16  PHE A CB  1 
ATOM   116  C  CG  . PHE A 1 16  ? -9.475  -5.483  4.234   1.00 19.04 ? 16  PHE A CG  1 
ATOM   117  C  CD1 . PHE A 1 16  ? -8.410  -5.820  3.400   1.00 17.87 ? 16  PHE A CD1 1 
ATOM   118  C  CD2 . PHE A 1 16  ? -9.822  -4.144  4.366   1.00 18.50 ? 16  PHE A CD2 1 
ATOM   119  C  CE1 . PHE A 1 16  ? -7.698  -4.831  2.702   1.00 20.76 ? 16  PHE A CE1 1 
ATOM   120  C  CE2 . PHE A 1 16  ? -9.119  -3.148  3.678   1.00 21.19 ? 16  PHE A CE2 1 
ATOM   121  C  CZ  . PHE A 1 16  ? -8.056  -3.495  2.844   1.00 18.44 ? 16  PHE A CZ  1 
ATOM   122  N  N   . HIS A 1 17  ? -8.125  -8.588  5.325   1.00 19.44 ? 17  HIS A N   1 
ATOM   123  C  CA  . HIS A 1 17  ? -6.883  -9.189  4.895   1.00 21.09 ? 17  HIS A CA  1 
ATOM   124  C  C   . HIS A 1 17  ? -7.036  -9.551  3.423   1.00 21.07 ? 17  HIS A C   1 
ATOM   125  O  O   . HIS A 1 17  ? -7.887  -10.367 3.061   1.00 22.14 ? 17  HIS A O   1 
ATOM   126  C  CB  . HIS A 1 17  ? -6.588  -10.460 5.684   1.00 23.19 ? 17  HIS A CB  1 
ATOM   127  C  CG  . HIS A 1 17  ? -5.379  -11.188 5.186   1.00 26.58 ? 17  HIS A CG  1 
ATOM   128  N  ND1 . HIS A 1 17  ? -5.120  -12.504 5.513   1.00 32.11 ? 17  HIS A ND1 1 
ATOM   129  C  CD2 . HIS A 1 17  ? -4.374  -10.791 4.382   1.00 25.15 ? 17  HIS A CD2 1 
ATOM   130  C  CE1 . HIS A 1 17  ? -4.005  -12.876 4.920   1.00 27.32 ? 17  HIS A CE1 1 
ATOM   131  N  NE2 . HIS A 1 17  ? -3.525  -11.867 4.226   1.00 30.28 ? 17  HIS A NE2 1 
ATOM   132  N  N   . ALA A 1 18  ? -6.212  -8.948  2.576   1.00 18.51 ? 18  ALA A N   1 
ATOM   133  C  CA  . ALA A 1 18  ? -6.277  -9.230  1.148   1.00 18.06 ? 18  ALA A CA  1 
ATOM   134  C  C   . ALA A 1 18  ? -4.948  -9.779  0.636   1.00 19.13 ? 18  ALA A C   1 
ATOM   135  O  O   . ALA A 1 18  ? -3.885  -9.214  0.900   1.00 18.68 ? 18  ALA A O   1 
ATOM   136  C  CB  . ALA A 1 18  ? -6.654  -7.961  0.386   1.00 18.76 ? 18  ALA A CB  1 
ATOM   137  N  N   . SER A 1 19  ? -5.017  -10.891 -0.086  1.00 17.81 ? 19  SER A N   1 
ATOM   138  C  CA  . SER A 1 19  ? -3.823  -11.519 -0.641  1.00 17.90 ? 19  SER A CA  1 
ATOM   139  C  C   . SER A 1 19  ? -3.825  -11.312 -2.150  1.00 19.16 ? 19  SER A C   1 
ATOM   140  O  O   . SER A 1 19  ? -4.861  -11.467 -2.800  1.00 18.91 ? 19  SER A O   1 
ATOM   141  C  CB  . SER A 1 19  ? -3.811  -13.013 -0.316  1.00 22.79 ? 19  SER A CB  1 
ATOM   142  O  OG  . SER A 1 19  ? -2.623  -13.615 -0.794  1.00 33.26 ? 19  SER A OG  1 
ATOM   143  N  N   . PHE A 1 20  ? -2.666  -10.968 -2.702  1.00 15.28 ? 20  PHE A N   1 
ATOM   144  C  CA  . PHE A 1 20  ? -2.543  -10.699 -4.129  1.00 17.12 ? 20  PHE A CA  1 
ATOM   145  C  C   . PHE A 1 20  ? -1.380  -11.392 -4.802  1.00 18.78 ? 20  PHE A C   1 
ATOM   146  O  O   . PHE A 1 20  ? -0.330  -11.602 -4.192  1.00 20.41 ? 20  PHE A O   1 
ATOM   147  C  CB  . PHE A 1 20  ? -2.325  -9.202  -4.387  1.00 16.68 ? 20  PHE A CB  1 
ATOM   148  C  CG  . PHE A 1 20  ? -3.377  -8.317  -3.809  1.00 15.72 ? 20  PHE A CG  1 
ATOM   149  C  CD1 . PHE A 1 20  ? -3.304  -7.896  -2.486  1.00 16.14 ? 20  PHE A CD1 1 
ATOM   150  C  CD2 . PHE A 1 20  ? -4.445  -7.900  -4.591  1.00 15.80 ? 20  PHE A CD2 1 
ATOM   151  C  CE1 . PHE A 1 20  ? -4.288  -7.066  -1.947  1.00 17.93 ? 20  PHE A CE1 1 
ATOM   152  C  CE2 . PHE A 1 20  ? -5.430  -7.075  -4.064  1.00 15.13 ? 20  PHE A CE2 1 
ATOM   153  C  CZ  . PHE A 1 20  ? -5.351  -6.656  -2.739  1.00 13.17 ? 20  PHE A CZ  1 
ATOM   154  N  N   . THR A 1 21  ? -1.569  -11.731 -6.074  1.00 18.43 ? 21  THR A N   1 
ATOM   155  C  CA  . THR A 1 21  ? -0.483  -12.295 -6.856  1.00 19.93 ? 21  THR A CA  1 
ATOM   156  C  C   . THR A 1 21  ? 0.163   -11.006 -7.347  1.00 20.41 ? 21  THR A C   1 
ATOM   157  O  O   . THR A 1 21  ? -0.525  -10.086 -7.806  1.00 23.90 ? 21  THR A O   1 
ATOM   158  C  CB  . THR A 1 21  ? -0.984  -13.133 -8.054  1.00 23.71 ? 21  THR A CB  1 
ATOM   159  O  OG1 . THR A 1 21  ? -1.867  -12.349 -8.862  1.00 33.23 ? 21  THR A OG1 1 
ATOM   160  C  CG2 . THR A 1 21  ? -1.712  -14.367 -7.561  1.00 22.39 ? 21  THR A CG2 1 
ATOM   161  N  N   . GLN A 1 22  ? 1.477   -10.920 -7.217  1.00 18.30 ? 22  GLN A N   1 
ATOM   162  C  CA  . GLN A 1 22  ? 2.200   -9.723  -7.605  1.00 17.14 ? 22  GLN A CA  1 
ATOM   163  C  C   . GLN A 1 22  ? 3.041   -9.919  -8.854  1.00 19.56 ? 22  GLN A C   1 
ATOM   164  O  O   . GLN A 1 22  ? 3.595   -10.994 -9.082  1.00 19.76 ? 22  GLN A O   1 
ATOM   165  C  CB  . GLN A 1 22  ? 3.091   -9.275  -6.434  1.00 16.38 ? 22  GLN A CB  1 
ATOM   166  C  CG  . GLN A 1 22  ? 4.162   -8.240  -6.768  1.00 19.08 ? 22  GLN A CG  1 
ATOM   167  C  CD  . GLN A 1 22  ? 5.182   -8.072  -5.646  1.00 20.02 ? 22  GLN A CD  1 
ATOM   168  O  OE1 . GLN A 1 22  ? 5.716   -9.058  -5.125  1.00 17.97 ? 22  GLN A OE1 1 
ATOM   169  N  NE2 . GLN A 1 22  ? 5.467   -6.826  -5.275  1.00 16.60 ? 22  GLN A NE2 1 
ATOM   170  N  N   . LYS A 1 23  ? 3.112   -8.875  -9.672  1.00 18.22 ? 23  LYS A N   1 
ATOM   171  C  CA  . LYS A 1 23  ? 3.926   -8.895  -10.886 1.00 22.07 ? 23  LYS A CA  1 
ATOM   172  C  C   . LYS A 1 23  ? 4.719   -7.596  -10.922 1.00 21.79 ? 23  LYS A C   1 
ATOM   173  O  O   . LYS A 1 23  ? 4.149   -6.513  -10.782 1.00 21.40 ? 23  LYS A O   1 
ATOM   174  C  CB  . LYS A 1 23  ? 3.049   -9.000  -12.134 1.00 22.81 ? 23  LYS A CB  1 
ATOM   175  C  CG  . LYS A 1 23  ? 2.409   -10.360 -12.341 1.00 30.80 ? 23  LYS A CG  1 
ATOM   176  C  CD  . LYS A 1 23  ? 1.567   -10.353 -13.603 1.00 36.81 ? 23  LYS A CD  1 
ATOM   177  C  CE  . LYS A 1 23  ? 0.878   -11.685 -13.832 1.00 39.87 ? 23  LYS A CE  1 
ATOM   178  N  NZ  . LYS A 1 23  ? -0.046  -11.607 -15.000 1.00 42.78 ? 23  LYS A NZ  1 
ATOM   179  N  N   . VAL A 1 24  ? 6.033   -7.703  -11.107 1.00 20.22 ? 24  VAL A N   1 
ATOM   180  C  CA  . VAL A 1 24  ? 6.900   -6.531  -11.137 1.00 22.07 ? 24  VAL A CA  1 
ATOM   181  C  C   . VAL A 1 24  ? 7.905   -6.586  -12.284 1.00 25.98 ? 24  VAL A C   1 
ATOM   182  O  O   . VAL A 1 24  ? 8.414   -7.651  -12.629 1.00 23.74 ? 24  VAL A O   1 
ATOM   183  C  CB  . VAL A 1 24  ? 7.695   -6.396  -9.816  1.00 24.70 ? 24  VAL A CB  1 
ATOM   184  C  CG1 . VAL A 1 24  ? 8.535   -5.131  -9.836  1.00 25.72 ? 24  VAL A CG1 1 
ATOM   185  C  CG2 . VAL A 1 24  ? 6.739   -6.392  -8.630  1.00 21.27 ? 24  VAL A CG2 1 
ATOM   186  N  N   . THR A 1 25  ? 8.184   -5.426  -12.867 1.00 28.28 ? 25  THR A N   1 
ATOM   187  C  CA  . THR A 1 25  ? 9.141   -5.314  -13.958 1.00 33.79 ? 25  THR A CA  1 
ATOM   188  C  C   . THR A 1 25  ? 9.911   -4.008  -13.776 1.00 38.39 ? 25  THR A C   1 
ATOM   189  O  O   . THR A 1 25  ? 9.332   -2.986  -13.408 1.00 37.14 ? 25  THR A O   1 
ATOM   190  C  CB  . THR A 1 25  ? 8.439   -5.281  -15.327 1.00 33.53 ? 25  THR A CB  1 
ATOM   191  O  OG1 . THR A 1 25  ? 7.602   -4.124  -15.399 1.00 40.12 ? 25  THR A OG1 1 
ATOM   192  C  CG2 . THR A 1 25  ? 7.587   -6.529  -15.523 1.00 33.03 ? 25  THR A CG2 1 
ATOM   193  N  N   . ASP A 1 26  ? 11.217  -4.046  -14.023 1.00 43.08 ? 26  ASP A N   1 
ATOM   194  C  CA  . ASP A 1 26  ? 12.058  -2.860  -13.884 1.00 45.86 ? 26  ASP A CA  1 
ATOM   195  C  C   . ASP A 1 26  ? 11.911  -1.931  -15.082 1.00 48.19 ? 26  ASP A C   1 
ATOM   196  O  O   . ASP A 1 26  ? 12.468  -0.831  -15.101 1.00 50.79 ? 26  ASP A O   1 
ATOM   197  C  CB  . ASP A 1 26  ? 13.523  -3.271  -13.726 1.00 48.38 ? 26  ASP A CB  1 
ATOM   198  C  CG  . ASP A 1 26  ? 13.995  -4.186  -14.840 1.00 51.69 ? 26  ASP A CG  1 
ATOM   199  O  OD1 . ASP A 1 26  ? 13.985  -3.756  -16.014 1.00 54.37 ? 26  ASP A OD1 1 
ATOM   200  O  OD2 . ASP A 1 26  ? 14.371  -5.340  -14.542 1.00 53.32 ? 26  ASP A OD2 1 
ATOM   201  N  N   . VAL A 1 32  ? 8.991   -10.317 -16.543 1.00 30.24 ? 32  VAL A N   1 
ATOM   202  C  CA  . VAL A 1 32  ? 7.967   -10.140 -15.521 1.00 26.40 ? 32  VAL A CA  1 
ATOM   203  C  C   . VAL A 1 32  ? 8.259   -11.020 -14.308 1.00 24.35 ? 32  VAL A C   1 
ATOM   204  O  O   . VAL A 1 32  ? 8.206   -12.247 -14.387 1.00 22.41 ? 32  VAL A O   1 
ATOM   205  C  CB  . VAL A 1 32  ? 6.564   -10.503 -16.053 1.00 31.11 ? 32  VAL A CB  1 
ATOM   206  C  CG1 . VAL A 1 32  ? 5.530   -10.353 -14.943 1.00 33.25 ? 32  VAL A CG1 1 
ATOM   207  C  CG2 . VAL A 1 32  ? 6.209   -9.612  -17.230 1.00 33.66 ? 32  VAL A CG2 1 
ATOM   208  N  N   . GLN A 1 33  ? 8.557   -10.384 -13.183 1.00 21.93 ? 33  GLN A N   1 
ATOM   209  C  CA  . GLN A 1 33  ? 8.854   -11.112 -11.960 1.00 22.09 ? 33  GLN A CA  1 
ATOM   210  C  C   . GLN A 1 33  ? 7.591   -11.288 -11.127 1.00 22.25 ? 33  GLN A C   1 
ATOM   211  O  O   . GLN A 1 33  ? 6.958   -10.310 -10.731 1.00 22.61 ? 33  GLN A O   1 
ATOM   212  C  CB  . GLN A 1 33  ? 9.917   -10.357 -11.162 1.00 21.12 ? 33  GLN A CB  1 
ATOM   213  C  CG  . GLN A 1 33  ? 11.244  -10.226 -11.889 1.00 24.01 ? 33  GLN A CG  1 
ATOM   214  C  CD  . GLN A 1 33  ? 11.869  -11.575 -12.175 1.00 25.92 ? 33  GLN A CD  1 
ATOM   215  O  OE1 . GLN A 1 33  ? 11.839  -12.067 -13.306 1.00 25.88 ? 33  GLN A OE1 1 
ATOM   216  N  NE2 . GLN A 1 33  ? 12.419  -12.193 -11.142 1.00 26.44 ? 33  GLN A NE2 1 
ATOM   217  N  N   . GLU A 1 34  ? 7.234   -12.540 -10.860 1.00 21.56 ? 34  GLU A N   1 
ATOM   218  C  CA  . GLU A 1 34  ? 6.046   -12.856 -10.083 1.00 23.09 ? 34  GLU A CA  1 
ATOM   219  C  C   . GLU A 1 34  ? 6.328   -13.039 -8.602  1.00 22.56 ? 34  GLU A C   1 
ATOM   220  O  O   . GLU A 1 34  ? 7.316   -13.663 -8.209  1.00 21.35 ? 34  GLU A O   1 
ATOM   221  C  CB  . GLU A 1 34  ? 5.384   -14.117 -10.628 1.00 26.22 ? 34  GLU A CB  1 
ATOM   222  C  CG  . GLU A 1 34  ? 4.984   -14.002 -12.081 1.00 35.62 ? 34  GLU A CG  1 
ATOM   223  C  CD  . GLU A 1 34  ? 4.104   -15.146 -12.535 1.00 41.64 ? 34  GLU A CD  1 
ATOM   224  O  OE1 . GLU A 1 34  ? 3.707   -15.970 -11.683 1.00 45.00 ? 34  GLU A OE1 1 
ATOM   225  O  OE2 . GLU A 1 34  ? 3.803   -15.217 -13.745 1.00 43.72 ? 34  GLU A OE2 1 
ATOM   226  N  N   . GLY A 1 35  ? 5.440   -12.490 -7.783  1.00 20.20 ? 35  GLY A N   1 
ATOM   227  C  CA  . GLY A 1 35  ? 5.598   -12.602 -6.350  1.00 18.35 ? 35  GLY A CA  1 
ATOM   228  C  C   . GLY A 1 35  ? 4.260   -12.668 -5.654  1.00 17.82 ? 35  GLY A C   1 
ATOM   229  O  O   . GLY A 1 35  ? 3.227   -12.946 -6.270  1.00 16.26 ? 35  GLY A O   1 
ATOM   230  N  N   . GLN A 1 36  ? 4.281   -12.397 -4.358  1.00 16.28 ? 36  GLN A N   1 
ATOM   231  C  CA  . GLN A 1 36  ? 3.079   -12.433 -3.546  1.00 17.04 ? 36  GLN A CA  1 
ATOM   232  C  C   . GLN A 1 36  ? 2.992   -11.141 -2.748  1.00 15.36 ? 36  GLN A C   1 
ATOM   233  O  O   . GLN A 1 36  ? 4.005   -10.655 -2.241  1.00 15.48 ? 36  GLN A O   1 
ATOM   234  C  CB  . GLN A 1 36  ? 3.149   -13.620 -2.582  1.00 22.11 ? 36  GLN A CB  1 
ATOM   235  C  CG  . GLN A 1 36  ? 3.346   -14.968 -3.272  1.00 29.12 ? 36  GLN A CG  1 
ATOM   236  C  CD  . GLN A 1 36  ? 3.925   -16.030 -2.347  1.00 30.23 ? 36  GLN A CD  1 
ATOM   237  O  OE1 . GLN A 1 36  ? 5.117   -16.016 -2.031  1.00 25.46 ? 36  GLN A OE1 1 
ATOM   238  N  NE2 . GLN A 1 36  ? 3.080   -16.958 -1.911  1.00 31.25 ? 36  GLN A NE2 1 
ATOM   239  N  N   . GLY A 1 37  ? 1.785   -10.595 -2.648  1.00 17.54 ? 37  GLY A N   1 
ATOM   240  C  CA  . GLY A 1 37  ? 1.559   -9.377  -1.894  1.00 17.52 ? 37  GLY A CA  1 
ATOM   241  C  C   . GLY A 1 37  ? 0.441   -9.648  -0.906  1.00 17.71 ? 37  GLY A C   1 
ATOM   242  O  O   . GLY A 1 37  ? -0.570  -10.245 -1.272  1.00 20.45 ? 37  GLY A O   1 
ATOM   243  N  N   . ASP A 1 38  ? 0.617   -9.221  0.341   1.00 17.31 ? 38  ASP A N   1 
ATOM   244  C  CA  . ASP A 1 38  ? -0.379  -9.437  1.386   1.00 17.54 ? 38  ASP A CA  1 
ATOM   245  C  C   . ASP A 1 38  ? -0.617  -8.142  2.154   1.00 16.46 ? 38  ASP A C   1 
ATOM   246  O  O   . ASP A 1 38  ? 0.327   -7.509  2.623   1.00 15.05 ? 38  ASP A O   1 
ATOM   247  C  CB  . ASP A 1 38  ? 0.116   -10.522 2.346   1.00 21.34 ? 38  ASP A CB  1 
ATOM   248  C  CG  . ASP A 1 38  ? -0.804  -11.722 2.401   1.00 33.88 ? 38  ASP A CG  1 
ATOM   249  O  OD1 . ASP A 1 38  ? -1.208  -12.218 1.331   1.00 33.06 ? 38  ASP A OD1 1 
ATOM   250  O  OD2 . ASP A 1 38  ? -1.112  -12.176 3.521   1.00 41.47 ? 38  ASP A OD2 1 
ATOM   251  N  N   . LEU A 1 39  ? -1.880  -7.755  2.283   1.00 15.14 ? 39  LEU A N   1 
ATOM   252  C  CA  . LEU A 1 39  ? -2.222  -6.532  2.995   1.00 15.89 ? 39  LEU A CA  1 
ATOM   253  C  C   . LEU A 1 39  ? -3.229  -6.793  4.105   1.00 16.55 ? 39  LEU A C   1 
ATOM   254  O  O   . LEU A 1 39  ? -4.265  -7.427  3.879   1.00 14.93 ? 39  LEU A O   1 
ATOM   255  C  CB  . LEU A 1 39  ? -2.800  -5.504  2.020   1.00 15.80 ? 39  LEU A CB  1 
ATOM   256  C  CG  . LEU A 1 39  ? -3.394  -4.216  2.607   1.00 13.77 ? 39  LEU A CG  1 
ATOM   257  C  CD1 . LEU A 1 39  ? -2.297  -3.350  3.208   1.00 14.38 ? 39  LEU A CD1 1 
ATOM   258  C  CD2 . LEU A 1 39  ? -4.134  -3.463  1.507   1.00 20.38 ? 39  LEU A CD2 1 
ATOM   259  N  N   . TRP A 1 40  ? -2.900  -6.318  5.305   1.00 13.45 ? 40  TRP A N   1 
ATOM   260  C  CA  . TRP A 1 40  ? -3.769  -6.426  6.471   1.00 14.55 ? 40  TRP A CA  1 
ATOM   261  C  C   . TRP A 1 40  ? -4.075  -4.972  6.823   1.00 15.50 ? 40  TRP A C   1 
ATOM   262  O  O   . TRP A 1 40  ? -3.159  -4.147  6.908   1.00 13.56 ? 40  TRP A O   1 
ATOM   263  C  CB  . TRP A 1 40  ? -3.043  -7.099  7.642   1.00 13.85 ? 40  TRP A CB  1 
ATOM   264  C  CG  . TRP A 1 40  ? -2.758  -8.568  7.448   1.00 15.00 ? 40  TRP A CG  1 
ATOM   265  C  CD1 . TRP A 1 40  ? -3.551  -9.617  7.827   1.00 19.70 ? 40  TRP A CD1 1 
ATOM   266  C  CD2 . TRP A 1 40  ? -1.592  -9.143  6.847   1.00 19.80 ? 40  TRP A CD2 1 
ATOM   267  N  NE1 . TRP A 1 40  ? -2.948  -10.810 7.499   1.00 20.62 ? 40  TRP A NE1 1 
ATOM   268  C  CE2 . TRP A 1 40  ? -1.748  -10.550 6.892   1.00 18.52 ? 40  TRP A CE2 1 
ATOM   269  C  CE3 . TRP A 1 40  ? -0.435  -8.611  6.262   1.00 25.09 ? 40  TRP A CE3 1 
ATOM   270  C  CZ2 . TRP A 1 40  ? -0.782  -11.428 6.391   1.00 23.72 ? 40  TRP A CZ2 1 
ATOM   271  C  CZ3 . TRP A 1 40  ? 0.528   -9.487  5.762   1.00 24.62 ? 40  TRP A CZ3 1 
ATOM   272  C  CH2 . TRP A 1 40  ? 0.344   -10.881 5.826   1.00 27.80 ? 40  TRP A CH2 1 
ATOM   273  N  N   . VAL A 1 41  ? -5.349  -4.658  7.021   1.00 12.90 ? 41  VAL A N   1 
ATOM   274  C  CA  . VAL A 1 41  ? -5.754  -3.295  7.331   1.00 14.09 ? 41  VAL A CA  1 
ATOM   275  C  C   . VAL A 1 41  ? -6.751  -3.196  8.478   1.00 17.23 ? 41  VAL A C   1 
ATOM   276  O  O   . VAL A 1 41  ? -7.593  -4.072  8.667   1.00 17.32 ? 41  VAL A O   1 
ATOM   277  C  CB  . VAL A 1 41  ? -6.389  -2.618  6.081   1.00 16.26 ? 41  VAL A CB  1 
ATOM   278  C  CG1 . VAL A 1 41  ? -7.164  -1.375  6.482   1.00 16.97 ? 41  VAL A CG1 1 
ATOM   279  C  CG2 . VAL A 1 41  ? -5.306  -2.255  5.071   1.00 16.30 ? 41  VAL A CG2 1 
ATOM   280  N  N   . LYS A 1 42  ? -6.630  -2.112  9.234   1.00 18.94 ? 42  LYS A N   1 
ATOM   281  C  CA  . LYS A 1 42  ? -7.525  -1.805  10.339  1.00 21.29 ? 42  LYS A CA  1 
ATOM   282  C  C   . LYS A 1 42  ? -7.639  -0.288  10.231  1.00 20.16 ? 42  LYS A C   1 
ATOM   283  O  O   . LYS A 1 42  ? -6.774  0.439   10.716  1.00 19.15 ? 42  LYS A O   1 
ATOM   284  C  CB  . LYS A 1 42  ? -6.889  -2.195  11.675  1.00 24.33 ? 42  LYS A CB  1 
ATOM   285  C  CG  . LYS A 1 42  ? -7.869  -2.603  12.753  1.00 32.99 ? 42  LYS A CG  1 
ATOM   286  C  CD  . LYS A 1 42  ? -8.977  -1.595  12.950  1.00 32.04 ? 42  LYS A CD  1 
ATOM   287  C  CE  . LYS A 1 42  ? -9.861  -2.015  14.115  1.00 38.69 ? 42  LYS A CE  1 
ATOM   288  N  NZ  . LYS A 1 42  ? -11.075 -1.170  14.227  1.00 41.64 ? 42  LYS A NZ  1 
ATOM   289  N  N   . ARG A 1 43  ? -8.688  0.187   9.567   1.00 21.11 ? 43  ARG A N   1 
ATOM   290  C  CA  . ARG A 1 43  ? -8.871  1.620   9.375   1.00 19.93 ? 43  ARG A CA  1 
ATOM   291  C  C   . ARG A 1 43  ? -8.969  2.389   10.686  1.00 22.64 ? 43  ARG A C   1 
ATOM   292  O  O   . ARG A 1 43  ? -9.519  1.895   11.667  1.00 22.24 ? 43  ARG A O   1 
ATOM   293  C  CB  . ARG A 1 43  ? -10.100 1.890   8.504   1.00 21.06 ? 43  ARG A CB  1 
ATOM   294  C  CG  . ARG A 1 43  ? -9.982  1.345   7.079   1.00 18.61 ? 43  ARG A CG  1 
ATOM   295  C  CD  . ARG A 1 43  ? -8.709  1.852   6.384   1.00 22.50 ? 43  ARG A CD  1 
ATOM   296  N  NE  . ARG A 1 43  ? -8.676  1.515   4.961   1.00 21.93 ? 43  ARG A NE  1 
ATOM   297  C  CZ  . ARG A 1 43  ? -7.619  1.689   4.171   1.00 21.75 ? 43  ARG A CZ  1 
ATOM   298  N  NH1 . ARG A 1 43  ? -6.491  2.191   4.659   1.00 24.08 ? 43  ARG A NH1 1 
ATOM   299  N  NH2 . ARG A 1 43  ? -7.695  1.378   2.886   1.00 18.11 ? 43  ARG A NH2 1 
ATOM   300  N  N   . PRO A 1 44  ? -8.490  3.642   10.693  1.00 22.96 ? 44  PRO A N   1 
ATOM   301  C  CA  . PRO A 1 44  ? -7.891  4.297   9.527   1.00 21.35 ? 44  PRO A CA  1 
ATOM   302  C  C   . PRO A 1 44  ? -6.362  4.321   9.423   1.00 20.69 ? 44  PRO A C   1 
ATOM   303  O  O   . PRO A 1 44  ? -5.827  4.594   8.347   1.00 19.09 ? 44  PRO A O   1 
ATOM   304  C  CB  . PRO A 1 44  ? -8.441  5.704   9.640   1.00 25.50 ? 44  PRO A CB  1 
ATOM   305  C  CG  . PRO A 1 44  ? -8.305  5.942   11.124  1.00 26.71 ? 44  PRO A CG  1 
ATOM   306  C  CD  . PRO A 1 44  ? -8.803  4.635   11.738  1.00 26.86 ? 44  PRO A CD  1 
ATOM   307  N  N   . ASN A 1 45  ? -5.668  4.026   10.517  1.00 17.59 ? 45  ASN A N   1 
ATOM   308  C  CA  . ASN A 1 45  ? -4.208  4.114   10.533  1.00 17.90 ? 45  ASN A CA  1 
ATOM   309  C  C   . ASN A 1 45  ? -3.369  2.860   10.762  1.00 16.54 ? 45  ASN A C   1 
ATOM   310  O  O   . ASN A 1 45  ? -2.153  2.961   10.904  1.00 16.21 ? 45  ASN A O   1 
ATOM   311  C  CB  . ASN A 1 45  ? -3.798  5.171   11.567  1.00 18.58 ? 45  ASN A CB  1 
ATOM   312  C  CG  . ASN A 1 45  ? -4.359  6.556   11.249  1.00 25.80 ? 45  ASN A CG  1 
ATOM   313  O  OD1 . ASN A 1 45  ? -4.441  7.425   12.122  1.00 29.64 ? 45  ASN A OD1 1 
ATOM   314  N  ND2 . ASN A 1 45  ? -4.733  6.767   9.996   1.00 26.21 ? 45  ASN A ND2 1 
ATOM   315  N  N   . LEU A 1 46  ? -3.991  1.687   10.815  1.00 14.96 ? 46  LEU A N   1 
ATOM   316  C  CA  . LEU A 1 46  ? -3.219  0.469   11.036  1.00 14.77 ? 46  LEU A CA  1 
ATOM   317  C  C   . LEU A 1 46  ? -3.142  -0.386  9.785   1.00 13.35 ? 46  LEU A C   1 
ATOM   318  O  O   . LEU A 1 46  ? -4.143  -0.587  9.096   1.00 15.48 ? 46  LEU A O   1 
ATOM   319  C  CB  . LEU A 1 46  ? -3.841  -0.350  12.171  1.00 16.08 ? 46  LEU A CB  1 
ATOM   320  C  CG  . LEU A 1 46  ? -3.967  0.357   13.522  1.00 16.51 ? 46  LEU A CG  1 
ATOM   321  C  CD1 . LEU A 1 46  ? -4.831  -0.464  14.476  1.00 20.25 ? 46  LEU A CD1 1 
ATOM   322  C  CD2 . LEU A 1 46  ? -2.584  0.566   14.106  1.00 14.02 ? 46  LEU A CD2 1 
ATOM   323  N  N   . PHE A 1 47  ? -1.947  -0.881  9.480   1.00 12.16 ? 47  PHE A N   1 
ATOM   324  C  CA  . PHE A 1 47  ? -1.779  -1.753  8.329   1.00 10.80 ? 47  PHE A CA  1 
ATOM   325  C  C   . PHE A 1 47  ? -0.471  -2.518  8.359   1.00 10.88 ? 47  PHE A C   1 
ATOM   326  O  O   . PHE A 1 47  ? 0.456   -2.178  9.102   1.00 11.84 ? 47  PHE A O   1 
ATOM   327  C  CB  . PHE A 1 47  ? -1.938  -0.974  7.008   1.00 10.47 ? 47  PHE A CB  1 
ATOM   328  C  CG  . PHE A 1 47  ? -0.960  0.163   6.822   1.00 10.44 ? 47  PHE A CG  1 
ATOM   329  C  CD1 . PHE A 1 47  ? 0.339   -0.075  6.392   1.00 13.98 ? 47  PHE A CD1 1 
ATOM   330  C  CD2 . PHE A 1 47  ? -1.364  1.480   7.037   1.00 12.96 ? 47  PHE A CD2 1 
ATOM   331  C  CE1 . PHE A 1 47  ? 1.228   0.990   6.173   1.00 13.43 ? 47  PHE A CE1 1 
ATOM   332  C  CE2 . PHE A 1 47  ? -0.488  2.544   6.822   1.00 17.81 ? 47  PHE A CE2 1 
ATOM   333  C  CZ  . PHE A 1 47  ? 0.810   2.299   6.389   1.00 13.29 ? 47  PHE A CZ  1 
ATOM   334  N  N   . ASN A 1 48  ? -0.431  -3.586  7.575   1.00 10.27 ? 48  ASN A N   1 
ATOM   335  C  CA  . ASN A 1 48  ? 0.746   -4.431  7.462   1.00 13.45 ? 48  ASN A CA  1 
ATOM   336  C  C   . ASN A 1 48  ? 0.776   -4.857  6.007   1.00 12.58 ? 48  ASN A C   1 
ATOM   337  O  O   . ASN A 1 48  ? -0.181  -5.443  5.507   1.00 13.40 ? 48  ASN A O   1 
ATOM   338  C  CB  . ASN A 1 48  ? 0.611   -5.670  8.354   1.00 14.53 ? 48  ASN A CB  1 
ATOM   339  C  CG  . ASN A 1 48  ? 1.846   -6.563  8.319   1.00 19.19 ? 48  ASN A CG  1 
ATOM   340  O  OD1 . ASN A 1 48  ? 2.341   -6.927  7.248   1.00 14.54 ? 48  ASN A OD1 1 
ATOM   341  N  ND2 . ASN A 1 48  ? 2.343   -6.930  9.502   1.00 17.37 ? 48  ASN A ND2 1 
ATOM   342  N  N   . TRP A 1 49  ? 1.861   -4.528  5.322   1.00 12.32 ? 49  TRP A N   1 
ATOM   343  C  CA  . TRP A 1 49  ? 2.011   -4.905  3.926   1.00 11.78 ? 49  TRP A CA  1 
ATOM   344  C  C   . TRP A 1 49  ? 3.260   -5.753  3.790   1.00 12.27 ? 49  TRP A C   1 
ATOM   345  O  O   . TRP A 1 49  ? 4.307   -5.419  4.338   1.00 13.43 ? 49  TRP A O   1 
ATOM   346  C  CB  . TRP A 1 49  ? 2.127   -3.666  3.037   1.00 12.10 ? 49  TRP A CB  1 
ATOM   347  C  CG  . TRP A 1 49  ? 2.561   -3.983  1.629   1.00 11.34 ? 49  TRP A CG  1 
ATOM   348  C  CD1 . TRP A 1 49  ? 3.814   -3.838  1.110   1.00 10.73 ? 49  TRP A CD1 1 
ATOM   349  C  CD2 . TRP A 1 49  ? 1.745   -4.506  0.568   1.00 13.42 ? 49  TRP A CD2 1 
ATOM   350  N  NE1 . TRP A 1 49  ? 3.833   -4.240  -0.211  1.00 14.46 ? 49  TRP A NE1 1 
ATOM   351  C  CE2 . TRP A 1 49  ? 2.577   -4.656  -0.566  1.00 13.97 ? 49  TRP A CE2 1 
ATOM   352  C  CE3 . TRP A 1 49  ? 0.393   -4.868  0.467   1.00 15.33 ? 49  TRP A CE3 1 
ATOM   353  C  CZ2 . TRP A 1 49  ? 2.098   -5.143  -1.795  1.00 11.38 ? 49  TRP A CZ2 1 
ATOM   354  C  CZ3 . TRP A 1 49  ? -0.083  -5.352  -0.752  1.00 13.80 ? 49  TRP A CZ3 1 
ATOM   355  C  CH2 . TRP A 1 49  ? 0.774   -5.489  -1.866  1.00 13.95 ? 49  TRP A CH2 1 
ATOM   356  N  N   . HIS A 1 50  ? 3.139   -6.847  3.052   1.00 11.10 ? 50  HIS A N   1 
ATOM   357  C  CA  . HIS A 1 50  ? 4.258   -7.753  2.834   1.00 13.64 ? 50  HIS A CA  1 
ATOM   358  C  C   . HIS A 1 50  ? 4.266   -8.173  1.371   1.00 14.70 ? 50  HIS A C   1 
ATOM   359  O  O   . HIS A 1 50  ? 3.230   -8.561  0.835   1.00 13.25 ? 50  HIS A O   1 
ATOM   360  C  CB  . HIS A 1 50  ? 4.099   -8.986  3.728   1.00 17.71 ? 50  HIS A CB  1 
ATOM   361  C  CG  . HIS A 1 50  ? 5.201   -9.988  3.572   1.00 22.37 ? 50  HIS A CG  1 
ATOM   362  N  ND1 . HIS A 1 50  ? 5.370   -10.735 2.432   1.00 32.41 ? 50  HIS A ND1 1 
ATOM   363  C  CD2 . HIS A 1 50  ? 6.193   -10.347 4.419   1.00 28.94 ? 50  HIS A CD2 1 
ATOM   364  C  CE1 . HIS A 1 50  ? 6.429   -11.521 2.579   1.00 29.60 ? 50  HIS A CE1 1 
ATOM   365  N  NE2 . HIS A 1 50  ? 6.941   -11.302 3.772   1.00 28.04 ? 50  HIS A NE2 1 
ATOM   366  N  N   . MET A 1 51  ? 5.423   -8.076  0.727   1.00 14.27 ? 51  MET A N   1 
ATOM   367  C  CA  . MET A 1 51  ? 5.543   -8.486  -0.669  1.00 15.07 ? 51  MET A CA  1 
ATOM   368  C  C   . MET A 1 51  ? 6.891   -9.161  -0.870  1.00 16.30 ? 51  MET A C   1 
ATOM   369  O  O   . MET A 1 51  ? 7.821   -8.942  -0.094  1.00 14.63 ? 51  MET A O   1 
ATOM   370  C  CB  . MET A 1 51  ? 5.411   -7.282  -1.608  1.00 11.85 ? 51  MET A CB  1 
ATOM   371  C  CG  . MET A 1 51  ? 6.499   -6.244  -1.450  1.00 16.03 ? 51  MET A CG  1 
ATOM   372  S  SD  . MET A 1 51  ? 6.206   -4.837  -2.527  1.00 16.29 ? 51  MET A SD  1 
ATOM   373  C  CE  . MET A 1 51  ? 7.746   -3.978  -2.320  1.00 19.74 ? 51  MET A CE  1 
ATOM   374  N  N   . THR A 1 52  ? 7.002   -9.979  -1.915  1.00 15.51 ? 52  THR A N   1 
ATOM   375  C  CA  . THR A 1 52  ? 8.249   -10.687 -2.172  1.00 16.30 ? 52  THR A CA  1 
ATOM   376  C  C   . THR A 1 52  ? 9.085   -10.112 -3.321  1.00 17.48 ? 52  THR A C   1 
ATOM   377  O  O   . THR A 1 52  ? 10.285  -10.382 -3.412  1.00 19.04 ? 52  THR A O   1 
ATOM   378  C  CB  . THR A 1 52  ? 7.969   -12.184 -2.429  1.00 14.53 ? 52  THR A CB  1 
ATOM   379  O  OG1 . THR A 1 52  ? 7.074   -12.324 -3.538  1.00 16.60 ? 52  THR A OG1 1 
ATOM   380  C  CG2 . THR A 1 52  ? 7.335   -12.828 -1.191  1.00 15.38 ? 52  THR A CG2 1 
ATOM   381  N  N   . GLN A 1 53  ? 8.463   -9.322  -4.195  1.00 15.77 ? 53  GLN A N   1 
ATOM   382  C  CA  . GLN A 1 53  ? 9.186   -8.721  -5.321  1.00 20.11 ? 53  GLN A CA  1 
ATOM   383  C  C   . GLN A 1 53  ? 9.173   -7.197  -5.228  1.00 22.59 ? 53  GLN A C   1 
ATOM   384  O  O   . GLN A 1 53  ? 8.220   -6.615  -4.719  1.00 19.69 ? 53  GLN A O   1 
ATOM   385  C  CB  . GLN A 1 53  ? 8.568   -9.166  -6.644  1.00 20.29 ? 53  GLN A CB  1 
ATOM   386  C  CG  . GLN A 1 53  ? 8.769   -10.638 -6.969  1.00 22.96 ? 53  GLN A CG  1 
ATOM   387  C  CD  . GLN A 1 53  ? 10.205  -10.959 -7.352  1.00 26.37 ? 53  GLN A CD  1 
ATOM   388  O  OE1 . GLN A 1 53  ? 11.061  -10.080 -7.400  1.00 23.58 ? 53  GLN A OE1 1 
ATOM   389  N  NE2 . GLN A 1 53  ? 10.471  -12.229 -7.633  1.00 30.62 ? 53  GLN A NE2 1 
ATOM   390  N  N   . PRO A 1 54  ? 10.230  -6.530  -5.733  1.00 25.58 ? 54  PRO A N   1 
ATOM   391  C  CA  . PRO A 1 54  ? 11.436  -7.114  -6.338  1.00 25.75 ? 54  PRO A CA  1 
ATOM   392  C  C   . PRO A 1 54  ? 12.383  -7.697  -5.291  1.00 27.17 ? 54  PRO A C   1 
ATOM   393  O  O   . PRO A 1 54  ? 13.334  -8.409  -5.612  1.00 26.90 ? 54  PRO A O   1 
ATOM   394  C  CB  . PRO A 1 54  ? 12.041  -5.928  -7.091  1.00 27.29 ? 54  PRO A CB  1 
ATOM   395  C  CG  . PRO A 1 54  ? 11.674  -4.772  -6.226  1.00 28.61 ? 54  PRO A CG  1 
ATOM   396  C  CD  . PRO A 1 54  ? 10.227  -5.066  -5.888  1.00 26.91 ? 54  PRO A CD  1 
ATOM   397  N  N   . ASP A 1 55  ? 12.104  -7.374  -4.033  1.00 25.87 ? 55  ASP A N   1 
ATOM   398  C  CA  . ASP A 1 55  ? 12.862  -7.852  -2.885  1.00 26.26 ? 55  ASP A CA  1 
ATOM   399  C  C   . ASP A 1 55  ? 11.830  -7.980  -1.778  1.00 25.83 ? 55  ASP A C   1 
ATOM   400  O  O   . ASP A 1 55  ? 10.875  -7.201  -1.733  1.00 23.08 ? 55  ASP A O   1 
ATOM   401  C  CB  . ASP A 1 55  ? 13.927  -6.836  -2.473  1.00 28.87 ? 55  ASP A CB  1 
ATOM   402  C  CG  . ASP A 1 55  ? 14.966  -6.616  -3.548  1.00 36.74 ? 55  ASP A CG  1 
ATOM   403  O  OD1 . ASP A 1 55  ? 15.710  -7.569  -3.864  1.00 39.42 ? 55  ASP A OD1 1 
ATOM   404  O  OD2 . ASP A 1 55  ? 15.036  -5.489  -4.080  1.00 39.80 ? 55  ASP A OD2 1 
ATOM   405  N  N   . GLU A 1 56  ? 11.997  -8.955  -0.890  1.00 22.96 ? 56  GLU A N   1 
ATOM   406  C  CA  . GLU A 1 56  ? 11.020  -9.106  0.172   1.00 21.09 ? 56  GLU A CA  1 
ATOM   407  C  C   . GLU A 1 56  ? 11.012  -7.857  1.039   1.00 20.27 ? 56  GLU A C   1 
ATOM   408  O  O   . GLU A 1 56  ? 12.049  -7.422  1.533   1.00 19.61 ? 56  GLU A O   1 
ATOM   409  C  CB  . GLU A 1 56  ? 11.318  -10.330 1.028   1.00 21.39 ? 56  GLU A CB  1 
ATOM   410  C  CG  . GLU A 1 56  ? 10.371  -10.425 2.193   1.00 23.39 ? 56  GLU A CG  1 
ATOM   411  C  CD  . GLU A 1 56  ? 10.448  -11.742 2.894   1.00 29.81 ? 56  GLU A CD  1 
ATOM   412  O  OE1 . GLU A 1 56  ? 11.568  -12.189 3.211   1.00 36.76 ? 56  GLU A OE1 1 
ATOM   413  O  OE2 . GLU A 1 56  ? 9.379   -12.324 3.142   1.00 28.78 ? 56  GLU A OE2 1 
ATOM   414  N  N   . SER A 1 57  ? 9.833   -7.277  1.217   1.00 19.41 ? 57  SER A N   1 
ATOM   415  C  CA  . SER A 1 57  ? 9.713   -6.063  2.004   1.00 19.40 ? 57  SER A CA  1 
ATOM   416  C  C   . SER A 1 57  ? 8.514   -6.151  2.922   1.00 17.14 ? 57  SER A C   1 
ATOM   417  O  O   . SER A 1 57  ? 7.496   -6.746  2.575   1.00 17.97 ? 57  SER A O   1 
ATOM   418  C  CB  . SER A 1 57  ? 9.552   -4.845  1.083   1.00 21.19 ? 57  SER A CB  1 
ATOM   419  O  OG  . SER A 1 57  ? 10.598  -4.773  0.128   1.00 28.46 ? 57  SER A OG  1 
ATOM   420  N  N   . ILE A 1 58  ? 8.643   -5.555  4.100   1.00 16.79 ? 58  ILE A N   1 
ATOM   421  C  CA  . ILE A 1 58  ? 7.556   -5.541  5.060   1.00 16.30 ? 58  ILE A CA  1 
ATOM   422  C  C   . ILE A 1 58  ? 7.359   -4.105  5.532   1.00 17.74 ? 58  ILE A C   1 
ATOM   423  O  O   . ILE A 1 58  ? 8.323   -3.394  5.805   1.00 16.76 ? 58  ILE A O   1 
ATOM   424  C  CB  . ILE A 1 58  ? 7.871   -6.433  6.277   1.00 19.28 ? 58  ILE A CB  1 
ATOM   425  C  CG1 . ILE A 1 58  ? 8.044   -7.883  5.826   1.00 23.56 ? 58  ILE A CG1 1 
ATOM   426  C  CG2 . ILE A 1 58  ? 6.744   -6.342  7.294   1.00 22.49 ? 58  ILE A CG2 1 
ATOM   427  C  CD1 . ILE A 1 58  ? 8.735   -8.763  6.843   1.00 27.72 ? 58  ILE A CD1 1 
ATOM   428  N  N   . LEU A 1 59  ? 6.104   -3.676  5.587   1.00 16.76 ? 59  LEU A N   1 
ATOM   429  C  CA  . LEU A 1 59  ? 5.769   -2.338  6.052   1.00 17.10 ? 59  LEU A CA  1 
ATOM   430  C  C   . LEU A 1 59  ? 4.711   -2.525  7.120   1.00 16.41 ? 59  LEU A C   1 
ATOM   431  O  O   . LEU A 1 59  ? 3.699   -3.188  6.887   1.00 18.21 ? 59  LEU A O   1 
ATOM   432  C  CB  . LEU A 1 59  ? 5.198   -1.487  4.913   1.00 18.09 ? 59  LEU A CB  1 
ATOM   433  C  CG  . LEU A 1 59  ? 6.192   -0.738  4.026   1.00 23.36 ? 59  LEU A CG  1 
ATOM   434  C  CD1 . LEU A 1 59  ? 5.447   -0.025  2.914   1.00 29.12 ? 59  LEU A CD1 1 
ATOM   435  C  CD2 . LEU A 1 59  ? 6.957   0.269   4.865   1.00 31.71 ? 59  LEU A CD2 1 
ATOM   436  N  N   . VAL A 1 60  ? 4.952   -1.958  8.296   1.00 13.71 ? 60  VAL A N   1 
ATOM   437  C  CA  . VAL A 1 60  ? 3.998   -2.079  9.384   1.00 14.73 ? 60  VAL A CA  1 
ATOM   438  C  C   . VAL A 1 60  ? 3.741   -0.748  10.069  1.00 13.62 ? 60  VAL A C   1 
ATOM   439  O  O   . VAL A 1 60  ? 4.676   -0.069  10.509  1.00 11.72 ? 60  VAL A O   1 
ATOM   440  C  CB  . VAL A 1 60  ? 4.484   -3.073  10.469  1.00 18.07 ? 60  VAL A CB  1 
ATOM   441  C  CG1 . VAL A 1 60  ? 3.448   -3.167  11.583  1.00 16.16 ? 60  VAL A CG1 1 
ATOM   442  C  CG2 . VAL A 1 60  ? 4.733   -4.440  9.858   1.00 22.92 ? 60  VAL A CG2 1 
ATOM   443  N  N   . SER A 1 61  ? 2.470   -0.368  10.137  1.00 12.32 ? 61  SER A N   1 
ATOM   444  C  CA  . SER A 1 61  ? 2.097   0.856   10.825  1.00 11.95 ? 61  SER A CA  1 
ATOM   445  C  C   . SER A 1 61  ? 1.425   0.485   12.137  1.00 13.28 ? 61  SER A C   1 
ATOM   446  O  O   . SER A 1 61  ? 0.444   -0.263  12.138  1.00 11.35 ? 61  SER A O   1 
ATOM   447  C  CB  . SER A 1 61  ? 1.113   1.684   10.010  1.00 12.35 ? 61  SER A CB  1 
ATOM   448  O  OG  . SER A 1 61  ? 0.574   2.713   10.831  1.00 9.92  ? 61  SER A OG  1 
ATOM   449  N  N   . ASP A 1 62  ? 1.950   0.994   13.249  1.00 13.25 ? 62  ASP A N   1 
ATOM   450  C  CA  . ASP A 1 62  ? 1.335   0.710   14.542  1.00 13.85 ? 62  ASP A CA  1 
ATOM   451  C  C   . ASP A 1 62  ? 0.367   1.822   14.927  1.00 13.98 ? 62  ASP A C   1 
ATOM   452  O  O   . ASP A 1 62  ? -0.153  1.853   16.044  1.00 15.08 ? 62  ASP A O   1 
ATOM   453  C  CB  . ASP A 1 62  ? 2.391   0.502   15.647  1.00 13.91 ? 62  ASP A CB  1 
ATOM   454  C  CG  . ASP A 1 62  ? 3.166   1.770   16.012  1.00 13.28 ? 62  ASP A CG  1 
ATOM   455  O  OD1 . ASP A 1 62  ? 2.675   2.902   15.794  1.00 13.23 ? 62  ASP A OD1 1 
ATOM   456  O  OD2 . ASP A 1 62  ? 4.278   1.614   16.559  1.00 12.61 ? 62  ASP A OD2 1 
ATOM   457  N  N   . GLY A 1 63  ? 0.112   2.724   13.984  1.00 12.01 ? 63  GLY A N   1 
ATOM   458  C  CA  . GLY A 1 63  ? -0.802  3.823   14.239  1.00 13.98 ? 63  GLY A CA  1 
ATOM   459  C  C   . GLY A 1 63  ? -0.120  5.179   14.280  1.00 12.52 ? 63  GLY A C   1 
ATOM   460  O  O   . GLY A 1 63  ? -0.755  6.204   14.006  1.00 13.19 ? 63  GLY A O   1 
ATOM   461  N  N   . LYS A 1 64  ? 1.160   5.193   14.644  1.00 11.79 ? 64  LYS A N   1 
ATOM   462  C  CA  . LYS A 1 64  ? 1.940   6.434   14.703  1.00 12.98 ? 64  LYS A CA  1 
ATOM   463  C  C   . LYS A 1 64  ? 3.320   6.229   14.081  1.00 13.61 ? 64  LYS A C   1 
ATOM   464  O  O   . LYS A 1 64  ? 3.891   7.148   13.493  1.00 12.52 ? 64  LYS A O   1 
ATOM   465  C  CB  . LYS A 1 64  ? 2.104   6.919   16.148  1.00 12.49 ? 64  LYS A CB  1 
ATOM   466  C  CG  . LYS A 1 64  ? 0.826   7.420   16.810  1.00 12.65 ? 64  LYS A CG  1 
ATOM   467  C  CD  . LYS A 1 64  ? 0.279   8.682   16.138  1.00 16.01 ? 64  LYS A CD  1 
ATOM   468  C  CE  . LYS A 1 64  ? -0.906  9.246   16.927  1.00 16.54 ? 64  LYS A CE  1 
ATOM   469  N  NZ  . LYS A 1 64  ? -1.464  10.485  16.321  1.00 19.85 ? 64  LYS A NZ  1 
ATOM   470  N  N   . THR A 1 65  ? 3.860   5.021   14.217  1.00 12.50 ? 65  THR A N   1 
ATOM   471  C  CA  . THR A 1 65  ? 5.162   4.719   13.646  1.00 11.74 ? 65  THR A CA  1 
ATOM   472  C  C   . THR A 1 65  ? 4.998   3.771   12.474  1.00 12.25 ? 65  THR A C   1 
ATOM   473  O  O   . THR A 1 65  ? 4.227   2.811   12.543  1.00 11.82 ? 65  THR A O   1 
ATOM   474  C  CB  . THR A 1 65  ? 6.102   4.041   14.678  1.00 12.75 ? 65  THR A CB  1 
ATOM   475  O  OG1 . THR A 1 65  ? 6.360   4.946   15.757  1.00 13.21 ? 65  THR A OG1 1 
ATOM   476  C  CG2 . THR A 1 65  ? 7.432   3.640   14.018  1.00 12.76 ? 65  THR A CG2 1 
ATOM   477  N  N   . LEU A 1 66  ? 5.711   4.062   11.391  1.00 12.42 ? 66  LEU A N   1 
ATOM   478  C  CA  . LEU A 1 66  ? 5.701   3.211   10.215  1.00 13.01 ? 66  LEU A CA  1 
ATOM   479  C  C   . LEU A 1 66  ? 7.063   2.520   10.200  1.00 13.00 ? 66  LEU A C   1 
ATOM   480  O  O   . LEU A 1 66  ? 8.108   3.179   10.218  1.00 12.94 ? 66  LEU A O   1 
ATOM   481  C  CB  . LEU A 1 66  ? 5.517   4.045   8.941   1.00 13.60 ? 66  LEU A CB  1 
ATOM   482  C  CG  . LEU A 1 66  ? 5.585   3.255   7.629   1.00 13.48 ? 66  LEU A CG  1 
ATOM   483  C  CD1 . LEU A 1 66  ? 4.530   2.147   7.622   1.00 14.84 ? 66  LEU A CD1 1 
ATOM   484  C  CD2 . LEU A 1 66  ? 5.365   4.211   6.466   1.00 13.58 ? 66  LEU A CD2 1 
ATOM   485  N  N   . TRP A 1 67  ? 7.049   1.194   10.191  1.00 13.11 ? 67  TRP A N   1 
ATOM   486  C  CA  . TRP A 1 67  ? 8.284   0.420   10.180  1.00 13.80 ? 67  TRP A CA  1 
ATOM   487  C  C   . TRP A 1 67  ? 8.493   -0.167  8.792   1.00 15.40 ? 67  TRP A C   1 
ATOM   488  O  O   . TRP A 1 67  ? 7.575   -0.760  8.226   1.00 17.16 ? 67  TRP A O   1 
ATOM   489  C  CB  . TRP A 1 67  ? 8.216   -0.728  11.197  1.00 12.59 ? 67  TRP A CB  1 
ATOM   490  C  CG  . TRP A 1 67  ? 7.888   -0.313  12.607  1.00 15.37 ? 67  TRP A CG  1 
ATOM   491  C  CD1 . TRP A 1 67  ? 6.646   -0.097  13.136  1.00 15.49 ? 67  TRP A CD1 1 
ATOM   492  C  CD2 . TRP A 1 67  ? 8.822   -0.077  13.668  1.00 17.28 ? 67  TRP A CD2 1 
ATOM   493  N  NE1 . TRP A 1 67  ? 6.750   0.259   14.461  1.00 19.01 ? 67  TRP A NE1 1 
ATOM   494  C  CE2 . TRP A 1 67  ? 8.074   0.282   14.811  1.00 14.52 ? 67  TRP A CE2 1 
ATOM   495  C  CE3 . TRP A 1 67  ? 10.218  -0.124  13.759  1.00 18.43 ? 67  TRP A CE3 1 
ATOM   496  C  CZ2 . TRP A 1 67  ? 8.678   0.580   16.038  1.00 22.26 ? 67  TRP A CZ2 1 
ATOM   497  C  CZ3 . TRP A 1 67  ? 10.819  0.174   14.981  1.00 17.52 ? 67  TRP A CZ3 1 
ATOM   498  C  CH2 . TRP A 1 67  ? 10.048  0.525   16.101  1.00 21.08 ? 67  TRP A CH2 1 
ATOM   499  N  N   . PHE A 1 68  ? 9.695   0.005   8.249   1.00 15.14 ? 68  PHE A N   1 
ATOM   500  C  CA  . PHE A 1 68  ? 10.029  -0.526  6.928   1.00 19.24 ? 68  PHE A CA  1 
ATOM   501  C  C   . PHE A 1 68  ? 11.125  -1.566  7.148   1.00 19.75 ? 68  PHE A C   1 
ATOM   502  O  O   . PHE A 1 68  ? 12.229  -1.235  7.577   1.00 17.58 ? 68  PHE A O   1 
ATOM   503  C  CB  . PHE A 1 68  ? 10.546  0.588   6.018   1.00 21.28 ? 68  PHE A CB  1 
ATOM   504  C  CG  . PHE A 1 68  ? 10.493  0.249   4.552   1.00 32.32 ? 68  PHE A CG  1 
ATOM   505  C  CD1 . PHE A 1 68  ? 10.975  -0.970  4.082   1.00 35.00 ? 68  PHE A CD1 1 
ATOM   506  C  CD2 . PHE A 1 68  ? 9.958   1.153   3.637   1.00 39.69 ? 68  PHE A CD2 1 
ATOM   507  C  CE1 . PHE A 1 68  ? 10.923  -1.289  2.722   1.00 37.66 ? 68  PHE A CE1 1 
ATOM   508  C  CE2 . PHE A 1 68  ? 9.901   0.846   2.274   1.00 43.19 ? 68  PHE A CE2 1 
ATOM   509  C  CZ  . PHE A 1 68  ? 10.385  -0.380  1.816   1.00 38.69 ? 68  PHE A CZ  1 
ATOM   510  N  N   . TYR A 1 69  ? 10.824  -2.818  6.828   1.00 20.58 ? 69  TYR A N   1 
ATOM   511  C  CA  . TYR A 1 69  ? 11.768  -3.903  7.057   1.00 23.13 ? 69  TYR A CA  1 
ATOM   512  C  C   . TYR A 1 69  ? 12.116  -4.731  5.821   1.00 24.57 ? 69  TYR A C   1 
ATOM   513  O  O   . TYR A 1 69  ? 11.235  -5.221  5.125   1.00 20.28 ? 69  TYR A O   1 
ATOM   514  C  CB  . TYR A 1 69  ? 11.173  -4.812  8.137   1.00 25.24 ? 69  TYR A CB  1 
ATOM   515  C  CG  . TYR A 1 69  ? 11.963  -6.054  8.487   1.00 34.54 ? 69  TYR A CG  1 
ATOM   516  C  CD1 . TYR A 1 69  ? 11.316  -7.177  8.999   1.00 39.47 ? 69  TYR A CD1 1 
ATOM   517  C  CD2 . TYR A 1 69  ? 13.351  -6.098  8.355   1.00 38.23 ? 69  TYR A CD2 1 
ATOM   518  C  CE1 . TYR A 1 69  ? 12.025  -8.312  9.375   1.00 43.67 ? 69  TYR A CE1 1 
ATOM   519  C  CE2 . TYR A 1 69  ? 14.074  -7.233  8.730   1.00 41.67 ? 69  TYR A CE2 1 
ATOM   520  C  CZ  . TYR A 1 69  ? 13.400  -8.336  9.240   1.00 44.08 ? 69  TYR A CZ  1 
ATOM   521  O  OH  . TYR A 1 69  ? 14.090  -9.465  9.618   1.00 48.51 ? 69  TYR A OH  1 
ATOM   522  N  N   . ASN A 1 70  ? 13.408  -4.871  5.549   1.00 27.35 ? 70  ASN A N   1 
ATOM   523  C  CA  . ASN A 1 70  ? 13.867  -5.694  4.436   1.00 31.43 ? 70  ASN A CA  1 
ATOM   524  C  C   . ASN A 1 70  ? 14.605  -6.848  5.113   1.00 34.42 ? 70  ASN A C   1 
ATOM   525  O  O   . ASN A 1 70  ? 15.790  -6.739  5.431   1.00 35.24 ? 70  ASN A O   1 
ATOM   526  C  CB  . ASN A 1 70  ? 14.812  -4.916  3.518   1.00 34.45 ? 70  ASN A CB  1 
ATOM   527  C  CG  . ASN A 1 70  ? 14.104  -3.811  2.752   1.00 38.74 ? 70  ASN A CG  1 
ATOM   528  O  OD1 . ASN A 1 70  ? 13.818  -2.743  3.296   1.00 39.34 ? 70  ASN A OD1 1 
ATOM   529  N  ND2 . ASN A 1 70  ? 13.806  -4.069  1.484   1.00 38.84 ? 70  ASN A ND2 1 
ATOM   530  N  N   . PRO A 1 71  ? 13.903  -7.967  5.356   1.00 35.22 ? 71  PRO A N   1 
ATOM   531  C  CA  . PRO A 1 71  ? 14.462  -9.156  6.009   1.00 36.00 ? 71  PRO A CA  1 
ATOM   532  C  C   . PRO A 1 71  ? 15.836  -9.621  5.538   1.00 37.08 ? 71  PRO A C   1 
ATOM   533  O  O   . PRO A 1 71  ? 16.719  -9.885  6.352   1.00 36.54 ? 71  PRO A O   1 
ATOM   534  C  CB  . PRO A 1 71  ? 13.369  -10.219 5.797   1.00 35.93 ? 71  PRO A CB  1 
ATOM   535  C  CG  . PRO A 1 71  ? 12.632  -9.736  4.584   1.00 36.11 ? 71  PRO A CG  1 
ATOM   536  C  CD  . PRO A 1 71  ? 12.562  -8.256  4.816   1.00 35.96 ? 71  PRO A CD  1 
ATOM   537  N  N   . PHE A 1 72  ? 16.024  -9.698  4.225   1.00 36.89 ? 72  PHE A N   1 
ATOM   538  C  CA  . PHE A 1 72  ? 17.293  -10.172 3.678   1.00 37.52 ? 72  PHE A CA  1 
ATOM   539  C  C   . PHE A 1 72  ? 18.458  -9.241  3.901   1.00 38.41 ? 72  PHE A C   1 
ATOM   540  O  O   . PHE A 1 72  ? 19.557  -9.476  3.388   1.00 39.68 ? 72  PHE A O   1 
ATOM   541  C  CB  . PHE A 1 72  ? 17.184  -10.447 2.180   1.00 41.09 ? 72  PHE A CB  1 
ATOM   542  C  CG  . PHE A 1 72  ? 16.368  -11.664 1.863   1.00 44.78 ? 72  PHE A CG  1 
ATOM   543  C  CD1 . PHE A 1 72  ? 14.952  -11.578 1.753   1.00 43.93 ? 72  PHE A CD1 1 
ATOM   544  C  CD2 . PHE A 1 72  ? 16.968  -12.931 1.785   1.00 48.37 ? 72  PHE A CD2 1 
ATOM   545  C  CE1 . PHE A 1 72  ? 14.168  -12.737 1.572   1.00 39.63 ? 72  PHE A CE1 1 
ATOM   546  C  CE2 . PHE A 1 72  ? 16.144  -14.127 1.597   1.00 47.39 ? 72  PHE A CE2 1 
ATOM   547  C  CZ  . PHE A 1 72  ? 14.790  -14.021 1.500   1.00 45.53 ? 72  PHE A CZ  1 
ATOM   548  N  N   . VAL A 1 73  ? 18.233  -8.178  4.656   1.00 35.01 ? 73  VAL A N   1 
ATOM   549  C  CA  . VAL A 1 73  ? 19.287  -7.224  4.906   1.00 35.19 ? 73  VAL A CA  1 
ATOM   550  C  C   . VAL A 1 73  ? 19.403  -6.995  6.404   1.00 35.07 ? 73  VAL A C   1 
ATOM   551  O  O   . VAL A 1 73  ? 20.267  -6.256  6.853   1.00 33.39 ? 73  VAL A O   1 
ATOM   552  C  CB  . VAL A 1 73  ? 18.995  -5.900  4.173   1.00 36.23 ? 73  VAL A CB  1 
ATOM   553  C  CG1 . VAL A 1 73  ? 20.187  -4.993  4.274   1.00 37.77 ? 73  VAL A CG1 1 
ATOM   554  C  CG2 . VAL A 1 73  ? 18.664  -6.174  2.705   1.00 37.73 ? 73  VAL A CG2 1 
ATOM   555  N  N   . GLU A 1 74  ? 18.535  -7.652  7.170   1.00 35.04 ? 74  GLU A N   1 
ATOM   556  C  CA  . GLU A 1 74  ? 18.544  -7.528  8.623   1.00 37.11 ? 74  GLU A CA  1 
ATOM   557  C  C   . GLU A 1 74  ? 18.523  -6.056  9.020   1.00 36.15 ? 74  GLU A C   1 
ATOM   558  O  O   . GLU A 1 74  ? 19.209  -5.647  9.955   1.00 34.71 ? 74  GLU A O   1 
ATOM   559  C  CB  . GLU A 1 74  ? 19.798  -8.198  9.201   1.00 41.09 ? 74  GLU A CB  1 
ATOM   560  C  CG  . GLU A 1 74  ? 19.964  -9.658  8.821   1.00 45.93 ? 74  GLU A CG  1 
ATOM   561  C  CD  . GLU A 1 74  ? 21.384  -10.153 9.026   1.00 52.47 ? 74  GLU A CD  1 
ATOM   562  O  OE1 . GLU A 1 74  ? 21.700  -11.256 8.540   1.00 50.00 ? 74  GLU A OE1 1 
ATOM   563  O  OE2 . GLU A 1 74  ? 22.183  -9.442  9.673   1.00 56.20 ? 74  GLU A OE2 1 
ATOM   564  N  N   . GLN A 1 75  ? 17.732  -5.264  8.301   1.00 36.02 ? 75  GLN A N   1 
ATOM   565  C  CA  . GLN A 1 75  ? 17.632  -3.838  8.574   1.00 34.40 ? 75  GLN A CA  1 
ATOM   566  C  C   . GLN A 1 75  ? 16.192  -3.350  8.575   1.00 30.64 ? 75  GLN A C   1 
ATOM   567  O  O   . GLN A 1 75  ? 15.348  -3.844  7.825   1.00 28.56 ? 75  GLN A O   1 
ATOM   568  C  CB  . GLN A 1 75  ? 18.438  -3.048  7.540   1.00 40.19 ? 75  GLN A CB  1 
ATOM   569  C  CG  . GLN A 1 75  ? 19.943  -3.180  7.700   1.00 45.47 ? 75  GLN A CG  1 
ATOM   570  C  CD  . GLN A 1 75  ? 20.707  -2.605  6.521   1.00 52.59 ? 75  GLN A CD  1 
ATOM   571  O  OE1 . GLN A 1 75  ? 20.384  -1.525  6.023   1.00 52.53 ? 75  GLN A OE1 1 
ATOM   572  N  NE2 . GLN A 1 75  ? 21.736  -3.320  6.076   1.00 52.93 ? 75  GLN A NE2 1 
ATOM   573  N  N   . ALA A 1 76  ? 15.914  -2.378  9.435   1.00 25.11 ? 76  ALA A N   1 
ATOM   574  C  CA  . ALA A 1 76  ? 14.581  -1.817  9.519   1.00 20.47 ? 76  ALA A CA  1 
ATOM   575  C  C   . ALA A 1 76  ? 14.700  -0.329  9.788   1.00 20.27 ? 76  ALA A C   1 
ATOM   576  O  O   . ALA A 1 76  ? 15.636  0.136   10.444  1.00 21.73 ? 76  ALA A O   1 
ATOM   577  C  CB  . ALA A 1 76  ? 13.784  -2.499  10.625  1.00 19.34 ? 76  ALA A CB  1 
ATOM   578  N  N   . THR A 1 77  ? 13.749  0.416   9.255   1.00 17.09 ? 77  THR A N   1 
ATOM   579  C  CA  . THR A 1 77  ? 13.738  1.856   9.424   1.00 14.51 ? 77  THR A CA  1 
ATOM   580  C  C   . THR A 1 77  ? 12.424  2.254   10.068  1.00 13.97 ? 77  THR A C   1 
ATOM   581  O  O   . THR A 1 77  ? 11.376  1.743   9.691   1.00 14.81 ? 77  THR A O   1 
ATOM   582  C  CB  . THR A 1 77  ? 13.858  2.543   8.059   1.00 16.36 ? 77  THR A CB  1 
ATOM   583  O  OG1 . THR A 1 77  ? 15.082  2.133   7.435   1.00 19.18 ? 77  THR A OG1 1 
ATOM   584  C  CG2 . THR A 1 77  ? 13.836  4.057   8.217   1.00 15.27 ? 77  THR A CG2 1 
ATOM   585  N  N   . ALA A 1 78  ? 12.485  3.149   11.049  1.00 14.53 ? 78  ALA A N   1 
ATOM   586  C  CA  . ALA A 1 78  ? 11.281  3.626   11.717  1.00 14.11 ? 78  ALA A CA  1 
ATOM   587  C  C   . ALA A 1 78  ? 11.073  5.084   11.330  1.00 13.84 ? 78  ALA A C   1 
ATOM   588  O  O   . ALA A 1 78  ? 11.999  5.893   11.409  1.00 13.30 ? 78  ALA A O   1 
ATOM   589  C  CB  . ALA A 1 78  ? 11.429  3.508   13.235  1.00 13.77 ? 78  ALA A CB  1 
ATOM   590  N  N   . THR A 1 79  ? 9.862   5.414   10.895  1.00 13.79 ? 79  THR A N   1 
ATOM   591  C  CA  . THR A 1 79  ? 9.534   6.784   10.504  1.00 11.95 ? 79  THR A CA  1 
ATOM   592  C  C   . THR A 1 79  ? 8.162   7.135   11.065  1.00 12.57 ? 79  THR A C   1 
ATOM   593  O  O   . THR A 1 79  ? 7.434   6.260   11.521  1.00 11.64 ? 79  THR A O   1 
ATOM   594  C  CB  . THR A 1 79  ? 9.443   6.934   8.971   1.00 15.35 ? 79  THR A CB  1 
ATOM   595  O  OG1 . THR A 1 79  ? 8.424   6.056   8.469   1.00 14.28 ? 79  THR A OG1 1 
ATOM   596  C  CG2 . THR A 1 79  ? 10.777  6.594   8.314   1.00 14.67 ? 79  THR A CG2 1 
ATOM   597  N  N   . TRP A 1 80  ? 7.816   8.419   11.047  1.00 13.38 ? 80  TRP A N   1 
ATOM   598  C  CA  . TRP A 1 80  ? 6.496   8.833   11.509  1.00 13.29 ? 80  TRP A CA  1 
ATOM   599  C  C   . TRP A 1 80  ? 5.513   8.495   10.397  1.00 14.63 ? 80  TRP A C   1 
ATOM   600  O  O   . TRP A 1 80  ? 5.751   8.807   9.225   1.00 12.40 ? 80  TRP A O   1 
ATOM   601  C  CB  . TRP A 1 80  ? 6.428   10.344  11.760  1.00 13.63 ? 80  TRP A CB  1 
ATOM   602  C  CG  . TRP A 1 80  ? 7.126   10.818  12.987  1.00 13.92 ? 80  TRP A CG  1 
ATOM   603  C  CD1 . TRP A 1 80  ? 8.059   11.813  13.061  1.00 12.20 ? 80  TRP A CD1 1 
ATOM   604  C  CD2 . TRP A 1 80  ? 6.883   10.396  14.335  1.00 11.57 ? 80  TRP A CD2 1 
ATOM   605  N  NE1 . TRP A 1 80  ? 8.407   12.042  14.370  1.00 11.58 ? 80  TRP A NE1 1 
ATOM   606  C  CE2 . TRP A 1 80  ? 7.698   11.189  15.174  1.00 14.26 ? 80  TRP A CE2 1 
ATOM   607  C  CE3 . TRP A 1 80  ? 6.048   9.431   14.917  1.00 14.09 ? 80  TRP A CE3 1 
ATOM   608  C  CZ2 . TRP A 1 80  ? 7.707   11.045  16.567  1.00 12.64 ? 80  TRP A CZ2 1 
ATOM   609  C  CZ3 . TRP A 1 80  ? 6.058   9.286   16.305  1.00 11.72 ? 80  TRP A CZ3 1 
ATOM   610  C  CH2 . TRP A 1 80  ? 6.880   10.091  17.111  1.00 13.40 ? 80  TRP A CH2 1 
ATOM   611  N  N   . LEU A 1 81  ? 4.408   7.857   10.757  1.00 12.60 ? 81  LEU A N   1 
ATOM   612  C  CA  . LEU A 1 81  ? 3.385   7.510   9.777   1.00 12.62 ? 81  LEU A CA  1 
ATOM   613  C  C   . LEU A 1 81  ? 2.901   8.774   9.052   1.00 14.07 ? 81  LEU A C   1 
ATOM   614  O  O   . LEU A 1 81  ? 2.685   8.767   7.836   1.00 12.86 ? 81  LEU A O   1 
ATOM   615  C  CB  . LEU A 1 81  ? 2.198   6.839   10.482  1.00 13.88 ? 81  LEU A CB  1 
ATOM   616  C  CG  . LEU A 1 81  ? 1.002   6.419   9.619   1.00 16.78 ? 81  LEU A CG  1 
ATOM   617  C  CD1 . LEU A 1 81  ? 1.427   5.373   8.598   1.00 18.00 ? 81  LEU A CD1 1 
ATOM   618  C  CD2 . LEU A 1 81  ? -0.091  5.865   10.525  1.00 14.32 ? 81  LEU A CD2 1 
ATOM   619  N  N   . LYS A 1 82  ? 2.745   9.861   9.800   1.00 14.91 ? 82  LYS A N   1 
ATOM   620  C  CA  . LYS A 1 82  ? 2.253   11.106  9.221   1.00 15.75 ? 82  LYS A CA  1 
ATOM   621  C  C   . LYS A 1 82  ? 3.158   11.660  8.121   1.00 15.77 ? 82  LYS A C   1 
ATOM   622  O  O   . LYS A 1 82  ? 2.700   12.416  7.268   1.00 15.02 ? 82  LYS A O   1 
ATOM   623  C  CB  . LYS A 1 82  ? 2.067   12.167  10.311  1.00 19.52 ? 82  LYS A CB  1 
ATOM   624  C  CG  . LYS A 1 82  ? 3.361   12.727  10.857  1.00 22.58 ? 82  LYS A CG  1 
ATOM   625  C  CD  . LYS A 1 82  ? 3.102   13.876  11.821  1.00 28.55 ? 82  LYS A CD  1 
ATOM   626  C  CE  . LYS A 1 82  ? 4.406   14.493  12.296  1.00 30.00 ? 82  LYS A CE  1 
ATOM   627  N  NZ  . LYS A 1 82  ? 5.199   15.019  11.154  1.00 33.92 ? 82  LYS A NZ  1 
ATOM   628  N  N   . ASP A 1 83  ? 4.432   11.277  8.138   1.00 14.85 ? 83  ASP A N   1 
ATOM   629  C  CA  . ASP A 1 83  ? 5.394   11.753  7.145   1.00 15.68 ? 83  ASP A CA  1 
ATOM   630  C  C   . ASP A 1 83  ? 5.461   10.898  5.885   1.00 17.07 ? 83  ASP A C   1 
ATOM   631  O  O   . ASP A 1 83  ? 6.172   11.236  4.938   1.00 15.71 ? 83  ASP A O   1 
ATOM   632  C  CB  . ASP A 1 83  ? 6.788   11.832  7.768   1.00 15.77 ? 83  ASP A CB  1 
ATOM   633  C  CG  . ASP A 1 83  ? 6.899   12.925  8.805   1.00 15.63 ? 83  ASP A CG  1 
ATOM   634  O  OD1 . ASP A 1 83  ? 7.861   12.880  9.596   1.00 18.77 ? 83  ASP A OD1 1 
ATOM   635  O  OD2 . ASP A 1 83  ? 6.034   13.834  8.824   1.00 18.58 ? 83  ASP A OD2 1 
ATOM   636  N  N   . ALA A 1 84  ? 4.730   9.789   5.872   1.00 15.03 ? 84  ALA A N   1 
ATOM   637  C  CA  . ALA A 1 84  ? 4.713   8.910   4.712   1.00 17.21 ? 84  ALA A CA  1 
ATOM   638  C  C   . ALA A 1 84  ? 3.968   9.549   3.539   1.00 18.80 ? 84  ALA A C   1 
ATOM   639  O  O   . ALA A 1 84  ? 3.145   10.448  3.720   1.00 19.41 ? 84  ALA A O   1 
ATOM   640  C  CB  . ALA A 1 84  ? 4.051   7.580   5.076   1.00 15.24 ? 84  ALA A CB  1 
ATOM   641  N  N   . THR A 1 85  ? 4.265   9.076   2.336   1.00 19.33 ? 85  THR A N   1 
ATOM   642  C  CA  . THR A 1 85  ? 3.606   9.570   1.133   1.00 20.51 ? 85  THR A CA  1 
ATOM   643  C  C   . THR A 1 85  ? 3.100   8.388   0.321   1.00 20.43 ? 85  THR A C   1 
ATOM   644  O  O   . THR A 1 85  ? 3.459   7.241   0.589   1.00 21.21 ? 85  THR A O   1 
ATOM   645  C  CB  . THR A 1 85  ? 4.570   10.369  0.248   1.00 22.45 ? 85  THR A CB  1 
ATOM   646  O  OG1 . THR A 1 85  ? 5.678   9.535   -0.124  1.00 23.89 ? 85  THR A OG1 1 
ATOM   647  C  CG2 . THR A 1 85  ? 5.075   11.593  0.986   1.00 25.87 ? 85  THR A CG2 1 
ATOM   648  N  N   . GLY A 1 86  ? 2.259   8.672   -0.667  1.00 20.77 ? 86  GLY A N   1 
ATOM   649  C  CA  . GLY A 1 86  ? 1.748   7.620   -1.522  1.00 22.06 ? 86  GLY A CA  1 
ATOM   650  C  C   . GLY A 1 86  ? 2.756   7.431   -2.636  1.00 21.97 ? 86  GLY A C   1 
ATOM   651  O  O   . GLY A 1 86  ? 2.474   7.721   -3.797  1.00 23.33 ? 86  GLY A O   1 
ATOM   652  N  N   . ASN A 1 87  ? 3.941   6.942   -2.277  1.00 22.53 ? 87  ASN A N   1 
ATOM   653  C  CA  . ASN A 1 87  ? 5.017   6.740   -3.241  1.00 21.94 ? 87  ASN A CA  1 
ATOM   654  C  C   . ASN A 1 87  ? 4.972   5.394   -3.959  1.00 22.65 ? 87  ASN A C   1 
ATOM   655  O  O   . ASN A 1 87  ? 5.758   5.140   -4.877  1.00 21.52 ? 87  ASN A O   1 
ATOM   656  C  CB  . ASN A 1 87  ? 6.371   6.918   -2.544  1.00 22.91 ? 87  ASN A CB  1 
ATOM   657  C  CG  . ASN A 1 87  ? 6.663   5.822   -1.534  1.00 25.31 ? 87  ASN A CG  1 
ATOM   658  O  OD1 . ASN A 1 87  ? 5.788   5.409   -0.776  1.00 25.65 ? 87  ASN A OD1 1 
ATOM   659  N  ND2 . ASN A 1 87  ? 7.907   5.351   -1.515  1.00 32.23 ? 87  ASN A ND2 1 
ATOM   660  N  N   . THR A 1 88  ? 4.050   4.534   -3.541  1.00 17.83 ? 88  THR A N   1 
ATOM   661  C  CA  . THR A 1 88  ? 3.885   3.216   -4.140  1.00 15.51 ? 88  THR A CA  1 
ATOM   662  C  C   . THR A 1 88  ? 2.397   2.903   -4.168  1.00 15.13 ? 88  THR A C   1 
ATOM   663  O  O   . THR A 1 88  ? 1.621   3.521   -3.435  1.00 15.04 ? 88  THR A O   1 
ATOM   664  C  CB  . THR A 1 88  ? 4.576   2.127   -3.305  1.00 17.04 ? 88  THR A CB  1 
ATOM   665  O  OG1 . THR A 1 88  ? 3.992   2.097   -1.994  1.00 17.34 ? 88  THR A OG1 1 
ATOM   666  C  CG2 . THR A 1 88  ? 6.074   2.402   -3.198  1.00 18.31 ? 88  THR A CG2 1 
ATOM   667  N  N   . PRO A 1 89  ? 1.976   1.946   -5.008  1.00 14.51 ? 89  PRO A N   1 
ATOM   668  C  CA  . PRO A 1 89  ? 0.547   1.634   -5.042  1.00 13.67 ? 89  PRO A CA  1 
ATOM   669  C  C   . PRO A 1 89  ? 0.035   1.096   -3.710  1.00 16.66 ? 89  PRO A C   1 
ATOM   670  O  O   . PRO A 1 89  ? -1.052  1.465   -3.266  1.00 13.66 ? 89  PRO A O   1 
ATOM   671  C  CB  . PRO A 1 89  ? 0.430   0.619   -6.180  1.00 15.94 ? 89  PRO A CB  1 
ATOM   672  C  CG  . PRO A 1 89  ? 1.766   -0.030  -6.206  1.00 13.41 ? 89  PRO A CG  1 
ATOM   673  C  CD  . PRO A 1 89  ? 2.726   1.104   -5.959  1.00 15.33 ? 89  PRO A CD  1 
ATOM   674  N  N   . PHE A 1 90  ? 0.802   0.232   -3.054  1.00 14.33 ? 90  PHE A N   1 
ATOM   675  C  CA  . PHE A 1 90  ? 0.316   -0.283  -1.779  1.00 14.46 ? 90  PHE A CA  1 
ATOM   676  C  C   . PHE A 1 90  ? 0.250   0.792   -0.687  1.00 13.68 ? 90  PHE A C   1 
ATOM   677  O  O   . PHE A 1 90  ? -0.624  0.743   0.188   1.00 14.44 ? 90  PHE A O   1 
ATOM   678  C  CB  . PHE A 1 90  ? 1.141   -1.504  -1.328  1.00 14.91 ? 90  PHE A CB  1 
ATOM   679  C  CG  . PHE A 1 90  ? 2.629   -1.311  -1.395  1.00 13.69 ? 90  PHE A CG  1 
ATOM   680  C  CD1 . PHE A 1 90  ? 3.326   -0.764  -0.322  1.00 16.15 ? 90  PHE A CD1 1 
ATOM   681  C  CD2 . PHE A 1 90  ? 3.337   -1.714  -2.521  1.00 15.11 ? 90  PHE A CD2 1 
ATOM   682  C  CE1 . PHE A 1 90  ? 4.709   -0.627  -0.371  1.00 16.28 ? 90  PHE A CE1 1 
ATOM   683  C  CE2 . PHE A 1 90  ? 4.721   -1.581  -2.582  1.00 14.30 ? 90  PHE A CE2 1 
ATOM   684  C  CZ  . PHE A 1 90  ? 5.407   -1.038  -1.502  1.00 13.35 ? 90  PHE A CZ  1 
ATOM   685  N  N   . MET A 1 91  ? 1.132   1.786   -0.741  1.00 14.11 ? 91  MET A N   1 
ATOM   686  C  CA  . MET A 1 91  ? 1.102   2.839   0.267   1.00 14.12 ? 91  MET A CA  1 
ATOM   687  C  C   . MET A 1 91  ? -0.119  3.734   0.050   1.00 15.20 ? 91  MET A C   1 
ATOM   688  O  O   . MET A 1 91  ? -0.699  4.237   1.009   1.00 15.57 ? 91  MET A O   1 
ATOM   689  C  CB  . MET A 1 91  ? 2.376   3.682   0.217   1.00 16.46 ? 91  MET A CB  1 
ATOM   690  C  CG  . MET A 1 91  ? 2.599   4.524   1.458   1.00 27.79 ? 91  MET A CG  1 
ATOM   691  S  SD  . MET A 1 91  ? 2.793   3.531   2.976   1.00 29.66 ? 91  MET A SD  1 
ATOM   692  C  CE  . MET A 1 91  ? 2.408   4.755   4.178   1.00 32.10 ? 91  MET A CE  1 
ATOM   693  N  N   . LEU A 1 92  ? -0.501  3.944   -1.209  1.00 12.54 ? 92  LEU A N   1 
ATOM   694  C  CA  . LEU A 1 92  ? -1.679  4.758   -1.502  1.00 14.02 ? 92  LEU A CA  1 
ATOM   695  C  C   . LEU A 1 92  ? -2.922  4.086   -0.929  1.00 15.23 ? 92  LEU A C   1 
ATOM   696  O  O   . LEU A 1 92  ? -3.785  4.749   -0.357  1.00 18.04 ? 92  LEU A O   1 
ATOM   697  C  CB  . LEU A 1 92  ? -1.853  4.944   -3.016  1.00 12.38 ? 92  LEU A CB  1 
ATOM   698  C  CG  . LEU A 1 92  ? -1.003  6.040   -3.665  1.00 12.35 ? 92  LEU A CG  1 
ATOM   699  C  CD1 . LEU A 1 92  ? -1.057  5.910   -5.182  1.00 18.43 ? 92  LEU A CD1 1 
ATOM   700  C  CD2 . LEU A 1 92  ? -1.514  7.409   -3.230  1.00 17.09 ? 92  LEU A CD2 1 
ATOM   701  N  N   . ILE A 1 93  ? -3.013  2.770   -1.089  1.00 14.36 ? 93  ILE A N   1 
ATOM   702  C  CA  . ILE A 1 93  ? -4.154  2.013   -0.581  1.00 15.62 ? 93  ILE A CA  1 
ATOM   703  C  C   . ILE A 1 93  ? -4.101  1.948   0.948   1.00 19.41 ? 93  ILE A C   1 
ATOM   704  O  O   . ILE A 1 93  ? -5.116  2.118   1.630   1.00 17.62 ? 93  ILE A O   1 
ATOM   705  C  CB  . ILE A 1 93  ? -4.173  0.586   -1.185  1.00 13.81 ? 93  ILE A CB  1 
ATOM   706  C  CG1 . ILE A 1 93  ? -4.414  0.680   -2.697  1.00 14.17 ? 93  ILE A CG1 1 
ATOM   707  C  CG2 . ILE A 1 93  ? -5.259  -0.256  -0.524  1.00 16.45 ? 93  ILE A CG2 1 
ATOM   708  C  CD1 . ILE A 1 93  ? -4.225  -0.628  -3.459  1.00 13.90 ? 93  ILE A CD1 1 
ATOM   709  N  N   . ALA A 1 94  ? -2.909  1.722   1.488   1.00 18.70 ? 94  ALA A N   1 
ATOM   710  C  CA  . ALA A 1 94  ? -2.732  1.656   2.939   1.00 20.85 ? 94  ALA A CA  1 
ATOM   711  C  C   . ALA A 1 94  ? -3.121  2.974   3.620   1.00 21.14 ? 94  ALA A C   1 
ATOM   712  O  O   . ALA A 1 94  ? -3.815  2.978   4.637   1.00 23.33 ? 94  ALA A O   1 
ATOM   713  C  CB  . ALA A 1 94  ? -1.283  1.309   3.267   1.00 18.04 ? 94  ALA A CB  1 
ATOM   714  N  N   . ARG A 1 95  ? -2.672  4.092   3.061   1.00 19.69 ? 95  ARG A N   1 
ATOM   715  C  CA  . ARG A 1 95  ? -2.970  5.402   3.625   1.00 20.61 ? 95  ARG A CA  1 
ATOM   716  C  C   . ARG A 1 95  ? -4.404  5.876   3.377   1.00 21.93 ? 95  ARG A C   1 
ATOM   717  O  O   . ARG A 1 95  ? -5.046  6.418   4.282   1.00 20.79 ? 95  ARG A O   1 
ATOM   718  C  CB  . ARG A 1 95  ? -2.002  6.449   3.061   1.00 21.36 ? 95  ARG A CB  1 
ATOM   719  C  CG  . ARG A 1 95  ? -0.619  6.449   3.706   1.00 21.22 ? 95  ARG A CG  1 
ATOM   720  C  CD  . ARG A 1 95  ? 0.381   7.282   2.902   1.00 21.26 ? 95  ARG A CD  1 
ATOM   721  N  NE  . ARG A 1 95  ? -0.069  8.639   2.577   1.00 20.74 ? 95  ARG A NE  1 
ATOM   722  C  CZ  . ARG A 1 95  ? -0.117  9.659   3.431   1.00 22.53 ? 95  ARG A CZ  1 
ATOM   723  N  NH1 . ARG A 1 95  ? 0.256   9.500   4.696   1.00 26.15 ? 95  ARG A NH1 1 
ATOM   724  N  NH2 . ARG A 1 95  ? -0.523  10.854  3.014   1.00 27.20 ? 95  ARG A NH2 1 
ATOM   725  N  N   . ASN A 1 96  ? -4.888  5.654   2.157   1.00 19.83 ? 96  ASN A N   1 
ATOM   726  C  CA  . ASN A 1 96  ? -6.214  6.098   1.716   1.00 21.64 ? 96  ASN A CA  1 
ATOM   727  C  C   . ASN A 1 96  ? -6.523  7.492   2.253   1.00 22.95 ? 96  ASN A C   1 
ATOM   728  O  O   . ASN A 1 96  ? -7.499  7.702   2.978   1.00 23.07 ? 96  ASN A O   1 
ATOM   729  C  CB  . ASN A 1 96  ? -7.318  5.114   2.129   1.00 18.94 ? 96  ASN A CB  1 
ATOM   730  C  CG  . ASN A 1 96  ? -8.644  5.408   1.429   1.00 23.80 ? 96  ASN A CG  1 
ATOM   731  O  OD1 . ASN A 1 96  ? -8.660  5.870   0.287   1.00 17.63 ? 96  ASN A OD1 1 
ATOM   732  N  ND2 . ASN A 1 96  ? -9.756  5.125   2.105   1.00 18.56 ? 96  ASN A ND2 1 
ATOM   733  N  N   . GLN A 1 97  ? -5.677  8.446   1.878   1.00 20.33 ? 97  GLN A N   1 
ATOM   734  C  CA  . GLN A 1 97  ? -5.832  9.824   2.312   1.00 20.53 ? 97  GLN A CA  1 
ATOM   735  C  C   . GLN A 1 97  ? -6.341  10.746  1.222   1.00 20.54 ? 97  GLN A C   1 
ATOM   736  O  O   . GLN A 1 97  ? -5.858  10.720  0.088   1.00 18.37 ? 97  GLN A O   1 
ATOM   737  C  CB  . GLN A 1 97  ? -4.495  10.363  2.824   1.00 22.07 ? 97  GLN A CB  1 
ATOM   738  C  CG  . GLN A 1 97  ? -4.041  9.709   4.104   1.00 26.42 ? 97  GLN A CG  1 
ATOM   739  C  CD  . GLN A 1 97  ? -5.014  9.965   5.230   1.00 26.81 ? 97  GLN A CD  1 
ATOM   740  O  OE1 . GLN A 1 97  ? -5.248  11.110  5.608   1.00 29.34 ? 97  GLN A OE1 1 
ATOM   741  N  NE2 . GLN A 1 97  ? -5.594  8.899   5.767   1.00 31.55 ? 97  GLN A NE2 1 
ATOM   742  N  N   . SER A 1 98  ? -7.319  11.572  1.577   1.00 19.11 ? 98  SER A N   1 
ATOM   743  C  CA  . SER A 1 98  ? -7.877  12.537  0.643   1.00 20.64 ? 98  SER A CA  1 
ATOM   744  C  C   . SER A 1 98  ? -6.756  13.428  0.115   1.00 21.02 ? 98  SER A C   1 
ATOM   745  O  O   . SER A 1 98  ? -6.738  13.787  -1.064  1.00 21.30 ? 98  SER A O   1 
ATOM   746  C  CB  . SER A 1 98  ? -8.933  13.398  1.338   1.00 22.14 ? 98  SER A CB  1 
ATOM   747  O  OG  . SER A 1 98  ? -10.036 12.613  1.749   1.00 29.43 ? 98  SER A OG  1 
ATOM   748  N  N   . SER A 1 99  ? -5.813  13.775  0.989   1.00 20.84 ? 99  SER A N   1 
ATOM   749  C  CA  . SER A 1 99  ? -4.698  14.626  0.587   1.00 23.46 ? 99  SER A CA  1 
ATOM   750  C  C   . SER A 1 99  ? -3.835  13.957  -0.483  1.00 22.83 ? 99  SER A C   1 
ATOM   751  O  O   . SER A 1 99  ? -3.193  14.644  -1.278  1.00 24.78 ? 99  SER A O   1 
ATOM   752  C  CB  . SER A 1 99  ? -3.840  15.012  1.802   1.00 25.33 ? 99  SER A CB  1 
ATOM   753  O  OG  . SER A 1 99  ? -3.318  13.877  2.462   1.00 27.86 ? 99  SER A OG  1 
ATOM   754  N  N   . ASP A 1 100 ? -3.819  12.627  -0.505  1.00 22.39 ? 100 ASP A N   1 
ATOM   755  C  CA  . ASP A 1 100 ? -3.045  11.900  -1.516  1.00 21.50 ? 100 ASP A CA  1 
ATOM   756  C  C   . ASP A 1 100 ? -3.779  11.923  -2.853  1.00 20.81 ? 100 ASP A C   1 
ATOM   757  O  O   . ASP A 1 100 ? -3.218  12.314  -3.877  1.00 20.33 ? 100 ASP A O   1 
ATOM   758  C  CB  . ASP A 1 100 ? -2.817  10.438  -1.098  1.00 18.36 ? 100 ASP A CB  1 
ATOM   759  C  CG  . ASP A 1 100 ? -1.697  10.278  -0.082  1.00 22.32 ? 100 ASP A CG  1 
ATOM   760  O  OD1 . ASP A 1 100 ? -1.466  9.133   0.365   1.00 20.33 ? 100 ASP A OD1 1 
ATOM   761  O  OD2 . ASP A 1 100 ? -1.045  11.287  0.267   1.00 22.06 ? 100 ASP A OD2 1 
ATOM   762  N  N   . TRP A 1 101 ? -5.046  11.517  -2.838  1.00 19.85 ? 101 TRP A N   1 
ATOM   763  C  CA  . TRP A 1 101 ? -5.839  11.475  -4.064  1.00 21.77 ? 101 TRP A CA  1 
ATOM   764  C  C   . TRP A 1 101 ? -5.946  12.836  -4.760  1.00 22.87 ? 101 TRP A C   1 
ATOM   765  O  O   . TRP A 1 101 ? -5.971  12.910  -5.987  1.00 20.96 ? 101 TRP A O   1 
ATOM   766  C  CB  . TRP A 1 101 ? -7.246  10.943  -3.764  1.00 19.42 ? 101 TRP A CB  1 
ATOM   767  C  CG  . TRP A 1 101 ? -7.276  9.620   -3.049  1.00 19.54 ? 101 TRP A CG  1 
ATOM   768  C  CD1 . TRP A 1 101 ? -7.970  9.326   -1.910  1.00 18.87 ? 101 TRP A CD1 1 
ATOM   769  C  CD2 . TRP A 1 101 ? -6.617  8.407   -3.441  1.00 19.99 ? 101 TRP A CD2 1 
ATOM   770  N  NE1 . TRP A 1 101 ? -7.787  8.007   -1.569  1.00 19.05 ? 101 TRP A NE1 1 
ATOM   771  C  CE2 . TRP A 1 101 ? -6.960  7.420   -2.489  1.00 20.07 ? 101 TRP A CE2 1 
ATOM   772  C  CE3 . TRP A 1 101 ? -5.773  8.056   -4.504  1.00 19.69 ? 101 TRP A CE3 1 
ATOM   773  C  CZ2 . TRP A 1 101 ? -6.487  6.102   -2.566  1.00 16.50 ? 101 TRP A CZ2 1 
ATOM   774  C  CZ3 . TRP A 1 101 ? -5.304  6.744   -4.580  1.00 16.19 ? 101 TRP A CZ3 1 
ATOM   775  C  CH2 . TRP A 1 101 ? -5.661  5.786   -3.617  1.00 17.41 ? 101 TRP A CH2 1 
ATOM   776  N  N   . GLN A 1 102 ? -6.005  13.910  -3.977  1.00 25.63 ? 102 GLN A N   1 
ATOM   777  C  CA  . GLN A 1 102 ? -6.119  15.257  -4.535  1.00 26.98 ? 102 GLN A CA  1 
ATOM   778  C  C   . GLN A 1 102 ? -4.905  15.642  -5.383  1.00 26.02 ? 102 GLN A C   1 
ATOM   779  O  O   . GLN A 1 102 ? -4.954  16.586  -6.172  1.00 25.57 ? 102 GLN A O   1 
ATOM   780  C  CB  . GLN A 1 102 ? -6.287  16.278  -3.407  1.00 31.84 ? 102 GLN A CB  1 
ATOM   781  C  CG  . GLN A 1 102 ? -7.158  17.470  -3.772  1.00 42.10 ? 102 GLN A CG  1 
ATOM   782  C  CD  . GLN A 1 102 ? -8.628  17.101  -3.891  1.00 48.94 ? 102 GLN A CD  1 
ATOM   783  O  OE1 . GLN A 1 102 ? -9.210  16.525  -2.971  1.00 54.44 ? 102 GLN A OE1 1 
ATOM   784  N  NE2 . GLN A 1 102 ? -9.236  17.434  -5.025  1.00 53.94 ? 102 GLN A NE2 1 
ATOM   785  N  N   . GLN A 1 103 ? -3.815  14.905  -5.223  1.00 24.77 ? 103 GLN A N   1 
ATOM   786  C  CA  . GLN A 1 103 ? -2.597  15.195  -5.968  1.00 25.38 ? 103 GLN A CA  1 
ATOM   787  C  C   . GLN A 1 103 ? -2.529  14.464  -7.295  1.00 23.94 ? 103 GLN A C   1 
ATOM   788  O  O   . GLN A 1 103 ? -1.502  14.483  -7.974  1.00 25.64 ? 103 GLN A O   1 
ATOM   789  C  CB  . GLN A 1 103 ? -1.385  14.836  -5.123  1.00 24.88 ? 103 GLN A CB  1 
ATOM   790  C  CG  . GLN A 1 103 ? -1.313  15.607  -3.823  1.00 30.45 ? 103 GLN A CG  1 
ATOM   791  C  CD  . GLN A 1 103 ? -0.062  15.287  -3.049  1.00 33.29 ? 103 GLN A CD  1 
ATOM   792  O  OE1 . GLN A 1 103 ? 1.047   15.460  -3.551  1.00 37.06 ? 103 GLN A OE1 1 
ATOM   793  N  NE2 . GLN A 1 103 ? -0.228  14.815  -1.819  1.00 29.98 ? 103 GLN A NE2 1 
ATOM   794  N  N   . TYR A 1 104 ? -3.635  13.831  -7.666  1.00 22.21 ? 104 TYR A N   1 
ATOM   795  C  CA  . TYR A 1 104 ? -3.700  13.089  -8.912  1.00 21.37 ? 104 TYR A CA  1 
ATOM   796  C  C   . TYR A 1 104 ? -4.884  13.485  -9.765  1.00 21.49 ? 104 TYR A C   1 
ATOM   797  O  O   . TYR A 1 104 ? -5.933  13.895  -9.260  1.00 20.86 ? 104 TYR A O   1 
ATOM   798  C  CB  . TYR A 1 104 ? -3.812  11.590  -8.630  1.00 19.22 ? 104 TYR A CB  1 
ATOM   799  C  CG  . TYR A 1 104 ? -2.564  10.982  -8.046  1.00 20.88 ? 104 TYR A CG  1 
ATOM   800  C  CD1 . TYR A 1 104 ? -1.558  10.485  -8.873  1.00 21.36 ? 104 TYR A CD1 1 
ATOM   801  C  CD2 . TYR A 1 104 ? -2.377  10.922  -6.665  1.00 17.43 ? 104 TYR A CD2 1 
ATOM   802  C  CE1 . TYR A 1 104 ? -0.392  9.941   -8.341  1.00 23.94 ? 104 TYR A CE1 1 
ATOM   803  C  CE2 . TYR A 1 104 ? -1.210  10.382  -6.121  1.00 23.95 ? 104 TYR A CE2 1 
ATOM   804  C  CZ  . TYR A 1 104 ? -0.224  9.891   -6.967  1.00 27.42 ? 104 TYR A CZ  1 
ATOM   805  O  OH  . TYR A 1 104 ? 0.921   9.339   -6.436  1.00 28.85 ? 104 TYR A OH  1 
ATOM   806  N  N   . ASN A 1 105 ? -4.690  13.370  -11.069 1.00 20.51 ? 105 ASN A N   1 
ATOM   807  C  CA  . ASN A 1 105 ? -5.750  13.621  -12.020 1.00 21.76 ? 105 ASN A CA  1 
ATOM   808  C  C   . ASN A 1 105 ? -6.363  12.224  -12.081 1.00 20.11 ? 105 ASN A C   1 
ATOM   809  O  O   . ASN A 1 105 ? -5.715  11.269  -12.509 1.00 22.41 ? 105 ASN A O   1 
ATOM   810  C  CB  . ASN A 1 105 ? -5.163  14.033  -13.369 1.00 23.01 ? 105 ASN A CB  1 
ATOM   811  C  CG  . ASN A 1 105 ? -4.579  15.435  -13.338 1.00 31.08 ? 105 ASN A CG  1 
ATOM   812  O  OD1 . ASN A 1 105 ? -3.475  15.675  -13.827 1.00 33.26 ? 105 ASN A OD1 1 
ATOM   813  N  ND2 . ASN A 1 105 ? -5.327  16.369  -12.764 1.00 29.22 ? 105 ASN A ND2 1 
ATOM   814  N  N   . ILE A 1 106 ? -7.596  12.104  -11.611 1.00 18.45 ? 106 ILE A N   1 
ATOM   815  C  CA  . ILE A 1 106 ? -8.282  10.821  -11.574 1.00 18.48 ? 106 ILE A CA  1 
ATOM   816  C  C   . ILE A 1 106 ? -9.332  10.687  -12.665 1.00 21.00 ? 106 ILE A C   1 
ATOM   817  O  O   . ILE A 1 106 ? -10.007 11.654  -13.008 1.00 22.77 ? 106 ILE A O   1 
ATOM   818  C  CB  . ILE A 1 106 ? -8.989  10.626  -10.219 1.00 17.76 ? 106 ILE A CB  1 
ATOM   819  C  CG1 . ILE A 1 106 ? -7.990  10.832  -9.082  1.00 16.84 ? 106 ILE A CG1 1 
ATOM   820  C  CG2 . ILE A 1 106 ? -9.609  9.235   -10.138 1.00 19.82 ? 106 ILE A CG2 1 
ATOM   821  C  CD1 . ILE A 1 106 ? -8.584  10.667  -7.696  1.00 22.64 ? 106 ILE A CD1 1 
ATOM   822  N  N   . LYS A 1 107 ? -9.447  9.486   -13.218 1.00 17.35 ? 107 LYS A N   1 
ATOM   823  C  CA  . LYS A 1 107 ? -10.461 9.197   -14.220 1.00 18.63 ? 107 LYS A CA  1 
ATOM   824  C  C   . LYS A 1 107 ? -11.119 7.905   -13.770 1.00 18.69 ? 107 LYS A C   1 
ATOM   825  O  O   . LYS A 1 107 ? -10.443 6.904   -13.509 1.00 17.82 ? 107 LYS A O   1 
ATOM   826  C  CB  . LYS A 1 107 ? -9.850  9.048   -15.611 1.00 18.98 ? 107 LYS A CB  1 
ATOM   827  C  CG  . LYS A 1 107 ? -9.419  10.381  -16.202 1.00 24.78 ? 107 LYS A CG  1 
ATOM   828  C  CD  . LYS A 1 107 ? -9.324  10.324  -17.713 1.00 28.28 ? 107 LYS A CD  1 
ATOM   829  C  CE  . LYS A 1 107 ? -9.104  11.715  -18.290 1.00 26.03 ? 107 LYS A CE  1 
ATOM   830  N  NZ  . LYS A 1 107 ? -9.197  11.713  -19.772 1.00 37.45 ? 107 LYS A NZ  1 
ATOM   831  N  N   . GLN A 1 108 ? -12.439 7.941   -13.649 1.00 14.90 ? 108 GLN A N   1 
ATOM   832  C  CA  . GLN A 1 108 ? -13.199 6.787   -13.193 1.00 14.45 ? 108 GLN A CA  1 
ATOM   833  C  C   . GLN A 1 108 ? -14.249 6.324   -14.184 1.00 15.74 ? 108 GLN A C   1 
ATOM   834  O  O   . GLN A 1 108 ? -14.805 7.122   -14.937 1.00 15.28 ? 108 GLN A O   1 
ATOM   835  C  CB  . GLN A 1 108 ? -13.905 7.115   -11.867 1.00 17.26 ? 108 GLN A CB  1 
ATOM   836  C  CG  . GLN A 1 108 ? -14.821 5.993   -11.350 1.00 16.61 ? 108 GLN A CG  1 
ATOM   837  C  CD  . GLN A 1 108 ? -15.629 6.377   -10.114 1.00 16.06 ? 108 GLN A CD  1 
ATOM   838  O  OE1 . GLN A 1 108 ? -16.354 5.549   -9.552  1.00 16.94 ? 108 GLN A OE1 1 
ATOM   839  N  NE2 . GLN A 1 108 ? -15.511 7.631   -9.687  1.00 15.43 ? 108 GLN A NE2 1 
ATOM   840  N  N   . ASN A 1 109 ? -14.494 5.020   -14.182 1.00 15.77 ? 109 ASN A N   1 
ATOM   841  C  CA  . ASN A 1 109 ? -15.539 4.407   -14.995 1.00 15.43 ? 109 ASN A CA  1 
ATOM   842  C  C   . ASN A 1 109 ? -15.962 3.192   -14.186 1.00 14.04 ? 109 ASN A C   1 
ATOM   843  O  O   . ASN A 1 109 ? -15.332 2.140   -14.262 1.00 15.42 ? 109 ASN A O   1 
ATOM   844  C  CB  . ASN A 1 109 ? -15.028 3.978   -16.375 1.00 15.92 ? 109 ASN A CB  1 
ATOM   845  C  CG  . ASN A 1 109 ? -16.106 3.282   -17.203 1.00 25.32 ? 109 ASN A CG  1 
ATOM   846  O  OD1 . ASN A 1 109 ? -17.279 3.275   -16.834 1.00 21.71 ? 109 ASN A OD1 1 
ATOM   847  N  ND2 . ASN A 1 109 ? -15.708 2.701   -18.331 1.00 31.57 ? 109 ASN A ND2 1 
ATOM   848  N  N   . GLY A 1 110 ? -17.013 3.350   -13.388 1.00 13.95 ? 110 GLY A N   1 
ATOM   849  C  CA  . GLY A 1 110 ? -17.480 2.242   -12.575 1.00 15.15 ? 110 GLY A CA  1 
ATOM   850  C  C   . GLY A 1 110 ? -16.486 1.900   -11.476 1.00 15.69 ? 110 GLY A C   1 
ATOM   851  O  O   . GLY A 1 110 ? -16.104 2.766   -10.694 1.00 16.30 ? 110 GLY A O   1 
ATOM   852  N  N   . ASP A 1 111 ? -16.058 0.642   -11.420 1.00 15.41 ? 111 ASP A N   1 
ATOM   853  C  CA  . ASP A 1 111 ? -15.113 0.213   -10.390 1.00 16.19 ? 111 ASP A CA  1 
ATOM   854  C  C   . ASP A 1 111 ? -13.667 0.492   -10.778 1.00 15.98 ? 111 ASP A C   1 
ATOM   855  O  O   . ASP A 1 111 ? -12.755 0.292   -9.972  1.00 15.51 ? 111 ASP A O   1 
ATOM   856  C  CB  . ASP A 1 111 ? -15.261 -1.286  -10.116 1.00 19.52 ? 111 ASP A CB  1 
ATOM   857  C  CG  . ASP A 1 111 ? -16.654 -1.665  -9.648  1.00 22.02 ? 111 ASP A CG  1 
ATOM   858  O  OD1 . ASP A 1 111 ? -17.364 -0.798  -9.102  1.00 20.85 ? 111 ASP A OD1 1 
ATOM   859  O  OD2 . ASP A 1 111 ? -17.028 -2.845  -9.814  1.00 25.90 ? 111 ASP A OD2 1 
ATOM   860  N  N   . ASP A 1 112 ? -13.458 0.962   -12.003 1.00 13.60 ? 112 ASP A N   1 
ATOM   861  C  CA  . ASP A 1 112 ? -12.111 1.242   -12.497 1.00 15.24 ? 112 ASP A CA  1 
ATOM   862  C  C   . ASP A 1 112 ? -11.651 2.683   -12.350 1.00 15.21 ? 112 ASP A C   1 
ATOM   863  O  O   . ASP A 1 112 ? -12.374 3.621   -12.701 1.00 15.64 ? 112 ASP A O   1 
ATOM   864  C  CB  . ASP A 1 112 ? -12.002 0.842   -13.970 1.00 17.28 ? 112 ASP A CB  1 
ATOM   865  C  CG  . ASP A 1 112 ? -12.184 -0.645  -14.184 1.00 26.10 ? 112 ASP A CG  1 
ATOM   866  O  OD1 . ASP A 1 112 ? -11.395 -1.434  -13.621 1.00 21.72 ? 112 ASP A OD1 1 
ATOM   867  O  OD2 . ASP A 1 112 ? -13.122 -1.021  -14.916 1.00 26.47 ? 112 ASP A OD2 1 
ATOM   868  N  N   . PHE A 1 113 ? -10.437 2.852   -11.838 1.00 14.78 ? 113 PHE A N   1 
ATOM   869  C  CA  . PHE A 1 113 ? -9.844  4.171   -11.657 1.00 13.83 ? 113 PHE A CA  1 
ATOM   870  C  C   . PHE A 1 113 ? -8.438  4.190   -12.235 1.00 16.03 ? 113 PHE A C   1 
ATOM   871  O  O   . PHE A 1 113 ? -7.689  3.219   -12.096 1.00 16.11 ? 113 PHE A O   1 
ATOM   872  C  CB  . PHE A 1 113 ? -9.742  4.540   -10.174 1.00 13.78 ? 113 PHE A CB  1 
ATOM   873  C  CG  . PHE A 1 113 ? -11.057 4.565   -9.452  1.00 14.40 ? 113 PHE A CG  1 
ATOM   874  C  CD1 . PHE A 1 113 ? -11.692 3.380   -9.089  1.00 10.33 ? 113 PHE A CD1 1 
ATOM   875  C  CD2 . PHE A 1 113 ? -11.646 5.780   -9.110  1.00 14.79 ? 113 PHE A CD2 1 
ATOM   876  C  CE1 . PHE A 1 113 ? -12.895 3.405   -8.391  1.00 13.69 ? 113 PHE A CE1 1 
ATOM   877  C  CE2 . PHE A 1 113 ? -12.852 5.819   -8.412  1.00 15.00 ? 113 PHE A CE2 1 
ATOM   878  C  CZ  . PHE A 1 113 ? -13.476 4.630   -8.052  1.00 15.06 ? 113 PHE A CZ  1 
ATOM   879  N  N   . VAL A 1 114 ? -8.089  5.293   -12.890 1.00 14.94 ? 114 VAL A N   1 
ATOM   880  C  CA  . VAL A 1 114 ? -6.755  5.477   -13.455 1.00 16.43 ? 114 VAL A CA  1 
ATOM   881  C  C   . VAL A 1 114 ? -6.305  6.852   -12.988 1.00 16.68 ? 114 VAL A C   1 
ATOM   882  O  O   . VAL A 1 114 ? -7.006  7.850   -13.192 1.00 17.13 ? 114 VAL A O   1 
ATOM   883  C  CB  . VAL A 1 114 ? -6.764  5.425   -15.000 1.00 20.91 ? 114 VAL A CB  1 
ATOM   884  C  CG1 . VAL A 1 114 ? -5.359  5.678   -15.530 1.00 20.86 ? 114 VAL A CG1 1 
ATOM   885  C  CG2 . VAL A 1 114 ? -7.260  4.068   -15.473 1.00 25.49 ? 114 VAL A CG2 1 
ATOM   886  N  N   . LEU A 1 115 ? -5.143  6.900   -12.344 1.00 15.32 ? 115 LEU A N   1 
ATOM   887  C  CA  . LEU A 1 115 ? -4.610  8.146   -11.808 1.00 17.08 ? 115 LEU A CA  1 
ATOM   888  C  C   . LEU A 1 115 ? -3.223  8.504   -12.328 1.00 19.10 ? 115 LEU A C   1 
ATOM   889  O  O   . LEU A 1 115 ? -2.364  7.636   -12.497 1.00 17.85 ? 115 LEU A O   1 
ATOM   890  C  CB  . LEU A 1 115 ? -4.545  8.077   -10.274 1.00 18.24 ? 115 LEU A CB  1 
ATOM   891  C  CG  . LEU A 1 115 ? -5.841  7.941   -9.469  1.00 18.74 ? 115 LEU A CG  1 
ATOM   892  C  CD1 . LEU A 1 115 ? -6.471  6.568   -9.701  1.00 17.90 ? 115 LEU A CD1 1 
ATOM   893  C  CD2 . LEU A 1 115 ? -5.535  8.135   -7.988  1.00 17.38 ? 115 LEU A CD2 1 
ATOM   894  N  N   . THR A 1 116 ? -3.020  9.795   -12.572 1.00 19.09 ? 116 THR A N   1 
ATOM   895  C  CA  . THR A 1 116 ? -1.733  10.312  -13.026 1.00 21.22 ? 116 THR A CA  1 
ATOM   896  C  C   . THR A 1 116 ? -1.453  11.568  -12.196 1.00 21.03 ? 116 THR A C   1 
ATOM   897  O  O   . THR A 1 116 ? -2.350  12.379  -11.965 1.00 22.55 ? 116 THR A O   1 
ATOM   898  C  CB  . THR A 1 116 ? -1.749  10.655  -14.539 1.00 23.26 ? 116 THR A CB  1 
ATOM   899  O  OG1 . THR A 1 116 ? -2.841  11.531  -14.827 1.00 25.12 ? 116 THR A OG1 1 
ATOM   900  C  CG2 . THR A 1 116 ? -1.902  9.389   -15.366 1.00 26.45 ? 116 THR A CG2 1 
ATOM   901  N  N   . PRO A 1 117 ? -0.210  11.733  -11.722 1.00 24.33 ? 117 PRO A N   1 
ATOM   902  C  CA  . PRO A 1 117 ? 0.170   12.894  -10.907 1.00 26.11 ? 117 PRO A CA  1 
ATOM   903  C  C   . PRO A 1 117 ? -0.052  14.240  -11.582 1.00 29.42 ? 117 PRO A C   1 
ATOM   904  O  O   . PRO A 1 117 ? 0.248   14.413  -12.762 1.00 29.26 ? 117 PRO A O   1 
ATOM   905  C  CB  . PRO A 1 117 ? 1.641   12.627  -10.604 1.00 24.87 ? 117 PRO A CB  1 
ATOM   906  C  CG  . PRO A 1 117 ? 2.099   11.931  -11.840 1.00 25.66 ? 117 PRO A CG  1 
ATOM   907  C  CD  . PRO A 1 117 ? 0.982   10.946  -12.086 1.00 24.33 ? 117 PRO A CD  1 
ATOM   908  N  N   . LYS A 1 118 ? -0.581  15.192  -10.820 1.00 32.45 ? 118 LYS A N   1 
ATOM   909  C  CA  . LYS A 1 118 ? -0.844  16.529  -11.335 1.00 36.02 ? 118 LYS A CA  1 
ATOM   910  C  C   . LYS A 1 118 ? 0.442   17.315  -11.518 1.00 39.77 ? 118 LYS A C   1 
ATOM   911  O  O   . LYS A 1 118 ? 0.507   18.229  -12.340 1.00 40.47 ? 118 LYS A O   1 
ATOM   912  C  CB  . LYS A 1 118 ? -1.764  17.295  -10.385 1.00 36.49 ? 118 LYS A CB  1 
ATOM   913  C  CG  . LYS A 1 118 ? -3.192  16.802  -10.354 1.00 35.08 ? 118 LYS A CG  1 
ATOM   914  C  CD  . LYS A 1 118 ? -4.001  17.607  -9.358  1.00 36.04 ? 118 LYS A CD  1 
ATOM   915  C  CE  . LYS A 1 118 ? -5.460  17.194  -9.366  1.00 33.69 ? 118 LYS A CE  1 
ATOM   916  N  NZ  . LYS A 1 118 ? -6.243  17.986  -8.377  1.00 36.35 ? 118 LYS A NZ  1 
ATOM   917  N  N   . ALA A 1 119 ? 1.463   16.958  -10.748 1.00 41.44 ? 119 ALA A N   1 
ATOM   918  C  CA  . ALA A 1 119 ? 2.744   17.643  -10.826 1.00 45.13 ? 119 ALA A CA  1 
ATOM   919  C  C   . ALA A 1 119 ? 3.902   16.655  -10.897 1.00 46.81 ? 119 ALA A C   1 
ATOM   920  O  O   . ALA A 1 119 ? 3.767   15.493  -10.514 1.00 45.59 ? 119 ALA A O   1 
ATOM   921  C  CB  . ALA A 1 119 ? 2.914   18.561  -9.622  1.00 45.78 ? 119 ALA A CB  1 
ATOM   922  N  N   . SER A 1 120 ? 5.040   17.131  -11.395 1.00 49.29 ? 120 SER A N   1 
ATOM   923  C  CA  . SER A 1 120 ? 6.237   16.308  -11.514 1.00 51.24 ? 120 SER A CA  1 
ATOM   924  C  C   . SER A 1 120 ? 6.766   16.027  -10.116 1.00 52.13 ? 120 SER A C   1 
ATOM   925  O  O   . SER A 1 120 ? 6.048   16.199  -9.129  1.00 53.68 ? 120 SER A O   1 
ATOM   926  C  CB  . SER A 1 120 ? 7.304   17.040  -12.328 1.00 52.42 ? 120 SER A CB  1 
ATOM   927  O  OG  . SER A 1 120 ? 6.787   17.460  -13.577 1.00 56.32 ? 120 SER A OG  1 
ATOM   928  N  N   . ASN A 1 121 ? 8.024   15.605  -10.028 1.00 52.77 ? 121 ASN A N   1 
ATOM   929  C  CA  . ASN A 1 121 ? 8.634   15.304  -8.738  1.00 52.68 ? 121 ASN A CA  1 
ATOM   930  C  C   . ASN A 1 121 ? 7.804   14.266  -7.997  1.00 53.43 ? 121 ASN A C   1 
ATOM   931  O  O   . ASN A 1 121 ? 7.443   14.448  -6.833  1.00 55.65 ? 121 ASN A O   1 
ATOM   932  C  CB  . ASN A 1 121 ? 8.753   16.577  -7.893  1.00 52.07 ? 121 ASN A CB  1 
ATOM   933  C  CG  . ASN A 1 121 ? 9.223   16.294  -6.475  1.00 50.47 ? 121 ASN A CG  1 
ATOM   934  O  OD1 . ASN A 1 121 ? 10.252  15.652  -6.266  1.00 48.15 ? 121 ASN A OD1 1 
ATOM   935  N  ND2 . ASN A 1 121 ? 8.465   16.774  -5.492  1.00 46.29 ? 121 ASN A ND2 1 
ATOM   936  N  N   . GLY A 1 122 ? 7.491   13.178  -8.686  1.00 51.98 ? 122 GLY A N   1 
ATOM   937  C  CA  . GLY A 1 122 ? 6.711   12.123  -8.074  1.00 49.40 ? 122 GLY A CA  1 
ATOM   938  C  C   . GLY A 1 122 ? 7.275   10.774  -8.461  1.00 46.85 ? 122 GLY A C   1 
ATOM   939  O  O   . GLY A 1 122 ? 7.665   10.563  -9.610  1.00 47.01 ? 122 GLY A O   1 
ATOM   940  N  N   . ASN A 1 123 ? 7.327   9.860   -7.501  1.00 43.31 ? 123 ASN A N   1 
ATOM   941  C  CA  . ASN A 1 123 ? 7.843   8.527   -7.763  1.00 39.71 ? 123 ASN A CA  1 
ATOM   942  C  C   . ASN A 1 123 ? 6.828   7.708   -8.548  1.00 36.70 ? 123 ASN A C   1 
ATOM   943  O  O   . ASN A 1 123 ? 7.168   6.672   -9.112  1.00 36.84 ? 123 ASN A O   1 
ATOM   944  C  CB  . ASN A 1 123 ? 8.166   7.816   -6.446  1.00 40.58 ? 123 ASN A CB  1 
ATOM   945  C  CG  . ASN A 1 123 ? 8.702   6.415   -6.658  1.00 38.64 ? 123 ASN A CG  1 
ATOM   946  O  OD1 . ASN A 1 123 ? 8.125   5.437   -6.185  1.00 40.17 ? 123 ASN A OD1 1 
ATOM   947  N  ND2 . ASN A 1 123 ? 9.813   6.310   -7.373  1.00 37.80 ? 123 ASN A ND2 1 
ATOM   948  N  N   . LEU A 1 124 ? 5.586   8.184   -8.594  1.00 34.96 ? 124 LEU A N   1 
ATOM   949  C  CA  . LEU A 1 124 ? 4.517   7.467   -9.289  1.00 30.57 ? 124 LEU A CA  1 
ATOM   950  C  C   . LEU A 1 124 ? 3.968   8.188   -10.525 1.00 28.77 ? 124 LEU A C   1 
ATOM   951  O  O   . LEU A 1 124 ? 3.350   9.251   -10.421 1.00 28.84 ? 124 LEU A O   1 
ATOM   952  C  CB  . LEU A 1 124 ? 3.379   7.182   -8.300  1.00 32.92 ? 124 LEU A CB  1 
ATOM   953  C  CG  . LEU A 1 124 ? 2.767   5.778   -8.313  1.00 35.96 ? 124 LEU A CG  1 
ATOM   954  C  CD1 . LEU A 1 124 ? 3.855   4.737   -8.088  1.00 33.79 ? 124 LEU A CD1 1 
ATOM   955  C  CD2 . LEU A 1 124 ? 1.708   5.670   -7.223  1.00 35.99 ? 124 LEU A CD2 1 
ATOM   956  N  N   . LYS A 1 125 ? 4.190   7.593   -11.694 1.00 24.24 ? 125 LYS A N   1 
ATOM   957  C  CA  . LYS A 1 125 ? 3.723   8.164   -12.953 1.00 23.77 ? 125 LYS A CA  1 
ATOM   958  C  C   . LYS A 1 125 ? 2.291   7.747   -13.252 1.00 20.70 ? 125 LYS A C   1 
ATOM   959  O  O   . LYS A 1 125 ? 1.586   8.406   -14.019 1.00 19.65 ? 125 LYS A O   1 
ATOM   960  C  CB  . LYS A 1 125 ? 4.630   7.729   -14.111 1.00 25.47 ? 125 LYS A CB  1 
ATOM   961  C  CG  . LYS A 1 125 ? 6.067   8.223   -14.013 1.00 34.36 ? 125 LYS A CG  1 
ATOM   962  C  CD  . LYS A 1 125 ? 6.851   7.925   -15.292 1.00 43.66 ? 125 LYS A CD  1 
ATOM   963  C  CE  . LYS A 1 125 ? 6.927   6.428   -15.579 1.00 49.88 ? 125 LYS A CE  1 
ATOM   964  N  NZ  . LYS A 1 125 ? 7.603   6.121   -16.875 1.00 52.77 ? 125 LYS A NZ  1 
ATOM   965  N  N   . GLN A 1 126 ? 1.865   6.638   -12.658 1.00 18.94 ? 126 GLN A N   1 
ATOM   966  C  CA  . GLN A 1 126 ? 0.509   6.152   -12.859 1.00 19.08 ? 126 GLN A CA  1 
ATOM   967  C  C   . GLN A 1 126 ? 0.122   5.164   -11.778 1.00 18.89 ? 126 GLN A C   1 
ATOM   968  O  O   . GLN A 1 126 ? 0.972   4.473   -11.223 1.00 19.26 ? 126 GLN A O   1 
ATOM   969  C  CB  . GLN A 1 126 ? 0.369   5.458   -14.217 1.00 20.29 ? 126 GLN A CB  1 
ATOM   970  C  CG  . GLN A 1 126 ? -1.068  5.053   -14.538 1.00 22.58 ? 126 GLN A CG  1 
ATOM   971  C  CD  . GLN A 1 126 ? -1.195  4.312   -15.857 1.00 27.37 ? 126 GLN A CD  1 
ATOM   972  O  OE1 . GLN A 1 126 ? -1.030  3.093   -15.919 1.00 25.63 ? 126 GLN A OE1 1 
ATOM   973  N  NE2 . GLN A 1 126 ? -1.475  5.052   -16.925 1.00 27.40 ? 126 GLN A NE2 1 
ATOM   974  N  N   . PHE A 1 127 ? -1.171  5.114   -11.489 1.00 16.84 ? 127 PHE A N   1 
ATOM   975  C  CA  . PHE A 1 127 ? -1.728  4.189   -10.514 1.00 16.00 ? 127 PHE A CA  1 
ATOM   976  C  C   . PHE A 1 127 ? -3.120  3.819   -11.009 1.00 16.52 ? 127 PHE A C   1 
ATOM   977  O  O   . PHE A 1 127 ? -3.872  4.681   -11.460 1.00 16.53 ? 127 PHE A O   1 
ATOM   978  C  CB  . PHE A 1 127 ? -1.814  4.851   -9.131  1.00 14.16 ? 127 PHE A CB  1 
ATOM   979  C  CG  . PHE A 1 127 ? -2.605  4.058   -8.115  1.00 15.39 ? 127 PHE A CG  1 
ATOM   980  C  CD1 . PHE A 1 127 ? -3.887  4.455   -7.743  1.00 17.21 ? 127 PHE A CD1 1 
ATOM   981  C  CD2 . PHE A 1 127 ? -2.070  2.914   -7.535  1.00 16.50 ? 127 PHE A CD2 1 
ATOM   982  C  CE1 . PHE A 1 127 ? -4.626  3.718   -6.803  1.00 13.30 ? 127 PHE A CE1 1 
ATOM   983  C  CE2 . PHE A 1 127 ? -2.797  2.172   -6.600  1.00 16.01 ? 127 PHE A CE2 1 
ATOM   984  C  CZ  . PHE A 1 127 ? -4.075  2.574   -6.233  1.00 13.76 ? 127 PHE A CZ  1 
ATOM   985  N  N   . THR A 1 128 ? -3.458  2.537   -10.970 1.00 14.24 ? 128 THR A N   1 
ATOM   986  C  CA  . THR A 1 128 ? -4.792  2.124   -11.382 1.00 16.65 ? 128 THR A CA  1 
ATOM   987  C  C   . THR A 1 128 ? -5.316  1.168   -10.334 1.00 16.50 ? 128 THR A C   1 
ATOM   988  O  O   . THR A 1 128 ? -4.540  0.519   -9.624  1.00 16.34 ? 128 THR A O   1 
ATOM   989  C  CB  . THR A 1 128 ? -4.807  1.395   -12.738 1.00 20.20 ? 128 THR A CB  1 
ATOM   990  O  OG1 . THR A 1 128 ? -4.317  0.060   -12.566 1.00 23.24 ? 128 THR A OG1 1 
ATOM   991  C  CG2 . THR A 1 128 ? -3.953  2.145   -13.763 1.00 15.62 ? 128 THR A CG2 1 
ATOM   992  N  N   . ILE A 1 129 ? -6.633  1.090   -10.225 1.00 14.66 ? 129 ILE A N   1 
ATOM   993  C  CA  . ILE A 1 129 ? -7.228  0.195   -9.259  1.00 14.48 ? 129 ILE A CA  1 
ATOM   994  C  C   . ILE A 1 129 ? -8.653  -0.150  -9.632  1.00 16.51 ? 129 ILE A C   1 
ATOM   995  O  O   . ILE A 1 129 ? -9.381  0.677   -10.189 1.00 17.27 ? 129 ILE A O   1 
ATOM   996  C  CB  . ILE A 1 129 ? -7.211  0.816   -7.825  1.00 13.21 ? 129 ILE A CB  1 
ATOM   997  C  CG1 . ILE A 1 129 ? -7.854  -0.154  -6.829  1.00 14.88 ? 129 ILE A CG1 1 
ATOM   998  C  CG2 . ILE A 1 129 ? -7.945  2.167   -7.809  1.00 13.26 ? 129 ILE A CG2 1 
ATOM   999  C  CD1 . ILE A 1 129 ? -7.675  0.258   -5.369  1.00 18.24 ? 129 ILE A CD1 1 
ATOM   1000 N  N   . ASN A 1 130 ? -9.027  -1.397  -9.373  1.00 15.49 ? 130 ASN A N   1 
ATOM   1001 C  CA  . ASN A 1 130 ? -10.396 -1.818  -9.596  1.00 15.28 ? 130 ASN A CA  1 
ATOM   1002 C  C   . ASN A 1 130 ? -10.883 -2.227  -8.217  1.00 17.13 ? 130 ASN A C   1 
ATOM   1003 O  O   . ASN A 1 130 ? -10.394 -3.201  -7.632  1.00 16.42 ? 130 ASN A O   1 
ATOM   1004 C  CB  . ASN A 1 130 ? -10.505 -3.000  -10.562 1.00 15.44 ? 130 ASN A CB  1 
ATOM   1005 C  CG  . ASN A 1 130 ? -11.948 -3.426  -10.773 1.00 21.01 ? 130 ASN A CG  1 
ATOM   1006 O  OD1 . ASN A 1 130 ? -12.583 -3.974  -9.872  1.00 24.94 ? 130 ASN A OD1 1 
ATOM   1007 N  ND2 . ASN A 1 130 ? -12.481 -3.154  -11.961 1.00 23.65 ? 130 ASN A ND2 1 
ATOM   1008 N  N   . VAL A 1 131 ? -11.817 -1.453  -7.681  1.00 16.82 ? 131 VAL A N   1 
ATOM   1009 C  CA  . VAL A 1 131 ? -12.370 -1.722  -6.368  1.00 17.96 ? 131 VAL A CA  1 
ATOM   1010 C  C   . VAL A 1 131 ? -13.855 -1.411  -6.405  1.00 17.97 ? 131 VAL A C   1 
ATOM   1011 O  O   . VAL A 1 131 ? -14.268 -0.325  -6.810  1.00 17.20 ? 131 VAL A O   1 
ATOM   1012 C  CB  . VAL A 1 131 ? -11.659 -0.874  -5.279  1.00 18.80 ? 131 VAL A CB  1 
ATOM   1013 C  CG1 . VAL A 1 131 ? -11.730 0.606   -5.625  1.00 20.68 ? 131 VAL A CG1 1 
ATOM   1014 C  CG2 . VAL A 1 131 ? -12.285 -1.139  -3.914  1.00 18.95 ? 131 VAL A CG2 1 
ATOM   1015 N  N   . GLY A 1 132 ? -14.659 -2.385  -6.000  1.00 19.31 ? 132 GLY A N   1 
ATOM   1016 C  CA  . GLY A 1 132 ? -16.094 -2.191  -6.008  1.00 20.21 ? 132 GLY A CA  1 
ATOM   1017 C  C   . GLY A 1 132 ? -16.590 -1.403  -4.816  1.00 19.64 ? 132 GLY A C   1 
ATOM   1018 O  O   . GLY A 1 132 ? -15.831 -1.081  -3.900  1.00 21.27 ? 132 GLY A O   1 
ATOM   1019 N  N   . ARG A 1 133 ? -17.877 -1.081  -4.821  1.00 19.73 ? 133 ARG A N   1 
ATOM   1020 C  CA  . ARG A 1 133 ? -18.447 -0.332  -3.720  1.00 21.10 ? 133 ARG A CA  1 
ATOM   1021 C  C   . ARG A 1 133 ? -18.501 -1.183  -2.452  1.00 21.56 ? 133 ARG A C   1 
ATOM   1022 O  O   . ARG A 1 133 ? -18.705 -0.662  -1.357  1.00 24.45 ? 133 ARG A O   1 
ATOM   1023 C  CB  . ARG A 1 133 ? -19.841 0.181   -4.099  1.00 19.75 ? 133 ARG A CB  1 
ATOM   1024 C  CG  . ARG A 1 133 ? -19.802 1.270   -5.172  1.00 21.59 ? 133 ARG A CG  1 
ATOM   1025 C  CD  . ARG A 1 133 ? -21.159 1.934   -5.376  1.00 23.67 ? 133 ARG A CD  1 
ATOM   1026 N  NE  . ARG A 1 133 ? -21.118 2.913   -6.463  1.00 20.26 ? 133 ARG A NE  1 
ATOM   1027 C  CZ  . ARG A 1 133 ? -20.487 4.084   -6.406  1.00 21.48 ? 133 ARG A CZ  1 
ATOM   1028 N  NH1 . ARG A 1 133 ? -19.837 4.445   -5.306  1.00 20.71 ? 133 ARG A NH1 1 
ATOM   1029 N  NH2 . ARG A 1 133 ? -20.505 4.899   -7.454  1.00 25.40 ? 133 ARG A NH2 1 
ATOM   1030 N  N   . ASP A 1 134 ? -18.305 -2.491  -2.599  1.00 22.27 ? 134 ASP A N   1 
ATOM   1031 C  CA  . ASP A 1 134 ? -18.321 -3.385  -1.444  1.00 23.44 ? 134 ASP A CA  1 
ATOM   1032 C  C   . ASP A 1 134 ? -16.955 -3.404  -0.761  1.00 24.62 ? 134 ASP A C   1 
ATOM   1033 O  O   . ASP A 1 134 ? -16.760 -4.083  0.250   1.00 24.78 ? 134 ASP A O   1 
ATOM   1034 C  CB  . ASP A 1 134 ? -18.728 -4.807  -1.859  1.00 24.31 ? 134 ASP A CB  1 
ATOM   1035 C  CG  . ASP A 1 134 ? -17.806 -5.410  -2.906  1.00 25.87 ? 134 ASP A CG  1 
ATOM   1036 O  OD1 . ASP A 1 134 ? -18.100 -6.530  -3.374  1.00 30.72 ? 134 ASP A OD1 1 
ATOM   1037 O  OD2 . ASP A 1 134 ? -16.791 -4.776  -3.259  1.00 25.19 ? 134 ASP A OD2 1 
ATOM   1038 N  N   . GLY A 1 135 ? -16.011 -2.651  -1.319  1.00 23.80 ? 135 GLY A N   1 
ATOM   1039 C  CA  . GLY A 1 135 ? -14.682 -2.587  -0.736  1.00 22.47 ? 135 GLY A CA  1 
ATOM   1040 C  C   . GLY A 1 135 ? -13.720 -3.688  -1.146  1.00 21.73 ? 135 GLY A C   1 
ATOM   1041 O  O   . GLY A 1 135 ? -12.601 -3.750  -0.634  1.00 20.53 ? 135 GLY A O   1 
ATOM   1042 N  N   . THR A 1 136 ? -14.133 -4.572  -2.050  1.00 20.80 ? 136 THR A N   1 
ATOM   1043 C  CA  . THR A 1 136 ? -13.241 -5.637  -2.495  1.00 20.27 ? 136 THR A CA  1 
ATOM   1044 C  C   . THR A 1 136 ? -12.280 -5.088  -3.549  1.00 22.09 ? 136 THR A C   1 
ATOM   1045 O  O   . THR A 1 136 ? -12.705 -4.573  -4.585  1.00 20.85 ? 136 THR A O   1 
ATOM   1046 C  CB  . THR A 1 136 ? -14.022 -6.821  -3.094  1.00 21.88 ? 136 THR A CB  1 
ATOM   1047 O  OG1 . THR A 1 136 ? -14.801 -7.446  -2.064  1.00 25.97 ? 136 THR A OG1 1 
ATOM   1048 C  CG2 . THR A 1 136 ? -13.059 -7.853  -3.694  1.00 21.61 ? 136 THR A CG2 1 
ATOM   1049 N  N   . ILE A 1 137 ? -10.985 -5.189  -3.271  1.00 17.97 ? 137 ILE A N   1 
ATOM   1050 C  CA  . ILE A 1 137 ? -9.963  -4.700  -4.195  1.00 17.81 ? 137 ILE A CA  1 
ATOM   1051 C  C   . ILE A 1 137 ? -9.590  -5.844  -5.140  1.00 18.43 ? 137 ILE A C   1 
ATOM   1052 O  O   . ILE A 1 137 ? -8.863  -6.764  -4.759  1.00 18.21 ? 137 ILE A O   1 
ATOM   1053 C  CB  . ILE A 1 137 ? -8.714  -4.219  -3.414  1.00 16.56 ? 137 ILE A CB  1 
ATOM   1054 C  CG1 . ILE A 1 137 ? -9.120  -3.143  -2.405  1.00 19.00 ? 137 ILE A CG1 1 
ATOM   1055 C  CG2 . ILE A 1 137 ? -7.677  -3.658  -4.368  1.00 16.49 ? 137 ILE A CG2 1 
ATOM   1056 C  CD1 . ILE A 1 137 ? -8.023  -2.774  -1.411  1.00 21.16 ? 137 ILE A CD1 1 
ATOM   1057 N  N   . HIS A 1 138 ? -10.095 -5.786  -6.368  1.00 15.39 ? 138 HIS A N   1 
ATOM   1058 C  CA  . HIS A 1 138 ? -9.835  -6.839  -7.345  1.00 15.88 ? 138 HIS A CA  1 
ATOM   1059 C  C   . HIS A 1 138 ? -8.453  -6.776  -7.964  1.00 16.61 ? 138 HIS A C   1 
ATOM   1060 O  O   . HIS A 1 138 ? -7.848  -7.810  -8.255  1.00 16.25 ? 138 HIS A O   1 
ATOM   1061 C  CB  . HIS A 1 138 ? -10.907 -6.804  -8.433  1.00 22.71 ? 138 HIS A CB  1 
ATOM   1062 C  CG  . HIS A 1 138 ? -12.281 -7.102  -7.917  1.00 24.69 ? 138 HIS A CG  1 
ATOM   1063 N  ND1 . HIS A 1 138 ? -12.696 -8.376  -7.601  1.00 27.28 ? 138 HIS A ND1 1 
ATOM   1064 C  CD2 . HIS A 1 138 ? -13.308 -6.280  -7.597  1.00 26.73 ? 138 HIS A CD2 1 
ATOM   1065 C  CE1 . HIS A 1 138 ? -13.922 -8.328  -7.108  1.00 23.82 ? 138 HIS A CE1 1 
ATOM   1066 N  NE2 . HIS A 1 138 ? -14.314 -7.069  -7.095  1.00 27.65 ? 138 HIS A NE2 1 
ATOM   1067 N  N   . GLN A 1 139 ? -7.959  -5.565  -8.187  1.00 17.92 ? 139 GLN A N   1 
ATOM   1068 C  CA  . GLN A 1 139 ? -6.626  -5.400  -8.744  1.00 19.75 ? 139 GLN A CA  1 
ATOM   1069 C  C   . GLN A 1 139 ? -6.177  -3.964  -8.630  1.00 16.83 ? 139 GLN A C   1 
ATOM   1070 O  O   . GLN A 1 139 ? -6.988  -3.065  -8.416  1.00 13.80 ? 139 GLN A O   1 
ATOM   1071 C  CB  . GLN A 1 139 ? -6.585  -5.790  -10.225 1.00 25.70 ? 139 GLN A CB  1 
ATOM   1072 C  CG  . GLN A 1 139 ? -7.116  -4.724  -11.170 1.00 34.60 ? 139 GLN A CG  1 
ATOM   1073 C  CD  . GLN A 1 139 ? -6.429  -4.764  -12.526 1.00 46.53 ? 139 GLN A CD  1 
ATOM   1074 O  OE1 . GLN A 1 139 ? -5.305  -4.282  -12.683 1.00 51.40 ? 139 GLN A OE1 1 
ATOM   1075 N  NE2 . GLN A 1 139 ? -7.100  -5.354  -13.509 1.00 49.58 ? 139 GLN A NE2 1 
ATOM   1076 N  N   . PHE A 1 140 ? -4.869  -3.765  -8.740  1.00 15.30 ? 140 PHE A N   1 
ATOM   1077 C  CA  . PHE A 1 140 ? -4.286  -2.433  -8.736  1.00 14.34 ? 140 PHE A CA  1 
ATOM   1078 C  C   . PHE A 1 140 ? -2.899  -2.509  -9.338  1.00 16.68 ? 140 PHE A C   1 
ATOM   1079 O  O   . PHE A 1 140 ? -2.269  -3.567  -9.334  1.00 20.07 ? 140 PHE A O   1 
ATOM   1080 C  CB  . PHE A 1 140 ? -4.262  -1.782  -7.339  1.00 14.72 ? 140 PHE A CB  1 
ATOM   1081 C  CG  . PHE A 1 140 ? -3.433  -2.504  -6.307  1.00 18.20 ? 140 PHE A CG  1 
ATOM   1082 C  CD1 . PHE A 1 140 ? -3.995  -3.500  -5.515  1.00 14.55 ? 140 PHE A CD1 1 
ATOM   1083 C  CD2 . PHE A 1 140 ? -2.116  -2.119  -6.067  1.00 15.12 ? 140 PHE A CD2 1 
ATOM   1084 C  CE1 . PHE A 1 140 ? -3.251  -4.103  -4.482  1.00 14.81 ? 140 PHE A CE1 1 
ATOM   1085 C  CE2 . PHE A 1 140 ? -1.367  -2.711  -5.043  1.00 14.77 ? 140 PHE A CE2 1 
ATOM   1086 C  CZ  . PHE A 1 140 ? -1.938  -3.703  -4.251  1.00 12.93 ? 140 PHE A CZ  1 
ATOM   1087 N  N   . SER A 1 141 ? -2.434  -1.393  -9.884  1.00 15.48 ? 141 SER A N   1 
ATOM   1088 C  CA  . SER A 1 141 ? -1.124  -1.362  -10.515 1.00 17.69 ? 141 SER A CA  1 
ATOM   1089 C  C   . SER A 1 141 ? -0.509  0.017   -10.449 1.00 17.36 ? 141 SER A C   1 
ATOM   1090 O  O   . SER A 1 141 ? -1.147  0.990   -10.031 1.00 15.74 ? 141 SER A O   1 
ATOM   1091 C  CB  . SER A 1 141 ? -1.233  -1.778  -11.979 1.00 19.73 ? 141 SER A CB  1 
ATOM   1092 O  OG  . SER A 1 141 ? -1.873  -0.766  -12.741 1.00 19.62 ? 141 SER A OG  1 
ATOM   1093 N  N   . ALA A 1 142 ? 0.742   0.100   -10.877 1.00 18.20 ? 142 ALA A N   1 
ATOM   1094 C  CA  . ALA A 1 142 ? 1.428   1.372   -10.872 1.00 17.08 ? 142 ALA A CA  1 
ATOM   1095 C  C   . ALA A 1 142 ? 2.663   1.367   -11.750 1.00 18.03 ? 142 ALA A C   1 
ATOM   1096 O  O   . ALA A 1 142 ? 3.227   0.316   -12.069 1.00 18.28 ? 142 ALA A O   1 
ATOM   1097 C  CB  . ALA A 1 142 ? 1.809   1.750   -9.445  1.00 19.04 ? 142 ALA A CB  1 
ATOM   1098 N  N   . VAL A 1 143 ? 3.049   2.566   -12.159 1.00 18.08 ? 143 VAL A N   1 
ATOM   1099 C  CA  . VAL A 1 143 ? 4.243   2.778   -12.955 1.00 20.50 ? 143 VAL A CA  1 
ATOM   1100 C  C   . VAL A 1 143 ? 4.994   3.831   -12.159 1.00 22.78 ? 143 VAL A C   1 
ATOM   1101 O  O   . VAL A 1 143 ? 4.432   4.880   -11.829 1.00 20.71 ? 143 VAL A O   1 
ATOM   1102 C  CB  . VAL A 1 143 ? 3.912   3.324   -14.355 1.00 21.21 ? 143 VAL A CB  1 
ATOM   1103 C  CG1 . VAL A 1 143 ? 5.196   3.591   -15.121 1.00 24.85 ? 143 VAL A CG1 1 
ATOM   1104 C  CG2 . VAL A 1 143 ? 3.052   2.330   -15.109 1.00 20.39 ? 143 VAL A CG2 1 
ATOM   1105 N  N   . GLU A 1 144 ? 6.248   3.549   -11.821 1.00 23.87 ? 144 GLU A N   1 
ATOM   1106 C  CA  . GLU A 1 144 ? 7.039   4.492   -11.039 1.00 29.23 ? 144 GLU A CA  1 
ATOM   1107 C  C   . GLU A 1 144 ? 8.019   5.286   -11.904 1.00 32.62 ? 144 GLU A C   1 
ATOM   1108 O  O   . GLU A 1 144 ? 8.347   4.875   -13.017 1.00 34.69 ? 144 GLU A O   1 
ATOM   1109 C  CB  . GLU A 1 144 ? 7.761   3.741   -9.914  1.00 31.24 ? 144 GLU A CB  1 
ATOM   1110 C  CG  . GLU A 1 144 ? 6.781   2.988   -9.012  1.00 37.00 ? 144 GLU A CG  1 
ATOM   1111 C  CD  . GLU A 1 144 ? 7.433   2.255   -7.849  1.00 42.31 ? 144 GLU A CD  1 
ATOM   1112 O  OE1 . GLU A 1 144 ? 6.700   1.540   -7.130  1.00 43.98 ? 144 GLU A OE1 1 
ATOM   1113 O  OE2 . GLU A 1 144 ? 8.657   2.389   -7.648  1.00 41.32 ? 144 GLU A OE2 1 
ATOM   1114 N  N   . GLN A 1 145 ? 8.473   6.425   -11.385 1.00 34.67 ? 145 GLN A N   1 
ATOM   1115 C  CA  . GLN A 1 145 ? 9.396   7.310   -12.098 1.00 37.91 ? 145 GLN A CA  1 
ATOM   1116 C  C   . GLN A 1 145 ? 10.521  6.591   -12.835 1.00 40.64 ? 145 GLN A C   1 
ATOM   1117 O  O   . GLN A 1 145 ? 10.894  6.986   -13.943 1.00 41.09 ? 145 GLN A O   1 
ATOM   1118 C  CB  . GLN A 1 145 ? 9.981   8.334   -11.132 1.00 39.20 ? 145 GLN A CB  1 
ATOM   1119 N  N   . ASP A 1 146 ? 11.069  5.544   -12.224 1.00 41.64 ? 146 ASP A N   1 
ATOM   1120 C  CA  . ASP A 1 146 ? 12.151  4.787   -12.843 1.00 44.17 ? 146 ASP A CA  1 
ATOM   1121 C  C   . ASP A 1 146 ? 11.599  3.799   -13.861 1.00 44.36 ? 146 ASP A C   1 
ATOM   1122 O  O   . ASP A 1 146 ? 12.275  2.847   -14.254 1.00 44.80 ? 146 ASP A O   1 
ATOM   1123 C  CB  . ASP A 1 146 ? 12.959  4.043   -11.778 1.00 48.72 ? 146 ASP A CB  1 
ATOM   1124 C  CG  . ASP A 1 146 ? 12.097  3.151   -10.906 1.00 53.46 ? 146 ASP A CG  1 
ATOM   1125 O  OD1 . ASP A 1 146 ? 11.206  3.680   -10.210 1.00 58.44 ? 146 ASP A OD1 1 
ATOM   1126 O  OD2 . ASP A 1 146 ? 12.311  1.922   -10.909 1.00 57.02 ? 146 ASP A OD2 1 
ATOM   1127 N  N   . ASP A 1 147 ? 10.363  4.038   -14.284 1.00 43.97 ? 147 ASP A N   1 
ATOM   1128 C  CA  . ASP A 1 147 ? 9.694   3.190   -15.261 1.00 43.22 ? 147 ASP A CA  1 
ATOM   1129 C  C   . ASP A 1 147 ? 9.388   1.792   -14.721 1.00 40.70 ? 147 ASP A C   1 
ATOM   1130 O  O   . ASP A 1 147 ? 8.990   0.906   -15.479 1.00 40.71 ? 147 ASP A O   1 
ATOM   1131 C  CB  . ASP A 1 147 ? 10.540  3.102   -16.540 1.00 47.35 ? 147 ASP A CB  1 
ATOM   1132 C  CG  . ASP A 1 147 ? 9.804   2.437   -17.685 1.00 53.14 ? 147 ASP A CG  1 
ATOM   1133 O  OD1 . ASP A 1 147 ? 9.785   1.188   -17.744 1.00 56.70 ? 147 ASP A OD1 1 
ATOM   1134 O  OD2 . ASP A 1 147 ? 9.234   3.167   -18.527 1.00 56.00 ? 147 ASP A OD2 1 
ATOM   1135 N  N   . GLN A 1 148 ? 9.569   1.583   -13.417 1.00 37.78 ? 148 GLN A N   1 
ATOM   1136 C  CA  . GLN A 1 148 ? 9.263   0.272   -12.849 1.00 35.77 ? 148 GLN A CA  1 
ATOM   1137 C  C   . GLN A 1 148 ? 7.753   0.103   -12.783 1.00 32.97 ? 148 GLN A C   1 
ATOM   1138 O  O   . GLN A 1 148 ? 7.038   0.983   -12.301 1.00 31.69 ? 148 GLN A O   1 
ATOM   1139 C  CB  . GLN A 1 148 ? 9.827   0.095   -11.436 1.00 36.26 ? 148 GLN A CB  1 
ATOM   1140 C  CG  . GLN A 1 148 ? 9.263   -1.170  -10.768 1.00 41.92 ? 148 GLN A CG  1 
ATOM   1141 C  CD  . GLN A 1 148 ? 9.737   -1.385  -9.346  1.00 46.05 ? 148 GLN A CD  1 
ATOM   1142 O  OE1 . GLN A 1 148 ? 10.908  -1.673  -9.104  1.00 47.31 ? 148 GLN A OE1 1 
ATOM   1143 N  NE2 . GLN A 1 148 ? 8.821   -1.254  -8.394  1.00 50.03 ? 148 GLN A NE2 1 
ATOM   1144 N  N   . ARG A 1 149 ? 7.278   -1.040  -13.259 1.00 29.62 ? 149 ARG A N   1 
ATOM   1145 C  CA  . ARG A 1 149 ? 5.855   -1.326  -13.261 1.00 27.38 ? 149 ARG A CA  1 
ATOM   1146 C  C   . ARG A 1 149 ? 5.517   -2.501  -12.352 1.00 26.10 ? 149 ARG A C   1 
ATOM   1147 O  O   . ARG A 1 149 ? 6.306   -3.432  -12.203 1.00 25.52 ? 149 ARG A O   1 
ATOM   1148 C  CB  . ARG A 1 149 ? 5.395   -1.624  -14.686 1.00 29.24 ? 149 ARG A CB  1 
ATOM   1149 C  CG  . ARG A 1 149 ? 5.591   -0.455  -15.640 1.00 32.93 ? 149 ARG A CG  1 
ATOM   1150 C  CD  . ARG A 1 149 ? 5.304   -0.846  -17.081 1.00 37.99 ? 149 ARG A CD  1 
ATOM   1151 N  NE  . ARG A 1 149 ? 5.201   0.321   -17.956 1.00 48.33 ? 149 ARG A NE  1 
ATOM   1152 C  CZ  . ARG A 1 149 ? 6.149   1.243   -18.095 1.00 49.61 ? 149 ARG A CZ  1 
ATOM   1153 N  NH1 . ARG A 1 149 ? 7.282   1.143   -17.417 1.00 51.39 ? 149 ARG A NH1 1 
ATOM   1154 N  NH2 . ARG A 1 149 ? 5.963   2.272   -18.911 1.00 51.55 ? 149 ARG A NH2 1 
ATOM   1155 N  N   . SER A 1 150 ? 4.346   -2.444  -11.731 1.00 21.68 ? 150 SER A N   1 
ATOM   1156 C  CA  . SER A 1 150 ? 3.906   -3.526  -10.861 1.00 20.28 ? 150 SER A CA  1 
ATOM   1157 C  C   . SER A 1 150 ? 2.392   -3.634  -10.950 1.00 20.10 ? 150 SER A C   1 
ATOM   1158 O  O   . SER A 1 150 ? 1.703   -2.637  -11.167 1.00 20.44 ? 150 SER A O   1 
ATOM   1159 C  CB  . SER A 1 150 ? 4.322   -3.266  -9.409  1.00 19.61 ? 150 SER A CB  1 
ATOM   1160 O  OG  . SER A 1 150 ? 3.703   -2.097  -8.897  1.00 21.97 ? 150 SER A OG  1 
ATOM   1161 N  N   . SER A 1 151 ? 1.885   -4.851  -10.812 1.00 17.96 ? 151 SER A N   1 
ATOM   1162 C  CA  . SER A 1 151 ? 0.450   -5.089  -10.853 1.00 18.95 ? 151 SER A CA  1 
ATOM   1163 C  C   . SER A 1 151 ? 0.106   -6.136  -9.804  1.00 20.68 ? 151 SER A C   1 
ATOM   1164 O  O   . SER A 1 151 ? 0.947   -6.956  -9.430  1.00 20.30 ? 151 SER A O   1 
ATOM   1165 C  CB  . SER A 1 151 ? 0.017   -5.571  -12.238 1.00 20.27 ? 151 SER A CB  1 
ATOM   1166 O  OG  . SER A 1 151 ? 0.732   -6.726  -12.620 1.00 27.17 ? 151 SER A OG  1 
ATOM   1167 N  N   . TYR A 1 152 ? -1.124  -6.087  -9.311  1.00 17.39 ? 152 TYR A N   1 
ATOM   1168 C  CA  . TYR A 1 152 ? -1.571  -7.024  -8.296  1.00 17.15 ? 152 TYR A CA  1 
ATOM   1169 C  C   . TYR A 1 152 ? -2.967  -7.509  -8.629  1.00 18.80 ? 152 TYR A C   1 
ATOM   1170 O  O   . TYR A 1 152 ? -3.841  -6.716  -8.973  1.00 20.52 ? 152 TYR A O   1 
ATOM   1171 C  CB  . TYR A 1 152 ? -1.575  -6.350  -6.922  1.00 15.85 ? 152 TYR A CB  1 
ATOM   1172 C  CG  . TYR A 1 152 ? -0.227  -5.814  -6.500  1.00 17.31 ? 152 TYR A CG  1 
ATOM   1173 C  CD1 . TYR A 1 152 ? 0.277   -4.624  -7.031  1.00 14.05 ? 152 TYR A CD1 1 
ATOM   1174 C  CD2 . TYR A 1 152 ? 0.567   -6.522  -5.600  1.00 16.35 ? 152 TYR A CD2 1 
ATOM   1175 C  CE1 . TYR A 1 152 ? 1.539   -4.156  -6.674  1.00 14.90 ? 152 TYR A CE1 1 
ATOM   1176 C  CE2 . TYR A 1 152 ? 1.820   -6.067  -5.240  1.00 14.21 ? 152 TYR A CE2 1 
ATOM   1177 C  CZ  . TYR A 1 152 ? 2.303   -4.893  -5.773  1.00 16.17 ? 152 TYR A CZ  1 
ATOM   1178 O  OH  . TYR A 1 152 ? 3.551   -4.457  -5.410  1.00 18.96 ? 152 TYR A OH  1 
ATOM   1179 N  N   . GLN A 1 153 ? -3.166  -8.820  -8.550  1.00 17.60 ? 153 GLN A N   1 
ATOM   1180 C  CA  . GLN A 1 153 ? -4.474  -9.401  -8.821  1.00 18.33 ? 153 GLN A CA  1 
ATOM   1181 C  C   . GLN A 1 153 ? -4.924  -10.099 -7.542  1.00 18.38 ? 153 GLN A C   1 
ATOM   1182 O  O   . GLN A 1 153 ? -4.178  -10.890 -6.962  1.00 17.90 ? 153 GLN A O   1 
ATOM   1183 C  CB  . GLN A 1 153 ? -4.392  -10.405 -9.977  1.00 19.68 ? 153 GLN A CB  1 
ATOM   1184 C  CG  . GLN A 1 153 ? -5.745  -10.945 -10.412 1.00 28.23 ? 153 GLN A CG  1 
ATOM   1185 C  CD  . GLN A 1 153 ? -6.592  -9.901  -11.121 1.00 34.21 ? 153 GLN A CD  1 
ATOM   1186 O  OE1 . GLN A 1 153 ? -7.822  -9.945  -11.070 1.00 37.74 ? 153 GLN A OE1 1 
ATOM   1187 N  NE2 . GLN A 1 153 ? -5.936  -8.964  -11.799 1.00 31.89 ? 153 GLN A NE2 1 
ATOM   1188 N  N   . LEU A 1 154 ? -6.138  -9.796  -7.094  1.00 17.08 ? 154 LEU A N   1 
ATOM   1189 C  CA  . LEU A 1 154 ? -6.659  -10.393 -5.873  1.00 17.98 ? 154 LEU A CA  1 
ATOM   1190 C  C   . LEU A 1 154 ? -6.754  -11.916 -5.942  1.00 20.62 ? 154 LEU A C   1 
ATOM   1191 O  O   . LEU A 1 154 ? -7.217  -12.481 -6.935  1.00 20.30 ? 154 LEU A O   1 
ATOM   1192 C  CB  . LEU A 1 154 ? -8.043  -9.817  -5.542  1.00 19.30 ? 154 LEU A CB  1 
ATOM   1193 C  CG  . LEU A 1 154 ? -8.665  -10.328 -4.234  1.00 19.66 ? 154 LEU A CG  1 
ATOM   1194 C  CD1 . LEU A 1 154 ? -7.847  -9.809  -3.058  1.00 15.19 ? 154 LEU A CD1 1 
ATOM   1195 C  CD2 . LEU A 1 154 ? -10.118 -9.866  -4.113  1.00 20.63 ? 154 LEU A CD2 1 
ATOM   1196 N  N   . LYS A 1 155 ? -6.284  -12.577 -4.888  1.00 20.57 ? 155 LYS A N   1 
ATOM   1197 C  CA  . LYS A 1 155 ? -6.359  -14.032 -4.794  1.00 22.51 ? 155 LYS A CA  1 
ATOM   1198 C  C   . LYS A 1 155 ? -7.573  -14.286 -3.913  1.00 24.19 ? 155 LYS A C   1 
ATOM   1199 O  O   . LYS A 1 155 ? -8.452  -15.075 -4.255  1.00 24.96 ? 155 LYS A O   1 
ATOM   1200 C  CB  . LYS A 1 155 ? -5.101  -14.594 -4.133  1.00 23.36 ? 155 LYS A CB  1 
ATOM   1201 C  CG  . LYS A 1 155 ? -3.829  -14.340 -4.922  1.00 29.63 ? 155 LYS A CG  1 
ATOM   1202 C  CD  . LYS A 1 155 ? -2.586  -14.771 -4.157  1.00 34.31 ? 155 LYS A CD  1 
ATOM   1203 C  CE  . LYS A 1 155 ? -2.543  -16.278 -3.938  1.00 34.71 ? 155 LYS A CE  1 
ATOM   1204 N  NZ  . LYS A 1 155 ? -3.669  -16.767 -3.092  1.00 42.80 ? 155 LYS A NZ  1 
ATOM   1205 N  N   . SER A 1 156 ? -7.614  -13.594 -2.778  1.00 23.10 ? 156 SER A N   1 
ATOM   1206 C  CA  . SER A 1 156 ? -8.726  -13.699 -1.845  1.00 23.04 ? 156 SER A CA  1 
ATOM   1207 C  C   . SER A 1 156 ? -8.695  -12.541 -0.861  1.00 23.09 ? 156 SER A C   1 
ATOM   1208 O  O   . SER A 1 156 ? -7.625  -12.074 -0.471  1.00 21.26 ? 156 SER A O   1 
ATOM   1209 C  CB  . SER A 1 156 ? -8.660  -15.013 -1.062  1.00 28.95 ? 156 SER A CB  1 
ATOM   1210 O  OG  . SER A 1 156 ? -7.599  -14.988 -0.124  1.00 34.58 ? 156 SER A OG  1 
ATOM   1211 N  N   . GLN A 1 157 ? -9.875  -12.068 -0.479  1.00 21.30 ? 157 GLN A N   1 
ATOM   1212 C  CA  . GLN A 1 157 ? -9.980  -10.993 0.496   1.00 21.19 ? 157 GLN A CA  1 
ATOM   1213 C  C   . GLN A 1 157 ? -10.923 -11.456 1.601   1.00 24.13 ? 157 GLN A C   1 
ATOM   1214 O  O   . GLN A 1 157 ? -12.085 -11.785 1.346   1.00 22.95 ? 157 GLN A O   1 
ATOM   1215 C  CB  . GLN A 1 157 ? -10.511 -9.700  -0.140  1.00 19.76 ? 157 GLN A CB  1 
ATOM   1216 C  CG  . GLN A 1 157 ? -10.748 -8.597  0.895   1.00 21.39 ? 157 GLN A CG  1 
ATOM   1217 C  CD  . GLN A 1 157 ? -11.056 -7.237  0.286   1.00 22.45 ? 157 GLN A CD  1 
ATOM   1218 O  OE1 . GLN A 1 157 ? -11.716 -6.408  0.910   1.00 23.57 ? 157 GLN A OE1 1 
ATOM   1219 N  NE2 . GLN A 1 157 ? -10.564 -6.999  -0.926  1.00 19.75 ? 157 GLN A NE2 1 
ATOM   1220 N  N   . GLN A 1 158 ? -10.408 -11.503 2.823   1.00 24.20 ? 158 GLN A N   1 
ATOM   1221 C  CA  . GLN A 1 158 ? -11.203 -11.918 3.971   1.00 25.31 ? 158 GLN A CA  1 
ATOM   1222 C  C   . GLN A 1 158 ? -11.496 -10.702 4.850   1.00 25.87 ? 158 GLN A C   1 
ATOM   1223 O  O   . GLN A 1 158 ? -10.580 -10.099 5.415   1.00 24.08 ? 158 GLN A O   1 
ATOM   1224 C  CB  . GLN A 1 158 ? -10.454 -12.978 4.786   1.00 26.31 ? 158 GLN A CB  1 
ATOM   1225 C  CG  . GLN A 1 158 ? -9.921  -14.163 3.979   1.00 36.64 ? 158 GLN A CG  1 
ATOM   1226 C  CD  . GLN A 1 158 ? -8.436  -14.046 3.641   1.00 42.41 ? 158 GLN A CD  1 
ATOM   1227 O  OE1 . GLN A 1 158 ? -8.023  -13.184 2.859   1.00 47.82 ? 158 GLN A OE1 1 
ATOM   1228 N  NE2 . GLN A 1 158 ? -7.626  -14.916 4.236   1.00 42.77 ? 158 GLN A NE2 1 
ATOM   1229 N  N   . ASN A 1 159 ? -12.769 -10.339 4.963   1.00 24.10 ? 159 ASN A N   1 
ATOM   1230 C  CA  . ASN A 1 159 ? -13.151 -9.201  5.784   1.00 26.86 ? 159 ASN A CA  1 
ATOM   1231 C  C   . ASN A 1 159 ? -13.396 -9.632  7.225   1.00 30.69 ? 159 ASN A C   1 
ATOM   1232 O  O   . ASN A 1 159 ? -14.087 -10.619 7.472   1.00 29.82 ? 159 ASN A O   1 
ATOM   1233 C  CB  . ASN A 1 159 ? -14.407 -8.531  5.223   1.00 28.15 ? 159 ASN A CB  1 
ATOM   1234 C  CG  . ASN A 1 159 ? -14.203 -8.009  3.818   1.00 27.00 ? 159 ASN A CG  1 
ATOM   1235 O  OD1 . ASN A 1 159 ? -13.116 -7.557  3.468   1.00 22.32 ? 159 ASN A OD1 1 
ATOM   1236 N  ND2 . ASN A 1 159 ? -15.253 -8.056  3.009   1.00 28.87 ? 159 ASN A ND2 1 
ATOM   1237 N  N   . GLY A 1 160 ? -12.826 -8.891  8.170   1.00 30.51 ? 160 GLY A N   1 
ATOM   1238 C  CA  . GLY A 1 160 ? -13.001 -9.228  9.569   1.00 32.21 ? 160 GLY A CA  1 
ATOM   1239 C  C   . GLY A 1 160 ? -11.846 -8.789  10.448  1.00 33.01 ? 160 GLY A C   1 
ATOM   1240 O  O   . GLY A 1 160 ? -10.777 -8.416  9.957   1.00 29.30 ? 160 GLY A O   1 
ATOM   1241 N  N   . ALA A 1 161 ? -12.070 -8.842  11.758  1.00 32.75 ? 161 ALA A N   1 
ATOM   1242 C  CA  . ALA A 1 161 ? -11.067 -8.448  12.741  1.00 32.46 ? 161 ALA A CA  1 
ATOM   1243 C  C   . ALA A 1 161 ? -9.706  -9.076  12.473  1.00 31.34 ? 161 ALA A C   1 
ATOM   1244 O  O   . ALA A 1 161 ? -9.606  -10.220 12.025  1.00 31.47 ? 161 ALA A O   1 
ATOM   1245 C  CB  . ALA A 1 161 ? -11.548 -8.818  14.146  1.00 34.12 ? 161 ALA A CB  1 
ATOM   1246 N  N   . VAL A 1 162 ? -8.657  -8.310  12.752  1.00 30.27 ? 162 VAL A N   1 
ATOM   1247 C  CA  . VAL A 1 162 ? -7.284  -8.758  12.559  1.00 29.12 ? 162 VAL A CA  1 
ATOM   1248 C  C   . VAL A 1 162 ? -6.561  -8.673  13.899  1.00 28.75 ? 162 VAL A C   1 
ATOM   1249 O  O   . VAL A 1 162 ? -6.784  -7.739  14.670  1.00 27.75 ? 162 VAL A O   1 
ATOM   1250 C  CB  . VAL A 1 162 ? -6.554  -7.865  11.532  1.00 30.41 ? 162 VAL A CB  1 
ATOM   1251 C  CG1 . VAL A 1 162 ? -5.097  -8.288  11.404  1.00 26.87 ? 162 VAL A CG1 1 
ATOM   1252 C  CG2 . VAL A 1 162 ? -7.254  -7.957  10.182  1.00 33.09 ? 162 VAL A CG2 1 
ATOM   1253 N  N   . ASP A 1 163 ? -5.700  -9.646  14.172  1.00 29.17 ? 163 ASP A N   1 
ATOM   1254 C  CA  . ASP A 1 163 ? -4.958  -9.672  15.425  1.00 29.79 ? 163 ASP A CA  1 
ATOM   1255 C  C   . ASP A 1 163 ? -4.063  -8.445  15.576  1.00 27.21 ? 163 ASP A C   1 
ATOM   1256 O  O   . ASP A 1 163 ? -3.347  -8.074  14.652  1.00 27.10 ? 163 ASP A O   1 
ATOM   1257 C  CB  . ASP A 1 163 ? -4.097  -10.926 15.514  1.00 31.99 ? 163 ASP A CB  1 
ATOM   1258 C  CG  . ASP A 1 163 ? -3.429  -11.064 16.861  1.00 41.63 ? 163 ASP A CG  1 
ATOM   1259 O  OD1 . ASP A 1 163 ? -4.151  -11.293 17.856  1.00 44.80 ? 163 ASP A OD1 1 
ATOM   1260 O  OD2 . ASP A 1 163 ? -2.187  -10.934 16.931  1.00 41.55 ? 163 ASP A OD2 1 
ATOM   1261 N  N   . ALA A 1 164 ? -4.094  -7.840  16.758  1.00 27.30 ? 164 ALA A N   1 
ATOM   1262 C  CA  . ALA A 1 164 ? -3.303  -6.645  17.037  1.00 25.33 ? 164 ALA A CA  1 
ATOM   1263 C  C   . ALA A 1 164 ? -1.810  -6.808  16.783  1.00 24.05 ? 164 ALA A C   1 
ATOM   1264 O  O   . ALA A 1 164 ? -1.128  -5.848  16.425  1.00 23.70 ? 164 ALA A O   1 
ATOM   1265 C  CB  . ALA A 1 164 ? -3.537  -6.198  18.476  1.00 27.20 ? 164 ALA A CB  1 
ATOM   1266 N  N   . ALA A 1 165 ? -1.298  -8.019  16.970  1.00 21.18 ? 165 ALA A N   1 
ATOM   1267 C  CA  . ALA A 1 165 ? 0.120   -8.274  16.770  1.00 21.33 ? 165 ALA A CA  1 
ATOM   1268 C  C   . ALA A 1 165 ? 0.559   -8.014  15.328  1.00 21.14 ? 165 ALA A C   1 
ATOM   1269 O  O   . ALA A 1 165 ? 1.742   -7.797  15.057  1.00 21.89 ? 165 ALA A O   1 
ATOM   1270 C  CB  . ALA A 1 165 ? 0.459   -9.708  17.181  1.00 21.54 ? 165 ALA A CB  1 
ATOM   1271 N  N   . LYS A 1 166 ? -0.392  -8.019  14.404  1.00 22.17 ? 166 LYS A N   1 
ATOM   1272 C  CA  . LYS A 1 166 ? -0.065  -7.780  13.006  1.00 22.23 ? 166 LYS A CA  1 
ATOM   1273 C  C   . LYS A 1 166 ? 0.308   -6.315  12.797  1.00 21.18 ? 166 LYS A C   1 
ATOM   1274 O  O   . LYS A 1 166 ? 0.932   -5.965  11.796  1.00 21.06 ? 166 LYS A O   1 
ATOM   1275 C  CB  . LYS A 1 166 ? -1.257  -8.136  12.110  1.00 26.31 ? 166 LYS A CB  1 
ATOM   1276 C  CG  . LYS A 1 166 ? -0.863  -8.467  10.679  1.00 33.49 ? 166 LYS A CG  1 
ATOM   1277 C  CD  . LYS A 1 166 ? -0.007  -9.728  10.642  1.00 35.74 ? 166 LYS A CD  1 
ATOM   1278 C  CE  . LYS A 1 166 ? 0.536   -9.998  9.254   1.00 41.41 ? 166 LYS A CE  1 
ATOM   1279 N  NZ  . LYS A 1 166 ? 1.299   -11.273 9.191   1.00 39.54 ? 166 LYS A NZ  1 
ATOM   1280 N  N   . PHE A 1 167 ? -0.067  -5.467  13.748  1.00 19.92 ? 167 PHE A N   1 
ATOM   1281 C  CA  . PHE A 1 167 ? 0.217   -4.038  13.645  1.00 21.08 ? 167 PHE A CA  1 
ATOM   1282 C  C   . PHE A 1 167 ? 1.284   -3.536  14.610  1.00 23.36 ? 167 PHE A C   1 
ATOM   1283 O  O   . PHE A 1 167 ? 1.247   -2.394  15.069  1.00 21.73 ? 167 PHE A O   1 
ATOM   1284 C  CB  . PHE A 1 167 ? -1.075  -3.253  13.829  1.00 18.01 ? 167 PHE A CB  1 
ATOM   1285 C  CG  . PHE A 1 167 ? -2.155  -3.658  12.868  1.00 19.54 ? 167 PHE A CG  1 
ATOM   1286 C  CD1 . PHE A 1 167 ? -3.438  -3.951  13.321  1.00 17.55 ? 167 PHE A CD1 1 
ATOM   1287 C  CD2 . PHE A 1 167 ? -1.879  -3.767  11.508  1.00 18.05 ? 167 PHE A CD2 1 
ATOM   1288 C  CE1 . PHE A 1 167 ? -4.436  -4.353  12.429  1.00 19.83 ? 167 PHE A CE1 1 
ATOM   1289 C  CE2 . PHE A 1 167 ? -2.866  -4.165  10.607  1.00 19.94 ? 167 PHE A CE2 1 
ATOM   1290 C  CZ  . PHE A 1 167 ? -4.148  -4.461  11.068  1.00 21.49 ? 167 PHE A CZ  1 
ATOM   1291 N  N   . THR A 1 168 ? 2.228   -4.409  14.924  1.00 24.59 ? 168 THR A N   1 
ATOM   1292 C  CA  . THR A 1 168 ? 3.340   -4.059  15.793  1.00 26.76 ? 168 THR A CA  1 
ATOM   1293 C  C   . THR A 1 168 ? 4.541   -4.711  15.136  1.00 28.23 ? 168 THR A C   1 
ATOM   1294 O  O   . THR A 1 168 ? 4.402   -5.736  14.460  1.00 29.59 ? 168 THR A O   1 
ATOM   1295 C  CB  . THR A 1 168 ? 3.141   -4.584  17.231  1.00 27.02 ? 168 THR A CB  1 
ATOM   1296 O  OG1 . THR A 1 168 ? 2.933   -6.001  17.208  1.00 29.90 ? 168 THR A OG1 1 
ATOM   1297 C  CG2 . THR A 1 168 ? 1.946   -3.907  17.875  1.00 31.56 ? 168 THR A CG2 1 
ATOM   1298 N  N   . PHE A 1 169 ? 5.711   -4.109  15.299  1.00 27.83 ? 169 PHE A N   1 
ATOM   1299 C  CA  . PHE A 1 169 ? 6.914   -4.637  14.681  1.00 29.05 ? 169 PHE A CA  1 
ATOM   1300 C  C   . PHE A 1 169 ? 7.977   -5.049  15.684  1.00 34.51 ? 169 PHE A C   1 
ATOM   1301 O  O   . PHE A 1 169 ? 8.151   -4.421  16.726  1.00 33.48 ? 169 PHE A O   1 
ATOM   1302 C  CB  . PHE A 1 169 ? 7.515   -3.601  13.731  1.00 29.59 ? 169 PHE A CB  1 
ATOM   1303 C  CG  . PHE A 1 169 ? 8.763   -4.069  13.039  1.00 29.30 ? 169 PHE A CG  1 
ATOM   1304 C  CD1 . PHE A 1 169 ? 8.692   -4.966  11.983  1.00 27.76 ? 169 PHE A CD1 1 
ATOM   1305 C  CD2 . PHE A 1 169 ? 10.015  -3.618  13.454  1.00 29.44 ? 169 PHE A CD2 1 
ATOM   1306 C  CE1 . PHE A 1 169 ? 9.848   -5.411  11.344  1.00 31.38 ? 169 PHE A CE1 1 
ATOM   1307 C  CE2 . PHE A 1 169 ? 11.178  -4.056  12.823  1.00 26.38 ? 169 PHE A CE2 1 
ATOM   1308 C  CZ  . PHE A 1 169 ? 11.096  -4.955  11.766  1.00 29.65 ? 169 PHE A CZ  1 
ATOM   1309 N  N   . THR A 1 170 ? 8.692   -6.113  15.344  1.00 37.49 ? 170 THR A N   1 
ATOM   1310 C  CA  . THR A 1 170 ? 9.763   -6.630  16.180  1.00 41.18 ? 170 THR A CA  1 
ATOM   1311 C  C   . THR A 1 170 ? 10.646  -7.484  15.290  1.00 42.44 ? 170 THR A C   1 
ATOM   1312 O  O   . THR A 1 170 ? 10.262  -8.587  14.903  1.00 44.94 ? 170 THR A O   1 
ATOM   1313 C  CB  . THR A 1 170 ? 9.233   -7.517  17.324  1.00 42.89 ? 170 THR A CB  1 
ATOM   1314 O  OG1 . THR A 1 170 ? 8.311   -6.773  18.128  1.00 46.46 ? 170 THR A OG1 1 
ATOM   1315 C  CG2 . THR A 1 170 ? 10.386  -7.993  18.195  1.00 44.47 ? 170 THR A CG2 1 
ATOM   1316 N  N   . PRO A 1 171 ? 11.835  -6.982  14.939  1.00 43.09 ? 171 PRO A N   1 
ATOM   1317 C  CA  . PRO A 1 171 ? 12.707  -7.782  14.085  1.00 45.54 ? 171 PRO A CA  1 
ATOM   1318 C  C   . PRO A 1 171 ? 13.128  -9.034  14.849  1.00 48.45 ? 171 PRO A C   1 
ATOM   1319 O  O   . PRO A 1 171 ? 12.969  -9.108  16.067  1.00 48.51 ? 171 PRO A O   1 
ATOM   1320 C  CB  . PRO A 1 171 ? 13.872  -6.838  13.814  1.00 42.25 ? 171 PRO A CB  1 
ATOM   1321 C  CG  . PRO A 1 171 ? 13.973  -6.078  15.093  1.00 44.18 ? 171 PRO A CG  1 
ATOM   1322 C  CD  . PRO A 1 171 ? 12.525  -5.768  15.408  1.00 41.62 ? 171 PRO A CD  1 
ATOM   1323 N  N   . PRO A 1 172 ? 13.657  -10.040 14.142  1.00 50.59 ? 172 PRO A N   1 
ATOM   1324 C  CA  . PRO A 1 172 ? 14.081  -11.266 14.823  1.00 51.32 ? 172 PRO A CA  1 
ATOM   1325 C  C   . PRO A 1 172 ? 15.291  -11.015 15.723  1.00 52.11 ? 172 PRO A C   1 
ATOM   1326 O  O   . PRO A 1 172 ? 15.162  -10.866 16.940  1.00 52.36 ? 172 PRO A O   1 
ATOM   1327 C  CB  . PRO A 1 172 ? 14.400  -12.204 13.661  1.00 52.09 ? 172 PRO A CB  1 
ATOM   1328 C  CG  . PRO A 1 172 ? 14.917  -11.254 12.611  1.00 50.50 ? 172 PRO A CG  1 
ATOM   1329 C  CD  . PRO A 1 172 ? 13.928  -10.115 12.695  1.00 51.66 ? 172 PRO A CD  1 
ATOM   1330 N  N   . GLN A 1 173 ? 16.464  -10.964 15.106  1.00 52.38 ? 173 GLN A N   1 
ATOM   1331 C  CA  . GLN A 1 173 ? 17.702  -10.731 15.825  1.00 50.62 ? 173 GLN A CA  1 
ATOM   1332 C  C   . GLN A 1 173 ? 18.776  -10.368 14.811  1.00 48.27 ? 173 GLN A C   1 
ATOM   1333 O  O   . GLN A 1 173 ? 18.727  -10.809 13.660  1.00 49.79 ? 173 GLN A O   1 
ATOM   1334 C  CB  . GLN A 1 173 ? 18.090  -11.985 16.613  1.00 55.39 ? 173 GLN A CB  1 
ATOM   1335 C  CG  . GLN A 1 173 ? 18.104  -13.264 15.790  1.00 61.73 ? 173 GLN A CG  1 
ATOM   1336 C  CD  . GLN A 1 173 ? 19.362  -13.414 14.951  1.00 64.91 ? 173 GLN A CD  1 
ATOM   1337 O  OE1 . GLN A 1 173 ? 19.452  -14.290 14.089  1.00 66.54 ? 173 GLN A OE1 1 
ATOM   1338 N  NE2 . GLN A 1 173 ? 20.346  -12.563 15.209  1.00 66.38 ? 173 GLN A NE2 1 
ATOM   1339 N  N   . GLY A 1 174 ? 19.738  -9.556  15.235  1.00 44.34 ? 174 GLY A N   1 
ATOM   1340 C  CA  . GLY A 1 174 ? 20.795  -9.143  14.331  1.00 40.93 ? 174 GLY A CA  1 
ATOM   1341 C  C   . GLY A 1 174 ? 20.307  -8.049  13.400  1.00 37.60 ? 174 GLY A C   1 
ATOM   1342 O  O   . GLY A 1 174 ? 21.028  -7.612  12.500  1.00 37.47 ? 174 GLY A O   1 
ATOM   1343 N  N   . VAL A 1 175 ? 19.072  -7.609  13.616  1.00 36.32 ? 175 VAL A N   1 
ATOM   1344 C  CA  . VAL A 1 175 ? 18.484  -6.556  12.799  1.00 32.70 ? 175 VAL A CA  1 
ATOM   1345 C  C   . VAL A 1 175 ? 18.781  -5.197  13.418  1.00 29.24 ? 175 VAL A C   1 
ATOM   1346 O  O   . VAL A 1 175 ? 18.581  -4.993  14.614  1.00 27.71 ? 175 VAL A O   1 
ATOM   1347 C  CB  . VAL A 1 175 ? 16.955  -6.723  12.677  1.00 34.57 ? 175 VAL A CB  1 
ATOM   1348 C  CG1 . VAL A 1 175 ? 16.385  -5.641  11.764  1.00 34.48 ? 175 VAL A CG1 1 
ATOM   1349 C  CG2 . VAL A 1 175 ? 16.619  -8.107  12.133  1.00 38.42 ? 175 VAL A CG2 1 
ATOM   1350 N  N   . THR A 1 176 ? 19.270  -4.279  12.594  1.00 26.86 ? 176 THR A N   1 
ATOM   1351 C  CA  . THR A 1 176 ? 19.595  -2.929  13.032  1.00 27.96 ? 176 THR A CA  1 
ATOM   1352 C  C   . THR A 1 176 ? 18.402  -2.025  12.735  1.00 23.85 ? 176 THR A C   1 
ATOM   1353 O  O   . THR A 1 176 ? 17.820  -2.111  11.656  1.00 25.33 ? 176 THR A O   1 
ATOM   1354 C  CB  . THR A 1 176 ? 20.807  -2.383  12.261  1.00 31.16 ? 176 THR A CB  1 
ATOM   1355 O  OG1 . THR A 1 176 ? 21.925  -3.264  12.431  1.00 38.45 ? 176 THR A OG1 1 
ATOM   1356 C  CG2 . THR A 1 176 ? 21.173  -0.997  12.760  1.00 32.69 ? 176 THR A CG2 1 
ATOM   1357 N  N   . VAL A 1 177 ? 18.049  -1.166  13.685  1.00 23.70 ? 177 VAL A N   1 
ATOM   1358 C  CA  . VAL A 1 177 ? 16.930  -0.243  13.505  1.00 21.14 ? 177 VAL A CA  1 
ATOM   1359 C  C   . VAL A 1 177 ? 17.410  1.199   13.349  1.00 20.75 ? 177 VAL A C   1 
ATOM   1360 O  O   . VAL A 1 177 ? 18.107  1.730   14.213  1.00 21.27 ? 177 VAL A O   1 
ATOM   1361 C  CB  . VAL A 1 177 ? 15.953  -0.306  14.702  1.00 24.38 ? 177 VAL A CB  1 
ATOM   1362 C  CG1 . VAL A 1 177 ? 14.850  0.732   14.531  1.00 27.30 ? 177 VAL A CG1 1 
ATOM   1363 C  CG2 . VAL A 1 177 ? 15.356  -1.697  14.811  1.00 23.37 ? 177 VAL A CG2 1 
ATOM   1364 N  N   . ASP A 1 178 ? 17.046  1.820   12.233  1.00 16.89 ? 178 ASP A N   1 
ATOM   1365 C  CA  . ASP A 1 178 ? 17.409  3.205   11.973  1.00 18.42 ? 178 ASP A CA  1 
ATOM   1366 C  C   . ASP A 1 178 ? 16.156  4.021   12.276  1.00 17.53 ? 178 ASP A C   1 
ATOM   1367 O  O   . ASP A 1 178 ? 15.179  3.969   11.528  1.00 16.77 ? 178 ASP A O   1 
ATOM   1368 C  CB  . ASP A 1 178 ? 17.829  3.383   10.514  1.00 22.31 ? 178 ASP A CB  1 
ATOM   1369 C  CG  . ASP A 1 178 ? 18.224  4.811   10.190  1.00 27.60 ? 178 ASP A CG  1 
ATOM   1370 O  OD1 . ASP A 1 178 ? 18.671  5.537   11.106  1.00 29.54 ? 178 ASP A OD1 1 
ATOM   1371 O  OD2 . ASP A 1 178 ? 18.102  5.205   9.012   1.00 35.27 ? 178 ASP A OD2 1 
ATOM   1372 N  N   . ASP A 1 179 ? 16.191  4.755   13.384  1.00 15.77 ? 179 ASP A N   1 
ATOM   1373 C  CA  . ASP A 1 179 ? 15.051  5.554   13.821  1.00 14.80 ? 179 ASP A CA  1 
ATOM   1374 C  C   . ASP A 1 179 ? 15.086  6.954   13.229  1.00 14.67 ? 179 ASP A C   1 
ATOM   1375 O  O   . ASP A 1 179 ? 15.888  7.789   13.644  1.00 15.69 ? 179 ASP A O   1 
ATOM   1376 C  CB  . ASP A 1 179 ? 15.036  5.633   15.354  1.00 15.20 ? 179 ASP A CB  1 
ATOM   1377 C  CG  . ASP A 1 179 ? 13.779  6.280   15.891  1.00 13.71 ? 179 ASP A CG  1 
ATOM   1378 O  OD1 . ASP A 1 179 ? 12.940  6.726   15.077  1.00 11.71 ? 179 ASP A OD1 1 
ATOM   1379 O  OD2 . ASP A 1 179 ? 13.635  6.343   17.126  1.00 16.13 ? 179 ASP A OD2 1 
ATOM   1380 N  N   . GLN A 1 180 ? 14.204  7.207   12.268  1.00 11.96 ? 180 GLN A N   1 
ATOM   1381 C  CA  . GLN A 1 180 ? 14.133  8.503   11.606  1.00 14.01 ? 180 GLN A CA  1 
ATOM   1382 C  C   . GLN A 1 180 ? 13.013  9.393   12.142  1.00 14.24 ? 180 GLN A C   1 
ATOM   1383 O  O   . GLN A 1 180 ? 12.627  10.373  11.504  1.00 15.08 ? 180 GLN A O   1 
ATOM   1384 C  CB  . GLN A 1 180 ? 13.968  8.297   10.098  1.00 14.00 ? 180 GLN A CB  1 
ATOM   1385 C  CG  . GLN A 1 180 ? 15.052  7.407   9.489   1.00 14.97 ? 180 GLN A CG  1 
ATOM   1386 C  CD  . GLN A 1 180 ? 14.909  7.256   7.993   1.00 16.51 ? 180 GLN A CD  1 
ATOM   1387 O  OE1 . GLN A 1 180 ? 13.801  7.225   7.465   1.00 18.83 ? 180 GLN A OE1 1 
ATOM   1388 N  NE2 . GLN A 1 180 ? 16.039  7.143   7.297   1.00 22.95 ? 180 GLN A NE2 1 
ATOM   1389 N  N   . ARG A 1 181 ? 12.484  9.054   13.311  1.00 11.71 ? 181 ARG A N   1 
ATOM   1390 C  CA  . ARG A 1 181 ? 11.423  9.868   13.906  1.00 11.99 ? 181 ARG A CA  1 
ATOM   1391 C  C   . ARG A 1 181 ? 12.011  11.019  14.714  1.00 13.65 ? 181 ARG A C   1 
ATOM   1392 O  O   . ARG A 1 181 ? 12.556  10.812  15.804  1.00 15.34 ? 181 ARG A O   1 
ATOM   1393 C  CB  . ARG A 1 181 ? 10.535  9.009   14.815  1.00 11.61 ? 181 ARG A CB  1 
ATOM   1394 C  CG  . ARG A 1 181 ? 9.811   7.881   14.074  1.00 14.17 ? 181 ARG A CG  1 
ATOM   1395 C  CD  . ARG A 1 181 ? 9.198   6.888   15.055  1.00 10.74 ? 181 ARG A CD  1 
ATOM   1396 N  NE  . ARG A 1 181 ? 10.229  6.355   15.940  1.00 11.15 ? 181 ARG A NE  1 
ATOM   1397 C  CZ  . ARG A 1 181 ? 10.010  5.533   16.959  1.00 11.07 ? 181 ARG A CZ  1 
ATOM   1398 N  NH1 . ARG A 1 181 ? 8.778   5.117   17.244  1.00 9.86  ? 181 ARG A NH1 1 
ATOM   1399 N  NH2 . ARG A 1 181 ? 11.034  5.142   17.711  1.00 13.40 ? 181 ARG A NH2 1 
ATOM   1400 N  N   . LYS A 1 182 ? 11.912  12.232  14.180  1.00 12.25 ? 182 LYS A N   1 
ATOM   1401 C  CA  . LYS A 1 182 ? 12.429  13.389  14.895  1.00 14.15 ? 182 LYS A CA  1 
ATOM   1402 C  C   . LYS A 1 182 ? 11.439  13.745  16.001  1.00 14.51 ? 182 LYS A C   1 
ATOM   1403 O  O   . LYS A 1 182 ? 10.218  13.744  15.730  1.00 14.20 ? 182 LYS A O   1 
ATOM   1404 C  CB  . LYS A 1 182 ? 12.609  14.583  13.943  1.00 14.86 ? 182 LYS A CB  1 
ATOM   1405 C  CG  . LYS A 1 182 ? 13.118  15.861  14.622  1.00 17.11 ? 182 LYS A CG  1 
ATOM   1406 C  CD  . LYS A 1 182 ? 13.259  17.009  13.617  1.00 18.50 ? 182 LYS A CD  1 
ATOM   1407 C  CE  . LYS A 1 182 ? 13.750  18.287  14.292  1.00 19.42 ? 182 LYS A CE  1 
ATOM   1408 N  NZ  . LYS A 1 182 ? 12.803  18.777  15.333  1.00 22.78 ? 182 LYS A NZ  1 
ATOM   1409 O  OXT . LYS A 1 182 ? 11.897  14.018  17.125  1.00 15.48 ? 182 LYS A OXT 1 
HETATM 1410 ZN ZN  . ZN  B 2 .   ? 8.154   -12.840 3.992   1.00 36.16 ? 191 ZN  A ZN  1 
HETATM 1411 ZN ZN  . ZN  C 2 .   ? -5.500  -13.995 6.254   1.00 42.77 ? 192 ZN  A ZN  1 
HETATM 1412 ZN ZN  . ZN  D 2 .   ? -16.225 -6.722  -6.960  1.00 56.51 ? 193 ZN  A ZN  1 
HETATM 1413 MG MG  . MG  E 3 .   ? -12.142 -9.824  -8.717  1.00 33.63 ? 194 MG  A MG  1 
HETATM 1414 MG MG  . MG  F 3 .   ? -2.293  -13.610 4.130   1.00 47.21 ? 195 MG  A MG  1 
HETATM 1415 O  O   . HOH G 4 .   ? 2.769   9.622   12.746  1.00 14.83 ? 201 HOH A O   1 
HETATM 1416 O  O   . HOH G 4 .   ? -19.263 -1.668  -7.268  1.00 21.28 ? 202 HOH A O   1 
HETATM 1417 O  O   . HOH G 4 .   ? 9.551   10.583  9.975   1.00 17.98 ? 203 HOH A O   1 
HETATM 1418 O  O   . HOH G 4 .   ? -3.886  7.455   0.095   1.00 16.66 ? 204 HOH A O   1 
HETATM 1419 O  O   . HOH G 4 .   ? -16.442 9.917   -10.703 1.00 18.53 ? 205 HOH A O   1 
HETATM 1420 O  O   . HOH G 4 .   ? -19.457 1.346   -9.579  1.00 22.39 ? 206 HOH A O   1 
HETATM 1421 O  O   . HOH G 4 .   ? 6.805   7.569   6.863   1.00 19.69 ? 207 HOH A O   1 
HETATM 1422 O  O   . HOH G 4 .   ? 4.285   -2.156  -6.097  1.00 22.50 ? 208 HOH A O   1 
HETATM 1423 O  O   . HOH G 4 .   ? 9.668   3.501   7.638   1.00 18.66 ? 209 HOH A O   1 
HETATM 1424 O  O   . HOH G 4 .   ? 6.168   6.691   2.070   1.00 24.14 ? 210 HOH A O   1 
HETATM 1425 O  O   . HOH G 4 .   ? 12.567  -11.723 -3.623  1.00 20.44 ? 211 HOH A O   1 
HETATM 1426 O  O   . HOH G 4 .   ? -6.226  3.119   13.179  1.00 29.25 ? 212 HOH A O   1 
HETATM 1427 O  O   . HOH G 4 .   ? 13.830  9.120   17.518  1.00 23.80 ? 213 HOH A O   1 
HETATM 1428 O  O   . HOH G 4 .   ? -10.419 11.696  -1.549  1.00 23.81 ? 215 HOH A O   1 
HETATM 1429 O  O   . HOH G 4 .   ? 12.644  2.110   -8.070  1.00 40.78 ? 216 HOH A O   1 
HETATM 1430 O  O   . HOH G 4 .   ? -6.256  13.550  3.896   1.00 29.65 ? 217 HOH A O   1 
HETATM 1431 O  O   . HOH G 4 .   ? -10.626 -0.200  4.185   1.00 27.53 ? 218 HOH A O   1 
HETATM 1432 O  O   . HOH G 4 .   ? -8.400  13.774  -14.378 1.00 26.99 ? 219 HOH A O   1 
HETATM 1433 O  O   . HOH G 4 .   ? -8.285  14.516  -7.700  1.00 27.98 ? 220 HOH A O   1 
HETATM 1434 O  O   . HOH G 4 .   ? -15.521 -6.356  0.544   1.00 34.27 ? 221 HOH A O   1 
HETATM 1435 O  O   . HOH G 4 .   ? -12.749 -0.876  1.972   1.00 28.28 ? 222 HOH A O   1 
HETATM 1436 O  O   . HOH G 4 .   ? -3.287  4.684   7.244   1.00 29.87 ? 223 HOH A O   1 
HETATM 1437 O  O   . HOH G 4 .   ? -18.238 10.528  -3.105  1.00 25.94 ? 224 HOH A O   1 
HETATM 1438 O  O   . HOH G 4 .   ? 7.936   9.747   1.318   1.00 32.47 ? 225 HOH A O   1 
HETATM 1439 O  O   . HOH G 4 .   ? 6.525   -0.539  -5.575  1.00 33.77 ? 226 HOH A O   1 
HETATM 1440 O  O   . HOH G 4 .   ? -1.025  13.832  1.100   1.00 25.16 ? 227 HOH A O   1 
HETATM 1441 O  O   . HOH G 4 .   ? -19.226 -3.908  -5.438  1.00 29.94 ? 228 HOH A O   1 
HETATM 1442 O  O   . HOH G 4 .   ? -2.130  -9.738  19.897  1.00 31.30 ? 229 HOH A O   1 
HETATM 1443 O  O   . HOH G 4 .   ? 3.024   13.081  4.362   1.00 29.44 ? 230 HOH A O   1 
HETATM 1444 O  O   . HOH G 4 .   ? -6.848  6.017   6.246   1.00 26.51 ? 231 HOH A O   1 
HETATM 1445 O  O   . HOH G 4 .   ? -1.461  7.396   7.147   1.00 30.48 ? 232 HOH A O   1 
HETATM 1446 O  O   . HOH G 4 .   ? -5.494  1.631   7.518   1.00 23.51 ? 233 HOH A O   1 
HETATM 1447 O  O   . HOH G 4 .   ? -8.666  -1.332  -13.313 1.00 27.30 ? 234 HOH A O   1 
HETATM 1448 O  O   . HOH G 4 .   ? 4.044   -9.310  7.241   1.00 32.33 ? 235 HOH A O   1 
HETATM 1449 O  O   . HOH G 4 .   ? -5.806  9.841   -15.120 1.00 28.06 ? 236 HOH A O   1 
HETATM 1450 O  O   . HOH G 4 .   ? 5.489   -0.154  -9.565  1.00 34.88 ? 237 HOH A O   1 
HETATM 1451 O  O   . HOH G 4 .   ? 8.427   14.781  17.495  1.00 23.03 ? 238 HOH A O   1 
HETATM 1452 O  O   . HOH G 4 .   ? 15.450  5.271   18.792  1.00 28.98 ? 239 HOH A O   1 
HETATM 1453 O  O   . HOH G 4 .   ? 21.523  -5.414  8.793   1.00 46.82 ? 240 HOH A O   1 
HETATM 1454 O  O   . HOH G 4 .   ? 1.496   11.337  -1.000  1.00 35.01 ? 241 HOH A O   1 
HETATM 1455 O  O   . HOH G 4 .   ? -16.451 -3.046  7.901   1.00 33.77 ? 242 HOH A O   1 
HETATM 1456 O  O   . HOH G 4 .   ? -19.367 3.717   -2.607  1.00 29.09 ? 243 HOH A O   1 
HETATM 1457 O  O   . HOH G 4 .   ? -8.188  11.416  4.430   1.00 34.38 ? 244 HOH A O   1 
HETATM 1458 O  O   . HOH G 4 .   ? -10.737 -2.375  1.004   1.00 30.83 ? 245 HOH A O   1 
HETATM 1459 O  O   . HOH G 4 .   ? -17.376 1.144   7.032   1.00 34.77 ? 246 HOH A O   1 
HETATM 1460 O  O   . HOH G 4 .   ? -16.699 -1.494  -13.471 1.00 35.17 ? 248 HOH A O   1 
HETATM 1461 O  O   . HOH G 4 .   ? -8.598  -11.714 -9.143  1.00 35.99 ? 249 HOH A O   1 
HETATM 1462 O  O   . HOH G 4 .   ? -2.153  -3.302  17.220  1.00 30.37 ? 250 HOH A O   1 
HETATM 1463 O  O   . HOH G 4 .   ? 20.078  -9.685  6.098   1.00 38.36 ? 251 HOH A O   1 
HETATM 1464 O  O   . HOH G 4 .   ? -0.434  -1.163  17.286  1.00 30.12 ? 252 HOH A O   1 
HETATM 1465 O  O   . HOH G 4 .   ? 1.703   -0.893  -14.311 1.00 34.88 ? 253 HOH A O   1 
HETATM 1466 O  O   . HOH G 4 .   ? 4.926   -1.258  16.699  1.00 30.71 ? 254 HOH A O   1 
HETATM 1467 O  O   . HOH G 4 .   ? 0.040   12.026  6.522   1.00 34.17 ? 256 HOH A O   1 
HETATM 1468 O  O   . HOH G 4 .   ? 18.754  7.757   8.265   1.00 28.27 ? 257 HOH A O   1 
HETATM 1469 O  O   . HOH G 4 .   ? -9.196  13.848  -2.408  1.00 30.28 ? 258 HOH A O   1 
HETATM 1470 O  O   . HOH G 4 .   ? -18.676 -4.579  2.186   1.00 32.96 ? 259 HOH A O   1 
HETATM 1471 O  O   . HOH G 4 .   ? -12.076 -13.207 -2.162  1.00 33.58 ? 260 HOH A O   1 
HETATM 1472 O  O   . HOH G 4 .   ? 4.349   15.313  7.201   1.00 35.35 ? 261 HOH A O   1 
HETATM 1473 O  O   . HOH G 4 .   ? 0.470   12.281  15.762  1.00 34.31 ? 262 HOH A O   1 
HETATM 1474 O  O   . HOH G 4 .   ? 5.922   2.691   -0.068  1.00 26.17 ? 264 HOH A O   1 
HETATM 1475 O  O   . HOH G 4 .   ? 2.365   10.283  -15.671 1.00 32.27 ? 265 HOH A O   1 
HETATM 1476 O  O   . HOH G 4 .   ? 6.971   -13.784 -16.120 1.00 35.56 ? 266 HOH A O   1 
HETATM 1477 O  O   . HOH G 4 .   ? -0.149  1.270   -13.861 1.00 34.93 ? 267 HOH A O   1 
HETATM 1478 O  O   . HOH G 4 .   ? -5.387  -12.442 8.499   1.00 32.52 ? 268 HOH A O   1 
HETATM 1479 O  O   . HOH G 4 .   ? 0.417   -16.149 -1.965  1.00 42.30 ? 269 HOH A O   1 
HETATM 1480 O  O   . HOH G 4 .   ? -2.384  9.663   13.672  1.00 37.88 ? 270 HOH A O   1 
HETATM 1481 O  O   . HOH G 4 .   ? -14.348 0.849   -16.410 1.00 39.89 ? 271 HOH A O   1 
HETATM 1482 O  O   . HOH G 4 .   ? -9.479  5.809   6.426   1.00 28.82 ? 272 HOH A O   1 
HETATM 1483 O  O   . HOH G 4 .   ? -8.502  8.914   6.325   1.00 42.44 ? 273 HOH A O   1 
HETATM 1484 O  O   . HOH G 4 .   ? 5.012   -8.857  9.924   1.00 37.93 ? 274 HOH A O   1 
HETATM 1485 O  O   . HOH G 4 .   ? -3.452  6.403   14.787  1.00 33.99 ? 275 HOH A O   1 
HETATM 1486 O  O   . HOH G 4 .   ? 1.578   16.854  -5.659  1.00 34.44 ? 276 HOH A O   1 
HETATM 1487 O  O   . HOH G 4 .   ? -6.190  -1.799  -11.684 1.00 29.36 ? 277 HOH A O   1 
HETATM 1488 O  O   . HOH G 4 .   ? 15.283  -2.778  5.553   1.00 34.65 ? 278 HOH A O   1 
HETATM 1489 O  O   . HOH G 4 .   ? -12.780 12.018  0.131   1.00 37.90 ? 279 HOH A O   1 
HETATM 1490 O  O   . HOH G 4 .   ? -15.001 -11.840 3.886   1.00 38.62 ? 280 HOH A O   1 
HETATM 1491 O  O   . HOH G 4 .   ? -0.255  -13.585 9.242   1.00 36.11 ? 281 HOH A O   1 
HETATM 1492 O  O   . HOH G 4 .   ? -14.971 -4.950  -9.818  1.00 35.51 ? 282 HOH A O   1 
HETATM 1493 O  O   . HOH G 4 .   ? 22.206  -11.777 16.704  1.00 44.71 ? 283 HOH A O   1 
HETATM 1494 O  O   . HOH G 4 .   ? -2.324  -13.173 17.781  1.00 85.49 ? 284 HOH A O   1 
HETATM 1495 O  O   . HOH G 4 .   ? 14.587  -8.187  1.300   1.00 35.34 ? 285 HOH A O   1 
HETATM 1496 O  O   . HOH G 4 .   ? 0.891   7.264   6.141   1.00 30.97 ? 286 HOH A O   1 
HETATM 1497 O  O   . HOH G 4 .   ? -21.759 -0.894  -7.790  1.00 46.75 ? 287 HOH A O   1 
HETATM 1498 O  O   . HOH G 4 .   ? 3.364   16.962  10.050  1.00 48.51 ? 288 HOH A O   1 
HETATM 1499 O  O   . HOH G 4 .   ? 10.908  -9.451  11.721  1.00 46.23 ? 289 HOH A O   1 
HETATM 1500 O  O   . HOH G 4 .   ? 14.785  13.827  17.585  1.00 39.81 ? 290 HOH A O   1 
HETATM 1501 O  O   . HOH G 4 .   ? 12.137  -9.751  -17.503 1.00 40.91 ? 291 HOH A O   1 
HETATM 1502 O  O   . HOH G 4 .   ? 16.429  -1.192  3.855   1.00 44.53 ? 292 HOH A O   1 
HETATM 1503 O  O   . HOH G 4 .   ? -18.428 4.430   -19.997 1.00 39.40 ? 293 HOH A O   1 
HETATM 1504 O  O   . HOH G 4 .   ? 19.407  -0.557  16.572  1.00 33.96 ? 294 HOH A O   1 
HETATM 1505 O  O   . HOH G 4 .   ? 5.108   13.074  -10.458 1.00 39.16 ? 295 HOH A O   1 
HETATM 1506 O  O   . HOH G 4 .   ? -12.905 15.245  -3.737  1.00 44.21 ? 297 HOH A O   1 
HETATM 1507 O  O   . HOH G 4 .   ? -5.675  20.804  -8.503  1.00 45.93 ? 298 HOH A O   1 
HETATM 1508 O  O   . HOH G 4 .   ? -8.428  1.008   -14.137 1.00 44.82 ? 299 HOH A O   1 
HETATM 1509 O  O   . HOH G 4 .   ? -19.003 11.764  -6.862  1.00 38.94 ? 300 HOH A O   1 
HETATM 1510 O  O   . HOH G 4 .   ? 10.840  6.039   -9.640  1.00 72.62 ? 301 HOH A O   1 
HETATM 1511 O  O   . HOH G 4 .   ? 12.190  13.897  -8.910  1.00 66.65 ? 302 HOH A O   1 
HETATM 1512 O  O   . HOH G 4 .   ? 7.110   10.937  -2.592  1.00 46.54 ? 303 HOH A O   1 
HETATM 1513 O  O   . HOH G 4 .   ? 11.035  0.960   -6.182  1.00 52.54 ? 304 HOH A O   1 
HETATM 1514 O  O   . HOH G 4 .   ? 1.236   10.852  -3.619  1.00 43.67 ? 305 HOH A O   1 
HETATM 1515 O  O   . HOH G 4 .   ? 16.038  -12.994 5.794   1.00 45.52 ? 306 HOH A O   1 
HETATM 1516 O  O   . HOH G 4 .   ? 2.915   13.123  -6.753  1.00 42.46 ? 307 HOH A O   1 
HETATM 1517 O  O   . HOH G 4 .   ? -5.044  -1.286  -15.963 1.00 42.83 ? 308 HOH A O   1 
HETATM 1518 O  O   . HOH G 4 .   ? 1.218   15.064  -7.871  1.00 32.04 ? 309 HOH A O   1 
HETATM 1519 O  O   . HOH G 4 .   ? -2.499  0.328   -17.460 1.00 49.18 ? 310 HOH A O   1 
HETATM 1520 O  O   . HOH G 4 .   ? 4.206   10.493  -7.733  1.00 45.44 ? 311 HOH A O   1 
HETATM 1521 O  O   . HOH G 4 .   ? -13.319 2.627   7.372   1.00 45.98 ? 312 HOH A O   1 
HETATM 1522 O  O   . HOH G 4 .   ? -18.408 1.460   -20.087 1.00 39.70 ? 313 HOH A O   1 
HETATM 1523 O  O   . HOH G 4 .   ? 3.776   -5.641  -14.287 1.00 51.78 ? 315 HOH A O   1 
HETATM 1524 O  O   . HOH G 4 .   ? 8.840   8.653   5.542   1.00 31.84 ? 316 HOH A O   1 
HETATM 1525 O  O   . HOH G 4 .   ? 2.249   -19.725 -0.608  1.00 50.42 ? 317 HOH A O   1 
HETATM 1526 O  O   . HOH G 4 .   ? -11.879 0.876   11.867  1.00 38.75 ? 318 HOH A O   1 
HETATM 1527 O  O   . HOH G 4 .   ? 10.640  3.925   5.128   1.00 38.78 ? 319 HOH A O   1 
HETATM 1528 O  O   . HOH G 4 .   ? -14.675 10.202  0.512   1.00 37.69 ? 320 HOH A O   1 
HETATM 1529 O  O   . HOH G 4 .   ? -5.925  9.337   9.362   1.00 43.01 ? 322 HOH A O   1 
HETATM 1530 O  O   . HOH G 4 .   ? 0.358   -13.605 -2.014  1.00 43.33 ? 323 HOH A O   1 
HETATM 1531 O  O   . HOH G 4 .   ? 17.549  3.717   6.917   1.00 46.44 ? 324 HOH A O   1 
HETATM 1532 O  O   . HOH G 4 .   ? 7.000   10.094  -12.020 1.00 53.58 ? 326 HOH A O   1 
HETATM 1533 O  O   . HOH G 4 .   ? -10.988 -11.329 -7.981  1.00 36.19 ? 327 HOH A O   1 
HETATM 1534 O  O   . HOH G 4 .   ? 2.304   13.866  -0.422  1.00 36.96 ? 328 HOH A O   1 
HETATM 1535 O  O   . HOH G 4 .   ? -4.415  -14.404 -8.449  1.00 51.80 ? 329 HOH A O   1 
HETATM 1536 O  O   . HOH G 4 .   ? -10.953 -15.207 -3.984  1.00 50.42 ? 330 HOH A O   1 
HETATM 1537 O  O   . HOH G 4 .   ? -14.105 -5.986  8.543   1.00 35.00 ? 331 HOH A O   1 
HETATM 1538 O  O   . HOH G 4 .   ? 1.416   14.302  2.300   1.00 37.16 ? 333 HOH A O   1 
HETATM 1539 O  O   . HOH G 4 .   ? -7.542  16.823  1.364   1.00 46.18 ? 334 HOH A O   1 
HETATM 1540 O  O   . HOH G 4 .   ? 13.843  2.385   4.361   1.00 37.51 ? 335 HOH A O   1 
HETATM 1541 O  O   . HOH G 4 .   ? 13.873  -11.093 -6.001  1.00 38.35 ? 336 HOH A O   1 
HETATM 1542 O  O   . HOH G 4 .   ? -7.892  14.910  -19.666 1.00 52.63 ? 337 HOH A O   1 
HETATM 1543 O  O   . HOH G 4 .   ? -9.339  -5.582  13.278  1.00 43.10 ? 338 HOH A O   1 
HETATM 1544 O  O   . HOH G 4 .   ? -15.562 -3.822  -12.982 1.00 49.61 ? 339 HOH A O   1 
HETATM 1545 O  O   . HOH G 4 .   ? -6.853  -5.064  14.646  1.00 44.72 ? 340 HOH A O   1 
HETATM 1546 O  O   . HOH G 4 .   ? 1.971   -0.450  -17.408 1.00 41.94 ? 341 HOH A O   1 
HETATM 1547 O  O   . HOH G 4 .   ? -11.981 16.695  -6.756  1.00 64.28 ? 342 HOH A O   1 
HETATM 1548 O  O   . HOH G 4 .   ? 15.175  -9.221  -7.036  1.00 62.08 ? 344 HOH A O   1 
HETATM 1549 O  O   . HOH G 4 .   ? -19.274 1.748   -0.794  1.00 53.60 ? 345 HOH A O   1 
HETATM 1550 O  O   . HOH G 4 .   ? 11.346  -14.367 -9.180  1.00 77.09 ? 346 HOH A O   1 
HETATM 1551 O  O   . HOH G 4 .   ? 11.081  -2.656  -1.218  1.00 57.74 ? 347 HOH A O   1 
HETATM 1552 O  O   . HOH G 4 .   ? -6.724  0.978   -16.635 1.00 35.81 ? 348 HOH A O   1 
HETATM 1553 O  O   . HOH G 4 .   ? -0.191  9.733   12.345  1.00 36.38 ? 349 HOH A O   1 
HETATM 1554 O  O   . HOH G 4 .   ? -1.204  9.870   9.549   1.00 34.51 ? 350 HOH A O   1 
HETATM 1555 O  O   . HOH G 4 .   ? 2.810   11.540  14.858  1.00 24.53 ? 351 HOH A O   1 
HETATM 1556 O  O   . HOH G 4 .   ? -2.402  0.351   17.778  1.00 74.24 ? 352 HOH A O   1 
HETATM 1557 O  O   . HOH G 4 .   ? 9.265   -11.091 5.207   1.00 40.58 ? 353 HOH A O   1 
HETATM 1558 O  O   . HOH G 4 .   ? 7.836   -13.656 6.097   1.00 37.06 ? 354 HOH A O   1 
HETATM 1559 O  O   . HOH G 4 .   ? -7.388  -13.442 6.997   1.00 31.83 ? 355 HOH A O   1 
HETATM 1560 O  O   . HOH G 4 .   ? -2.479  -13.947 7.616   1.00 39.58 ? 356 HOH A O   1 
HETATM 1561 O  O   . HOH G 4 .   ? -3.845  -15.336 4.254   1.00 46.19 ? 357 HOH A O   1 
HETATM 1562 O  O   . HOH G 4 .   ? -16.528 -8.354  -5.706  1.00 40.50 ? 358 HOH A O   1 
HETATM 1563 O  O   . HOH G 4 .   ? -15.811 -5.238  -5.640  1.00 31.65 ? 359 HOH A O   1 
HETATM 1564 O  O   . HOH G 4 .   ? -16.756 -7.716  -9.286  1.00 46.96 ? 360 HOH A O   1 
# 
